data_5CA1
#
_entry.id   5CA1
#
_cell.length_a   105.440
_cell.length_b   158.362
_cell.length_c   180.692
_cell.angle_alpha   90.00
_cell.angle_beta   90.00
_cell.angle_gamma   90.00
#
_symmetry.space_group_name_H-M   'P 21 21 21'
#
loop_
_entity.id
_entity.type
_entity.pdbx_description
1 polymer 'Tubulin alpha'
2 polymer 'Tubulin beta-2 chain'
3 polymer Stathmin-4
4 polymer 'Uncharacterized protein'
5 non-polymer "GUANOSINE-5'-TRIPHOSPHATE"
6 non-polymer 'MAGNESIUM ION'
7 non-polymer 'CALCIUM ION'
8 non-polymer GLYCEROL
9 non-polymer "GUANOSINE-5'-DIPHOSPHATE"
10 non-polymer '2-(N-MORPHOLINO)-ETHANESULFONIC ACID'
11 non-polymer nocodazole
12 non-polymer 'PHOSPHOMETHYLPHOSPHONIC ACID ADENYLATE ESTER'
13 water water
#
loop_
_entity_poly.entity_id
_entity_poly.type
_entity_poly.pdbx_seq_one_letter_code
_entity_poly.pdbx_strand_id
1 'polypeptide(L)'
;MRECISIHVGQAGVQIGNACWELYCLEHGIQPDGQMPSDKTIGGGDDSFNTFFSETGAGKHVPRAVFVDLEPTVIDEVRT
GTYRQLFHPEQLITGKEDAANNYARGHYTIGKEIIDLVLDRIRKLADQCTGLQGFLVFHSFGGGTGSGFTSLLMERLSVD
YGKKSKLEFSIYPAPQVSTAVVEPYNSILTTHTTLEHSDCAFMVDNEAIYDICRRNLDIERPTYTNLNRLISQIVSSITA
SLRFDGALNVDLTEFQTNLVPYPRIHFPLATYAPVISAEKAYHEQLSVAEITNACFEPANQMVKCDPRHGKYMACCLLYR
GDVVPKDVNAAIATIKTKRSIQFVDWCPTGFKVGINYQPPTVVPGGDLAKVQRAVCMLSNTTAIAEAWARLDHKFDLMYA
KRAFVHWYVGEGMEEGEFSEAREDMAALEKDYEEVGVDSVEGEGEEEGEE
;
A,C
2 'polypeptide(L)'
;MREIVHIQAGQCGNQIGAKFWEVISDEHGIDPTGSYHGDSDLQLERINVYYNEATGNKYVPRAILVDLEPGTMDSVRSGP
FGQIFRPDNFVFGQSGAGNNWAKGHYTEGAELVDSVLDVVRKESESCDCLQGFQLTHSLGGGTGSGMGTLLISKIREEYP
DRIMNTFSVMPSPKVSDTVVEPYNATLSVHQLVENTDETYCIDNEALYDICFRTLKLTTPTYGDLNHLVSATMSGVTTCL
RFPGQLNADLRKLAVNMVPFPRLHFFMPGFAPLTSRGSQQYRALTVPELTQQMFDSKNMMAACDPRHGRYLTVAAIFRGR
MSMKEVDEQMLNVQNKNSSYFVEWIPNNVKTAVCDIPPRGLKMSATFIGNSTAIQELFKRISEQFTAMFRRKAFLHWYTG
EGMDEMEFTEAESNMNDLVSEYQQYQDATADEQGEFEEEGEEDEA
;
B,D
3 'polypeptide(L)'
;MADMEVIELNKCTSGQSFEVILKPPSFDGVPEFNASLPRRRDPSLEEIQKKLEAAEERRKYQEAELLKHLAEKREHEREV
IQKAIEENNNFIKMAKEKLAQKMESNKENREAHLAAMLERLQEKDKHAEEVRKNKELKEEASR
;
E
4 'polypeptide(L)'
;MYTFVVRDENSSVYAEVSRLLLATGQWKRLRKDNPRFNLMLGERNRLPFGRLGHEPGLVQLVNYYRGADKLCRKASLVKL
IKTSPELSESCTWFPESYVIYPTNLKTPVAPAQNGIRHLINNTRTDEREVFLAAYNRRREGREGNVWIAKSSAGAKGEGI
LISSEASELLDFIDEQGQVHVIQKYLEKPLLLEPGHRKFDIRSWVLVDHLYNIYLYREGVLRTSSEPYNSANFQDKTCHL
TNHCIQKEYSKNYGRYEEGNEMFFEEFNQYLMDALNTTLENSILLQIKHIIRSCLMCIEPAISTKHLHYQSFQLFGFDFM
VDEELKVWLIEVNGAPACAQKLYAELCQGIVDVAISSVFPLADTGQKTSQPTSIFIKLHHHHHH
;
F
#
# COMPACT_ATOMS: atom_id res chain seq x y z
N MET A 1 -51.61 11.27 51.20
CA MET A 1 -50.98 10.91 49.94
C MET A 1 -49.47 11.12 49.97
N ARG A 2 -48.73 10.18 49.38
CA ARG A 2 -47.28 10.28 49.29
C ARG A 2 -46.84 10.20 47.83
N GLU A 3 -45.96 11.11 47.43
CA GLU A 3 -45.61 11.28 46.02
C GLU A 3 -44.54 10.32 45.51
N CYS A 4 -44.57 10.06 44.20
CA CYS A 4 -43.57 9.23 43.53
C CYS A 4 -42.96 9.96 42.34
N ILE A 5 -41.63 10.00 42.29
CA ILE A 5 -40.92 10.66 41.19
C ILE A 5 -40.40 9.62 40.20
N SER A 6 -40.74 9.80 38.92
CA SER A 6 -40.28 8.90 37.86
C SER A 6 -39.03 9.43 37.18
N ILE A 7 -38.06 8.55 36.97
CA ILE A 7 -36.80 8.92 36.34
C ILE A 7 -36.53 8.03 35.12
N HIS A 8 -36.44 8.64 33.94
CA HIS A 8 -36.24 7.91 32.69
C HIS A 8 -34.85 8.18 32.11
N VAL A 9 -34.05 7.13 31.98
CA VAL A 9 -32.64 7.29 31.59
C VAL A 9 -32.28 6.59 30.29
N GLY A 10 -31.69 7.35 29.36
CA GLY A 10 -31.29 6.80 28.07
C GLY A 10 -32.45 6.65 27.12
N GLN A 11 -32.16 6.20 25.90
CA GLN A 11 -33.19 6.07 24.87
C GLN A 11 -34.36 5.18 25.31
N ALA A 12 -34.06 3.96 25.74
CA ALA A 12 -35.08 3.01 26.15
C ALA A 12 -35.96 3.58 27.28
N GLY A 13 -35.31 4.09 28.31
CA GLY A 13 -36.00 4.68 29.44
C GLY A 13 -36.93 5.83 29.07
N VAL A 14 -36.43 6.72 28.21
CA VAL A 14 -37.20 7.90 27.78
C VAL A 14 -38.44 7.52 26.97
N GLN A 15 -38.24 6.68 25.95
CA GLN A 15 -39.34 6.32 25.06
C GLN A 15 -40.41 5.49 25.76
N ILE A 16 -39.98 4.63 26.70
CA ILE A 16 -40.93 3.87 27.50
C ILE A 16 -41.63 4.80 28.47
N GLY A 17 -40.90 5.78 28.99
CA GLY A 17 -41.47 6.80 29.85
C GLY A 17 -42.58 7.55 29.14
N ASN A 18 -42.35 7.88 27.87
CA ASN A 18 -43.35 8.58 27.08
C ASN A 18 -44.61 7.76 26.87
N ALA A 19 -44.43 6.48 26.58
CA ALA A 19 -45.55 5.59 26.36
C ALA A 19 -46.39 5.46 27.63
N CYS A 20 -45.71 5.36 28.77
CA CYS A 20 -46.39 5.21 30.05
C CYS A 20 -47.16 6.47 30.44
N TRP A 21 -46.53 7.63 30.33
CA TRP A 21 -47.17 8.88 30.71
C TRP A 21 -48.35 9.19 29.77
N GLU A 22 -48.22 8.78 28.51
CA GLU A 22 -49.35 8.90 27.58
C GLU A 22 -50.52 8.08 28.10
N LEU A 23 -50.23 6.83 28.46
CA LEU A 23 -51.24 5.91 28.95
C LEU A 23 -51.86 6.40 30.26
N TYR A 24 -51.01 6.90 31.16
CA TYR A 24 -51.47 7.48 32.42
C TYR A 24 -52.50 8.58 32.20
N CYS A 25 -52.22 9.47 31.26
CA CYS A 25 -53.12 10.58 30.96
C CYS A 25 -54.49 10.09 30.49
N LEU A 26 -54.48 9.10 29.60
CA LEU A 26 -55.72 8.51 29.10
C LEU A 26 -56.52 7.85 30.22
N GLU A 27 -55.81 7.28 31.20
CA GLU A 27 -56.46 6.56 32.28
C GLU A 27 -57.08 7.49 33.32
N HIS A 28 -56.41 8.62 33.57
CA HIS A 28 -56.87 9.56 34.59
C HIS A 28 -57.70 10.70 33.99
N GLY A 29 -57.91 10.65 32.67
CA GLY A 29 -58.67 11.69 32.00
C GLY A 29 -57.92 13.01 31.92
N ILE A 30 -56.61 12.93 31.72
CA ILE A 30 -55.77 14.12 31.60
C ILE A 30 -55.44 14.39 30.13
N GLN A 31 -55.78 15.60 29.67
CA GLN A 31 -55.58 15.99 28.27
C GLN A 31 -54.13 16.37 28.01
N PRO A 32 -53.70 16.34 26.73
CA PRO A 32 -52.31 16.66 26.35
C PRO A 32 -51.82 18.00 26.88
N ASP A 33 -52.72 18.95 27.06
CA ASP A 33 -52.34 20.27 27.56
C ASP A 33 -52.27 20.32 29.09
N GLY A 34 -52.54 19.18 29.72
CA GLY A 34 -52.38 19.07 31.16
C GLY A 34 -53.66 19.28 31.97
N GLN A 35 -54.76 19.58 31.30
CA GLN A 35 -56.03 19.82 31.98
C GLN A 35 -56.74 18.51 32.33
N MET A 36 -57.38 18.48 33.48
CA MET A 36 -58.11 17.30 33.94
C MET A 36 -59.51 17.72 34.40
N PRO A 37 -60.48 17.76 33.47
CA PRO A 37 -61.85 18.26 33.66
C PRO A 37 -62.59 17.63 34.84
N SER A 38 -62.19 16.43 35.26
CA SER A 38 -62.86 15.74 36.35
C SER A 38 -62.26 16.07 37.72
N ASP A 39 -61.09 16.71 37.72
CA ASP A 39 -60.45 17.12 38.96
C ASP A 39 -61.09 18.41 39.46
N LYS A 40 -61.91 18.30 40.50
CA LYS A 40 -62.69 19.43 40.99
C LYS A 40 -61.90 20.29 41.98
N THR A 41 -60.82 19.74 42.53
CA THR A 41 -59.95 20.51 43.40
C THR A 41 -58.88 21.22 42.58
N ILE A 42 -59.23 22.39 42.03
CA ILE A 42 -58.31 23.17 41.22
C ILE A 42 -57.10 23.64 42.03
N GLY A 43 -55.91 23.49 41.46
CA GLY A 43 -54.71 24.07 42.05
C GLY A 43 -54.00 23.20 43.07
N GLY A 44 -54.54 22.02 43.33
CA GLY A 44 -53.92 21.10 44.28
C GLY A 44 -54.83 19.97 44.71
N GLY A 45 -54.46 19.32 45.82
CA GLY A 45 -55.22 18.19 46.32
C GLY A 45 -54.29 17.03 46.63
N ASP A 46 -54.82 16.02 47.32
CA ASP A 46 -54.02 14.85 47.64
C ASP A 46 -54.76 13.56 47.30
N ASP A 47 -55.37 13.53 46.12
CA ASP A 47 -55.96 12.31 45.58
C ASP A 47 -54.86 11.29 45.26
N SER A 48 -55.28 10.10 44.85
CA SER A 48 -54.33 9.03 44.54
C SER A 48 -53.51 9.31 43.28
N PHE A 49 -54.12 9.96 42.29
CA PHE A 49 -53.39 10.26 41.06
C PHE A 49 -52.32 11.32 41.31
N ASN A 50 -52.48 12.10 42.38
CA ASN A 50 -51.51 13.12 42.74
C ASN A 50 -50.15 12.55 43.15
N THR A 51 -50.10 11.23 43.31
CA THR A 51 -48.85 10.54 43.57
C THR A 51 -47.91 10.71 42.37
N PHE A 52 -48.50 10.79 41.18
CA PHE A 52 -47.74 10.86 39.95
C PHE A 52 -47.84 12.22 39.25
N PHE A 53 -48.87 13.00 39.60
CA PHE A 53 -49.05 14.32 39.02
C PHE A 53 -49.10 15.40 40.10
N SER A 54 -48.46 16.53 39.84
CA SER A 54 -48.67 17.72 40.66
C SER A 54 -49.54 18.68 39.88
N GLU A 55 -50.05 19.71 40.54
CA GLU A 55 -50.98 20.62 39.88
C GLU A 55 -50.52 22.06 39.95
N THR A 56 -50.80 22.82 38.89
CA THR A 56 -50.54 24.25 38.88
C THR A 56 -51.83 25.00 39.21
N GLY A 57 -51.70 26.23 39.67
CA GLY A 57 -52.85 27.07 39.97
C GLY A 57 -53.75 27.24 38.75
N ALA A 58 -53.15 27.14 37.57
CA ALA A 58 -53.89 27.26 36.32
C ALA A 58 -54.66 25.98 36.00
N GLY A 59 -54.44 24.94 36.80
CA GLY A 59 -55.19 23.71 36.66
C GLY A 59 -54.49 22.63 35.84
N LYS A 60 -53.24 22.89 35.48
CA LYS A 60 -52.46 21.92 34.71
C LYS A 60 -51.86 20.84 35.62
N HIS A 61 -52.01 19.59 35.20
CA HIS A 61 -51.42 18.47 35.94
C HIS A 61 -50.13 18.01 35.29
N VAL A 62 -49.02 18.13 36.01
CA VAL A 62 -47.73 17.80 35.43
C VAL A 62 -47.11 16.58 36.09
N PRO A 63 -46.55 15.67 35.27
CA PRO A 63 -45.87 14.46 35.74
C PRO A 63 -44.72 14.75 36.69
N ARG A 64 -44.67 14.03 37.81
CA ARG A 64 -43.50 14.08 38.67
C ARG A 64 -42.41 13.24 38.03
N ALA A 65 -41.85 13.75 36.94
CA ALA A 65 -40.94 12.98 36.12
C ALA A 65 -39.75 13.81 35.65
N VAL A 66 -38.61 13.15 35.51
CA VAL A 66 -37.43 13.77 34.94
C VAL A 66 -36.91 12.86 33.82
N PHE A 67 -36.59 13.47 32.68
CA PHE A 67 -36.03 12.73 31.55
C PHE A 67 -34.57 13.11 31.38
N VAL A 68 -33.70 12.11 31.25
CA VAL A 68 -32.28 12.37 31.10
C VAL A 68 -31.62 11.47 30.05
N ASP A 69 -31.01 12.10 29.06
CA ASP A 69 -30.25 11.37 28.04
C ASP A 69 -28.97 12.15 27.72
N LEU A 70 -27.91 11.43 27.38
CA LEU A 70 -26.62 12.06 27.12
C LEU A 70 -26.56 12.57 25.68
N GLU A 71 -27.68 12.46 24.99
CA GLU A 71 -27.81 12.86 23.60
C GLU A 71 -29.28 13.26 23.37
N PRO A 72 -29.49 14.34 22.60
CA PRO A 72 -30.79 15.01 22.55
C PRO A 72 -31.88 14.47 21.61
N THR A 73 -31.57 13.55 20.70
CA THR A 73 -32.54 13.17 19.66
C THR A 73 -33.88 12.68 20.23
N VAL A 74 -33.82 11.79 21.21
CA VAL A 74 -35.02 11.14 21.72
C VAL A 74 -35.83 12.06 22.62
N ILE A 75 -35.15 12.79 23.50
CA ILE A 75 -35.82 13.71 24.40
C ILE A 75 -36.39 14.91 23.62
N ASP A 76 -35.76 15.23 22.49
CA ASP A 76 -36.30 16.28 21.62
C ASP A 76 -37.65 15.88 21.05
N GLU A 77 -37.88 14.58 20.92
CA GLU A 77 -39.16 14.09 20.42
C GLU A 77 -40.23 14.17 21.51
N VAL A 78 -39.80 14.36 22.75
CA VAL A 78 -40.73 14.65 23.84
C VAL A 78 -41.05 16.14 23.82
N ARG A 79 -40.02 16.96 23.62
CA ARG A 79 -40.16 18.41 23.58
C ARG A 79 -41.13 18.89 22.52
N THR A 80 -41.27 18.10 21.45
CA THR A 80 -42.08 18.50 20.31
C THR A 80 -43.22 17.54 20.05
N GLY A 81 -43.34 16.52 20.91
CA GLY A 81 -44.37 15.51 20.75
C GLY A 81 -45.76 16.02 21.12
N THR A 82 -46.75 15.14 21.01
CA THR A 82 -48.13 15.52 21.28
C THR A 82 -48.35 15.91 22.74
N TYR A 83 -47.46 15.47 23.62
CA TYR A 83 -47.56 15.80 25.04
C TYR A 83 -46.47 16.76 25.48
N ARG A 84 -46.09 17.66 24.56
CA ARG A 84 -45.05 18.65 24.84
C ARG A 84 -45.44 19.61 25.98
N GLN A 85 -46.72 19.97 26.04
CA GLN A 85 -47.19 20.93 27.03
C GLN A 85 -47.25 20.32 28.43
N LEU A 86 -47.35 19.00 28.47
CA LEU A 86 -47.46 18.27 29.73
C LEU A 86 -46.26 18.52 30.64
N PHE A 87 -45.07 18.58 30.06
CA PHE A 87 -43.84 18.73 30.83
C PHE A 87 -43.29 20.15 30.79
N HIS A 88 -42.43 20.49 31.75
CA HIS A 88 -41.69 21.75 31.63
C HIS A 88 -40.21 21.50 31.35
N PRO A 89 -39.59 22.40 30.57
CA PRO A 89 -38.19 22.36 30.14
C PRO A 89 -37.22 21.79 31.18
N GLU A 90 -37.37 22.17 32.44
CA GLU A 90 -36.45 21.73 33.47
C GLU A 90 -36.62 20.24 33.84
N GLN A 91 -37.62 19.58 33.28
CA GLN A 91 -37.74 18.13 33.46
C GLN A 91 -36.94 17.36 32.41
N LEU A 92 -36.60 18.01 31.31
CA LEU A 92 -35.94 17.34 30.20
C LEU A 92 -34.47 17.74 30.12
N ILE A 93 -33.58 16.80 30.44
CA ILE A 93 -32.16 17.06 30.49
C ILE A 93 -31.40 16.28 29.43
N THR A 94 -30.74 16.99 28.53
CA THR A 94 -29.99 16.36 27.44
C THR A 94 -28.51 16.72 27.44
N GLY A 95 -27.68 15.77 27.01
CA GLY A 95 -26.26 16.01 26.84
C GLY A 95 -25.93 16.36 25.40
N LYS A 96 -24.64 16.26 25.04
CA LYS A 96 -24.20 16.61 23.70
C LYS A 96 -23.88 15.36 22.86
N GLU A 97 -23.08 14.45 23.42
CA GLU A 97 -22.81 13.18 22.77
C GLU A 97 -22.99 12.04 23.76
N ASP A 98 -23.46 10.90 23.28
CA ASP A 98 -23.89 9.83 24.17
C ASP A 98 -22.74 8.95 24.64
N ALA A 99 -23.09 7.87 25.33
CA ALA A 99 -22.09 7.00 25.94
C ALA A 99 -21.62 5.89 24.99
N ALA A 100 -22.14 5.90 23.76
CA ALA A 100 -21.72 4.98 22.71
C ALA A 100 -21.74 3.51 23.14
N ASN A 101 -22.80 3.09 23.83
CA ASN A 101 -22.95 1.71 24.30
C ASN A 101 -21.81 1.29 25.23
N ASN A 102 -21.20 2.28 25.89
CA ASN A 102 -20.06 2.05 26.77
C ASN A 102 -20.38 2.46 28.21
N TYR A 103 -20.60 1.47 29.06
CA TYR A 103 -20.89 1.70 30.47
C TYR A 103 -19.94 2.70 31.13
N ALA A 104 -18.64 2.47 30.94
CA ALA A 104 -17.61 3.33 31.53
C ALA A 104 -17.77 4.78 31.11
N ARG A 105 -18.23 4.99 29.89
CA ARG A 105 -18.47 6.33 29.37
C ARG A 105 -19.73 6.93 30.00
N GLY A 106 -20.71 6.09 30.26
CA GLY A 106 -21.95 6.52 30.89
C GLY A 106 -21.75 6.79 32.37
N HIS A 107 -20.98 5.94 33.02
CA HIS A 107 -20.78 6.04 34.46
C HIS A 107 -19.73 7.09 34.82
N TYR A 108 -18.51 6.89 34.33
CA TYR A 108 -17.37 7.72 34.75
C TYR A 108 -17.22 8.99 33.94
N THR A 109 -16.90 8.86 32.65
CA THR A 109 -16.53 10.01 31.83
C THR A 109 -17.61 11.07 31.72
N ILE A 110 -18.69 10.77 31.01
CA ILE A 110 -19.76 11.74 30.80
C ILE A 110 -20.64 11.90 32.05
N GLY A 111 -20.86 10.79 32.76
CA GLY A 111 -21.71 10.79 33.93
C GLY A 111 -21.28 11.77 35.01
N LYS A 112 -19.97 11.93 35.19
CA LYS A 112 -19.43 12.85 36.19
C LYS A 112 -19.74 14.31 35.88
N GLU A 113 -19.90 14.62 34.60
CA GLU A 113 -20.05 16.00 34.16
C GLU A 113 -21.50 16.48 34.26
N ILE A 114 -22.43 15.56 34.48
CA ILE A 114 -23.85 15.91 34.42
C ILE A 114 -24.65 15.42 35.63
N ILE A 115 -24.01 14.64 36.49
CA ILE A 115 -24.70 14.05 37.64
C ILE A 115 -25.26 15.10 38.60
N ASP A 116 -24.52 16.19 38.81
CA ASP A 116 -24.95 17.23 39.74
C ASP A 116 -26.15 17.99 39.19
N LEU A 117 -26.16 18.21 37.88
CA LEU A 117 -27.29 18.87 37.24
C LEU A 117 -28.58 18.06 37.38
N VAL A 118 -28.48 16.76 37.13
CA VAL A 118 -29.63 15.87 37.23
C VAL A 118 -30.20 15.86 38.64
N LEU A 119 -29.32 15.69 39.63
CA LEU A 119 -29.72 15.69 41.03
C LEU A 119 -30.39 17.01 41.44
N ASP A 120 -29.97 18.10 40.81
CA ASP A 120 -30.56 19.41 41.10
C ASP A 120 -31.99 19.49 40.56
N ARG A 121 -32.21 19.00 39.36
CA ARG A 121 -33.53 19.01 38.75
C ARG A 121 -34.46 18.03 39.46
N ILE A 122 -33.87 16.97 40.02
CA ILE A 122 -34.61 16.00 40.80
C ILE A 122 -34.99 16.61 42.15
N ARG A 123 -34.09 17.41 42.70
CA ARG A 123 -34.32 18.06 43.98
C ARG A 123 -35.49 19.03 43.90
N LYS A 124 -35.63 19.69 42.75
CA LYS A 124 -36.72 20.66 42.59
C LYS A 124 -38.08 19.97 42.55
N LEU A 125 -38.12 18.73 42.08
CA LEU A 125 -39.34 17.94 42.11
C LEU A 125 -39.64 17.47 43.52
N ALA A 126 -38.59 17.05 44.23
CA ALA A 126 -38.73 16.57 45.60
C ALA A 126 -39.15 17.68 46.56
N ASP A 127 -38.81 18.92 46.22
CA ASP A 127 -39.16 20.06 47.07
C ASP A 127 -40.66 20.33 47.08
N GLN A 128 -41.33 19.96 45.98
CA GLN A 128 -42.78 20.11 45.89
C GLN A 128 -43.50 18.89 46.44
N CYS A 129 -42.75 18.00 47.08
CA CYS A 129 -43.33 16.80 47.66
C CYS A 129 -43.46 16.93 49.18
N THR A 130 -44.68 16.79 49.67
CA THR A 130 -44.96 16.87 51.10
C THR A 130 -44.47 15.62 51.82
N GLY A 131 -44.49 14.49 51.11
CA GLY A 131 -44.03 13.22 51.66
C GLY A 131 -43.62 12.27 50.56
N LEU A 132 -42.34 12.33 50.18
CA LEU A 132 -41.84 11.54 49.06
C LEU A 132 -41.60 10.08 49.43
N GLN A 133 -42.22 9.17 48.66
CA GLN A 133 -41.99 7.73 48.82
C GLN A 133 -40.61 7.33 48.33
N GLY A 134 -40.31 7.76 47.11
CA GLY A 134 -39.09 7.36 46.44
C GLY A 134 -39.22 7.46 44.94
N PHE A 135 -38.52 6.58 44.23
CA PHE A 135 -38.35 6.74 42.80
C PHE A 135 -38.66 5.50 41.98
N LEU A 136 -39.21 5.71 40.79
CA LEU A 136 -39.34 4.66 39.79
C LEU A 136 -38.37 4.98 38.66
N VAL A 137 -37.43 4.07 38.40
CA VAL A 137 -36.36 4.33 37.46
C VAL A 137 -36.41 3.43 36.22
N PHE A 138 -36.57 4.05 35.06
CA PHE A 138 -36.67 3.35 33.78
C PHE A 138 -35.39 3.45 32.97
N HIS A 139 -34.90 2.33 32.44
CA HIS A 139 -33.66 2.30 31.68
C HIS A 139 -33.41 0.94 31.01
N SER A 140 -32.52 0.92 30.03
CA SER A 140 -32.07 -0.33 29.43
C SER A 140 -30.82 -0.84 30.15
N PHE A 141 -30.57 -2.15 30.04
CA PHE A 141 -29.33 -2.73 30.50
C PHE A 141 -28.21 -2.45 29.51
N GLY A 142 -28.57 -2.46 28.22
CA GLY A 142 -27.59 -2.48 27.14
C GLY A 142 -26.94 -1.15 26.78
N GLY A 143 -27.69 -0.06 26.90
CA GLY A 143 -27.16 1.25 26.58
C GLY A 143 -26.06 1.70 27.52
N GLY A 144 -25.19 2.58 27.03
CA GLY A 144 -24.10 3.12 27.84
C GLY A 144 -24.64 4.11 28.85
N THR A 145 -25.68 4.84 28.47
CA THR A 145 -26.36 5.75 29.38
C THR A 145 -27.25 4.94 30.32
N GLY A 146 -28.09 4.08 29.72
CA GLY A 146 -29.01 3.25 30.47
C GLY A 146 -28.34 2.42 31.55
N SER A 147 -27.16 1.91 31.26
CA SER A 147 -26.44 1.11 32.25
C SER A 147 -25.53 1.98 33.10
N GLY A 148 -24.71 2.81 32.45
CA GLY A 148 -23.65 3.56 33.11
C GLY A 148 -24.11 4.68 34.01
N PHE A 149 -24.89 5.60 33.45
CA PHE A 149 -25.36 6.75 34.21
C PHE A 149 -26.39 6.35 35.27
N THR A 150 -27.20 5.34 34.98
CA THR A 150 -28.24 4.90 35.91
C THR A 150 -27.65 4.38 37.21
N SER A 151 -26.63 3.54 37.11
CA SER A 151 -25.99 2.98 38.30
C SER A 151 -25.36 4.08 39.15
N LEU A 152 -24.83 5.11 38.50
CA LEU A 152 -24.27 6.24 39.23
C LEU A 152 -25.38 7.06 39.89
N LEU A 153 -26.47 7.26 39.18
CA LEU A 153 -27.62 7.97 39.71
C LEU A 153 -28.18 7.26 40.93
N MET A 154 -28.33 5.95 40.83
CA MET A 154 -28.86 5.14 41.92
C MET A 154 -28.00 5.24 43.18
N GLU A 155 -26.68 5.27 43.00
CA GLU A 155 -25.75 5.41 44.12
C GLU A 155 -25.98 6.73 44.86
N ARG A 156 -26.09 7.82 44.09
CA ARG A 156 -26.25 9.14 44.67
C ARG A 156 -27.64 9.33 45.29
N LEU A 157 -28.64 8.67 44.73
CA LEU A 157 -30.00 8.76 45.28
C LEU A 157 -30.05 8.09 46.65
N SER A 158 -29.26 7.03 46.83
CA SER A 158 -29.15 6.37 48.12
C SER A 158 -28.46 7.27 49.14
N VAL A 159 -27.69 8.23 48.64
CA VAL A 159 -27.01 9.18 49.50
C VAL A 159 -27.92 10.36 49.84
N ASP A 160 -28.49 10.99 48.80
CA ASP A 160 -29.31 12.17 48.97
C ASP A 160 -30.72 11.86 49.48
N TYR A 161 -31.13 10.60 49.35
CA TYR A 161 -32.47 10.18 49.77
C TYR A 161 -32.42 8.81 50.44
N GLY A 162 -31.65 8.70 51.51
CA GLY A 162 -31.35 7.43 52.15
C GLY A 162 -32.49 6.48 52.49
N LYS A 163 -33.60 7.01 52.99
CA LYS A 163 -34.68 6.14 53.45
C LYS A 163 -35.81 6.00 52.43
N LYS A 164 -35.64 6.63 51.28
CA LYS A 164 -36.62 6.51 50.19
C LYS A 164 -36.40 5.20 49.43
N SER A 165 -37.51 4.62 48.94
CA SER A 165 -37.43 3.38 48.17
C SER A 165 -37.18 3.65 46.69
N LYS A 166 -36.45 2.74 46.05
CA LYS A 166 -36.17 2.87 44.62
C LYS A 166 -36.54 1.60 43.86
N LEU A 167 -37.41 1.76 42.87
CA LEU A 167 -37.83 0.65 42.02
C LEU A 167 -37.32 0.80 40.59
N GLU A 168 -36.96 -0.30 39.96
CA GLU A 168 -36.47 -0.28 38.59
C GLU A 168 -37.42 -0.94 37.61
N PHE A 169 -37.52 -0.35 36.43
CA PHE A 169 -38.03 -1.04 35.25
C PHE A 169 -36.90 -1.12 34.24
N SER A 170 -36.40 -2.33 34.01
CA SER A 170 -35.16 -2.53 33.29
C SER A 170 -35.37 -3.35 32.02
N ILE A 171 -34.90 -2.82 30.89
CA ILE A 171 -34.99 -3.54 29.63
C ILE A 171 -33.78 -4.44 29.41
N TYR A 172 -34.03 -5.74 29.46
CA TYR A 172 -33.01 -6.78 29.27
C TYR A 172 -32.72 -6.93 27.77
N PRO A 173 -31.43 -7.02 27.41
CA PRO A 173 -30.97 -6.97 26.01
C PRO A 173 -31.34 -8.19 25.16
N ALA A 174 -31.87 -7.92 23.98
CA ALA A 174 -32.22 -8.97 23.02
C ALA A 174 -31.65 -8.67 21.64
N PRO A 175 -30.86 -9.61 21.10
CA PRO A 175 -30.21 -9.51 19.78
C PRO A 175 -31.16 -9.22 18.62
N GLN A 176 -32.42 -9.65 18.72
CA GLN A 176 -33.39 -9.44 17.65
C GLN A 176 -33.62 -7.97 17.34
N VAL A 177 -33.59 -7.13 18.37
CA VAL A 177 -33.86 -5.71 18.16
C VAL A 177 -32.70 -4.82 18.59
N SER A 178 -31.50 -5.39 18.63
CA SER A 178 -30.32 -4.61 19.01
C SER A 178 -29.18 -4.77 18.00
N THR A 179 -28.50 -3.67 17.72
CA THR A 179 -27.32 -3.70 16.86
C THR A 179 -26.04 -3.58 17.67
N ALA A 180 -26.14 -3.75 18.99
CA ALA A 180 -24.96 -3.70 19.85
C ALA A 180 -24.45 -5.11 20.10
N VAL A 181 -23.20 -5.22 20.55
CA VAL A 181 -22.62 -6.51 20.82
C VAL A 181 -22.01 -6.55 22.23
N VAL A 182 -21.86 -5.38 22.84
CA VAL A 182 -21.23 -5.27 24.16
C VAL A 182 -22.23 -5.21 25.33
N GLU A 183 -23.52 -5.35 25.03
CA GLU A 183 -24.55 -5.30 26.07
C GLU A 183 -24.42 -6.29 27.23
N PRO A 184 -23.87 -7.49 26.99
CA PRO A 184 -23.63 -8.35 28.17
C PRO A 184 -22.68 -7.73 29.20
N TYR A 185 -21.69 -6.98 28.74
CA TYR A 185 -20.80 -6.26 29.64
C TYR A 185 -21.56 -5.23 30.46
N ASN A 186 -22.24 -4.32 29.75
CA ASN A 186 -22.98 -3.24 30.39
C ASN A 186 -24.02 -3.73 31.39
N SER A 187 -24.68 -4.84 31.06
CA SER A 187 -25.72 -5.38 31.92
C SER A 187 -25.15 -5.86 33.25
N ILE A 188 -24.09 -6.65 33.18
CA ILE A 188 -23.45 -7.19 34.37
C ILE A 188 -22.85 -6.07 35.21
N LEU A 189 -22.26 -5.08 34.53
CA LEU A 189 -21.66 -3.95 35.22
C LEU A 189 -22.70 -3.10 35.97
N THR A 190 -23.84 -2.85 35.32
CA THR A 190 -24.84 -2.00 35.93
C THR A 190 -25.65 -2.75 36.99
N THR A 191 -25.76 -4.06 36.85
CA THR A 191 -26.49 -4.87 37.83
C THR A 191 -25.69 -4.98 39.13
N HIS A 192 -24.37 -5.13 38.99
CA HIS A 192 -23.48 -5.26 40.13
C HIS A 192 -23.44 -3.99 40.99
N THR A 193 -23.40 -2.83 40.33
CA THR A 193 -23.29 -1.55 41.01
C THR A 193 -24.64 -1.08 41.58
N THR A 194 -25.73 -1.52 40.96
CA THR A 194 -27.07 -1.05 41.34
C THR A 194 -27.74 -1.97 42.35
N LEU A 195 -27.27 -3.21 42.44
CA LEU A 195 -27.94 -4.26 43.20
C LEU A 195 -28.32 -3.86 44.63
N GLU A 196 -27.38 -3.26 45.36
CA GLU A 196 -27.62 -2.86 46.74
C GLU A 196 -28.47 -1.59 46.85
N HIS A 197 -28.65 -0.90 45.72
CA HIS A 197 -29.36 0.38 45.73
C HIS A 197 -30.79 0.25 45.21
N SER A 198 -31.17 -0.95 44.79
CA SER A 198 -32.51 -1.15 44.27
C SER A 198 -33.30 -2.09 45.17
N ASP A 199 -34.53 -1.70 45.49
CA ASP A 199 -35.38 -2.50 46.38
C ASP A 199 -36.21 -3.51 45.61
N CYS A 200 -36.56 -3.15 44.38
CA CYS A 200 -37.38 -4.03 43.54
C CYS A 200 -37.19 -3.67 42.07
N ALA A 201 -36.92 -4.67 41.25
CA ALA A 201 -36.63 -4.41 39.84
C ALA A 201 -37.41 -5.33 38.93
N PHE A 202 -38.17 -4.74 38.02
CA PHE A 202 -38.93 -5.50 37.05
C PHE A 202 -38.17 -5.56 35.73
N MET A 203 -37.64 -6.74 35.40
CA MET A 203 -36.93 -6.93 34.14
C MET A 203 -37.89 -7.23 33.00
N VAL A 204 -37.67 -6.56 31.88
CA VAL A 204 -38.43 -6.84 30.67
C VAL A 204 -37.46 -7.22 29.56
N ASP A 205 -37.52 -8.48 29.13
CA ASP A 205 -36.68 -8.97 28.04
C ASP A 205 -37.33 -8.60 26.70
N ASN A 206 -36.62 -7.83 25.89
CA ASN A 206 -37.13 -7.43 24.58
C ASN A 206 -37.46 -8.64 23.70
N GLU A 207 -36.79 -9.75 23.93
CA GLU A 207 -37.08 -10.99 23.21
C GLU A 207 -38.52 -11.43 23.46
N ALA A 208 -38.93 -11.43 24.72
CA ALA A 208 -40.28 -11.85 25.10
C ALA A 208 -41.34 -10.91 24.54
N ILE A 209 -41.14 -9.61 24.68
CA ILE A 209 -42.09 -8.63 24.18
C ILE A 209 -42.20 -8.70 22.66
N TYR A 210 -41.05 -8.90 22.02
CA TYR A 210 -40.97 -9.07 20.57
C TYR A 210 -41.85 -10.22 20.10
N ASP A 211 -41.69 -11.39 20.71
CA ASP A 211 -42.45 -12.57 20.31
C ASP A 211 -43.94 -12.47 20.65
N ILE A 212 -44.26 -11.80 21.75
CA ILE A 212 -45.65 -11.57 22.10
C ILE A 212 -46.30 -10.69 21.03
N CYS A 213 -45.56 -9.68 20.58
CA CYS A 213 -46.05 -8.80 19.52
C CYS A 213 -46.26 -9.55 18.20
N ARG A 214 -45.36 -10.47 17.88
CA ARG A 214 -45.47 -11.25 16.65
C ARG A 214 -46.61 -12.25 16.72
N ARG A 215 -46.64 -12.98 17.83
CA ARG A 215 -47.55 -14.11 17.99
C ARG A 215 -48.99 -13.68 18.21
N ASN A 216 -49.18 -12.68 19.07
CA ASN A 216 -50.51 -12.30 19.52
C ASN A 216 -51.05 -11.02 18.87
N LEU A 217 -50.15 -10.16 18.40
CA LEU A 217 -50.58 -8.93 17.75
C LEU A 217 -50.42 -9.03 16.23
N ASP A 218 -49.84 -10.13 15.77
CA ASP A 218 -49.65 -10.41 14.35
C ASP A 218 -48.85 -9.31 13.65
N ILE A 219 -47.91 -8.73 14.38
CA ILE A 219 -46.98 -7.77 13.78
C ILE A 219 -45.72 -8.52 13.36
N GLU A 220 -45.46 -8.53 12.05
CA GLU A 220 -44.38 -9.35 11.50
C GLU A 220 -43.00 -8.92 11.99
N ARG A 221 -42.72 -7.62 11.94
CA ARG A 221 -41.48 -7.09 12.49
C ARG A 221 -41.76 -5.93 13.44
N PRO A 222 -41.98 -6.25 14.73
CA PRO A 222 -42.27 -5.28 15.79
C PRO A 222 -41.23 -4.17 15.89
N THR A 223 -41.69 -2.94 16.02
CA THR A 223 -40.80 -1.80 16.21
C THR A 223 -40.75 -1.44 17.69
N TYR A 224 -39.89 -0.48 18.04
CA TYR A 224 -39.82 0.01 19.41
C TYR A 224 -41.16 0.58 19.85
N THR A 225 -41.89 1.18 18.91
CA THR A 225 -43.20 1.74 19.19
C THR A 225 -44.19 0.66 19.61
N ASN A 226 -44.22 -0.43 18.86
CA ASN A 226 -45.05 -1.59 19.20
C ASN A 226 -44.65 -2.15 20.55
N LEU A 227 -43.34 -2.30 20.75
CA LEU A 227 -42.81 -2.84 22.00
C LEU A 227 -43.17 -1.97 23.19
N ASN A 228 -43.06 -0.65 23.03
CA ASN A 228 -43.24 0.26 24.15
C ASN A 228 -44.70 0.40 24.59
N ARG A 229 -45.62 0.42 23.64
CA ARG A 229 -47.04 0.45 23.97
C ARG A 229 -47.44 -0.76 24.82
N LEU A 230 -46.89 -1.92 24.47
CA LEU A 230 -47.17 -3.13 25.23
C LEU A 230 -46.53 -3.05 26.62
N ILE A 231 -45.27 -2.63 26.65
CA ILE A 231 -44.56 -2.48 27.92
C ILE A 231 -45.27 -1.50 28.85
N SER A 232 -45.78 -0.40 28.28
CA SER A 232 -46.47 0.62 29.06
C SER A 232 -47.73 0.06 29.71
N GLN A 233 -48.41 -0.84 29.01
CA GLN A 233 -49.57 -1.53 29.58
C GLN A 233 -49.19 -2.33 30.83
N ILE A 234 -48.07 -3.07 30.74
CA ILE A 234 -47.62 -3.87 31.88
C ILE A 234 -47.20 -2.95 33.03
N VAL A 235 -46.39 -1.95 32.73
CA VAL A 235 -45.96 -0.97 33.73
C VAL A 235 -47.16 -0.32 34.41
N SER A 236 -48.17 0.05 33.62
CA SER A 236 -49.38 0.64 34.16
C SER A 236 -50.06 -0.30 35.15
N SER A 237 -50.12 -1.58 34.79
CA SER A 237 -50.72 -2.59 35.65
C SER A 237 -50.00 -2.68 36.98
N ILE A 238 -48.70 -2.43 36.96
CA ILE A 238 -47.88 -2.55 38.16
C ILE A 238 -48.00 -1.31 39.04
N THR A 239 -48.18 -0.14 38.42
CA THR A 239 -48.22 1.11 39.17
C THR A 239 -49.64 1.59 39.49
N ALA A 240 -50.64 0.91 38.94
CA ALA A 240 -52.03 1.34 39.07
C ALA A 240 -52.45 1.44 40.53
N SER A 241 -51.88 0.58 41.36
CA SER A 241 -52.21 0.54 42.78
C SER A 241 -51.68 1.77 43.53
N LEU A 242 -50.75 2.48 42.89
CA LEU A 242 -50.20 3.71 43.45
C LEU A 242 -50.98 4.93 42.98
N ARG A 243 -51.74 4.77 41.91
CA ARG A 243 -52.44 5.88 41.28
C ARG A 243 -53.95 5.84 41.53
N PHE A 244 -54.42 4.70 42.02
CA PHE A 244 -55.85 4.52 42.26
C PHE A 244 -56.14 4.12 43.70
N ASP A 245 -57.38 4.35 44.13
CA ASP A 245 -57.84 3.92 45.44
C ASP A 245 -57.77 2.39 45.57
N GLY A 246 -57.28 1.91 46.70
CA GLY A 246 -57.15 0.48 46.93
C GLY A 246 -56.41 0.17 48.22
N ALA A 247 -56.10 -1.11 48.44
CA ALA A 247 -55.48 -1.54 49.68
C ALA A 247 -54.27 -2.44 49.45
N LEU A 248 -53.99 -2.77 48.19
CA LEU A 248 -52.84 -3.60 47.86
C LEU A 248 -51.77 -2.80 47.12
N ASN A 249 -50.52 -2.93 47.57
CA ASN A 249 -49.38 -2.22 46.97
C ASN A 249 -49.60 -0.72 46.84
N VAL A 250 -50.01 -0.09 47.92
CA VAL A 250 -50.30 1.35 47.90
C VAL A 250 -49.05 2.17 48.17
N ASP A 251 -48.00 1.51 48.63
CA ASP A 251 -46.71 2.17 48.86
C ASP A 251 -45.59 1.42 48.16
N LEU A 252 -44.54 2.13 47.79
CA LEU A 252 -43.34 1.52 47.23
C LEU A 252 -42.79 0.47 48.19
N THR A 253 -42.85 0.78 49.48
CA THR A 253 -42.40 -0.13 50.52
C THR A 253 -43.14 -1.47 50.47
N GLU A 254 -44.42 -1.42 50.13
CA GLU A 254 -45.25 -2.62 50.10
C GLU A 254 -44.80 -3.56 48.99
N PHE A 255 -44.23 -3.00 47.91
CA PHE A 255 -43.67 -3.80 46.83
C PHE A 255 -42.56 -4.73 47.32
N GLN A 256 -41.66 -4.22 48.17
CA GLN A 256 -40.63 -5.08 48.76
C GLN A 256 -41.26 -6.07 49.72
N THR A 257 -42.13 -5.56 50.58
CA THR A 257 -42.80 -6.37 51.60
C THR A 257 -43.56 -7.55 50.98
N ASN A 258 -44.30 -7.28 49.91
CA ASN A 258 -45.12 -8.29 49.29
C ASN A 258 -44.40 -9.17 48.28
N LEU A 259 -43.30 -8.69 47.72
CA LEU A 259 -42.65 -9.40 46.62
C LEU A 259 -41.20 -9.81 46.89
N VAL A 260 -40.55 -9.15 47.86
CA VAL A 260 -39.12 -9.39 48.09
C VAL A 260 -38.78 -9.69 49.56
N PRO A 261 -38.85 -10.98 49.94
CA PRO A 261 -38.38 -11.39 51.28
C PRO A 261 -36.86 -11.35 51.42
N TYR A 262 -36.14 -11.80 50.39
CA TYR A 262 -34.69 -11.69 50.37
C TYR A 262 -34.24 -10.53 49.47
N PRO A 263 -33.53 -9.56 50.07
CA PRO A 263 -33.14 -8.28 49.43
C PRO A 263 -32.44 -8.43 48.08
N ARG A 264 -31.42 -9.28 47.98
CA ARG A 264 -30.67 -9.43 46.73
C ARG A 264 -31.54 -10.02 45.62
N ILE A 265 -32.44 -10.91 46.00
CA ILE A 265 -33.35 -11.55 45.05
C ILE A 265 -34.61 -10.70 44.86
N HIS A 266 -34.44 -9.54 44.24
CA HIS A 266 -35.55 -8.59 44.11
C HIS A 266 -35.98 -8.37 42.67
N PHE A 267 -35.99 -9.45 41.89
CA PHE A 267 -36.36 -9.39 40.48
C PHE A 267 -37.61 -10.24 40.21
N PRO A 268 -38.79 -9.65 40.42
CA PRO A 268 -40.06 -10.38 40.21
C PRO A 268 -40.36 -10.59 38.73
N LEU A 269 -40.91 -11.76 38.42
CA LEU A 269 -41.34 -12.08 37.06
C LEU A 269 -42.74 -11.54 36.81
N ALA A 270 -42.89 -10.80 35.71
CA ALA A 270 -44.19 -10.29 35.31
C ALA A 270 -44.77 -11.13 34.18
N THR A 271 -46.05 -11.47 34.30
CA THR A 271 -46.76 -12.19 33.25
C THR A 271 -48.06 -11.43 32.99
N TYR A 272 -48.41 -11.28 31.71
CA TYR A 272 -49.56 -10.46 31.38
C TYR A 272 -50.49 -11.14 30.39
N ALA A 273 -51.80 -10.98 30.61
CA ALA A 273 -52.82 -11.56 29.75
C ALA A 273 -54.15 -10.83 29.95
N PRO A 274 -54.96 -10.72 28.88
CA PRO A 274 -54.68 -11.20 27.52
C PRO A 274 -54.14 -10.11 26.60
N VAL A 275 -53.36 -10.52 25.60
CA VAL A 275 -52.89 -9.61 24.57
C VAL A 275 -53.60 -9.94 23.26
N ILE A 276 -54.49 -9.05 22.83
CA ILE A 276 -55.34 -9.30 21.68
C ILE A 276 -55.17 -8.21 20.63
N SER A 277 -55.01 -8.64 19.38
CA SER A 277 -54.84 -7.71 18.26
C SER A 277 -56.09 -6.87 18.04
N ALA A 278 -55.89 -5.58 17.74
CA ALA A 278 -56.99 -4.67 17.47
C ALA A 278 -57.55 -4.91 16.07
N GLU A 279 -56.79 -5.64 15.26
CA GLU A 279 -57.19 -5.96 13.89
C GLU A 279 -57.98 -7.25 13.86
N LYS A 280 -58.04 -7.93 15.00
CA LYS A 280 -58.81 -9.16 15.12
C LYS A 280 -60.30 -8.83 15.09
N ALA A 281 -60.91 -9.03 13.91
CA ALA A 281 -62.28 -8.59 13.66
C ALA A 281 -63.32 -9.30 14.52
N TYR A 282 -63.00 -10.51 14.97
CA TYR A 282 -63.87 -11.22 15.89
C TYR A 282 -63.09 -11.90 17.01
N HIS A 283 -63.28 -11.42 18.23
CA HIS A 283 -62.61 -12.00 19.39
C HIS A 283 -63.62 -12.38 20.49
N GLU A 284 -63.58 -13.64 20.90
CA GLU A 284 -64.38 -14.11 22.02
C GLU A 284 -63.71 -13.71 23.33
N GLN A 285 -64.36 -12.83 24.08
CA GLN A 285 -63.79 -12.30 25.32
C GLN A 285 -63.47 -13.41 26.33
N LEU A 286 -62.28 -13.32 26.91
CA LEU A 286 -61.78 -14.35 27.81
C LEU A 286 -62.26 -14.17 29.25
N SER A 287 -62.46 -15.28 29.93
CA SER A 287 -62.97 -15.26 31.31
C SER A 287 -61.85 -15.08 32.32
N VAL A 288 -62.24 -14.97 33.59
CA VAL A 288 -61.28 -14.85 34.67
C VAL A 288 -60.36 -16.07 34.72
N ALA A 289 -60.95 -17.25 34.60
CA ALA A 289 -60.19 -18.49 34.61
C ALA A 289 -59.18 -18.53 33.47
N GLU A 290 -59.64 -18.17 32.27
CA GLU A 290 -58.80 -18.26 31.08
C GLU A 290 -57.59 -17.31 31.16
N ILE A 291 -57.80 -16.08 31.63
CA ILE A 291 -56.70 -15.12 31.68
C ILE A 291 -55.79 -15.39 32.87
N THR A 292 -56.34 -15.97 33.94
CA THR A 292 -55.53 -16.30 35.11
C THR A 292 -54.65 -17.51 34.81
N ASN A 293 -55.21 -18.48 34.09
CA ASN A 293 -54.46 -19.66 33.69
C ASN A 293 -53.31 -19.27 32.77
N ALA A 294 -53.52 -18.24 31.97
CA ALA A 294 -52.53 -17.75 31.02
C ALA A 294 -51.34 -17.09 31.70
N CYS A 295 -51.49 -16.82 33.00
CA CYS A 295 -50.40 -16.24 33.80
C CYS A 295 -49.32 -17.28 34.10
N PHE A 296 -49.58 -18.52 33.73
CA PHE A 296 -48.63 -19.60 34.00
C PHE A 296 -48.15 -20.24 32.70
N GLU A 297 -48.46 -19.59 31.59
CA GLU A 297 -47.85 -19.94 30.30
C GLU A 297 -46.62 -19.06 30.08
N PRO A 298 -45.45 -19.70 29.89
CA PRO A 298 -44.20 -18.97 29.66
C PRO A 298 -44.27 -17.99 28.49
N ALA A 299 -45.16 -18.25 27.53
CA ALA A 299 -45.28 -17.41 26.35
C ALA A 299 -45.87 -16.03 26.64
N ASN A 300 -46.35 -15.83 27.87
CA ASN A 300 -46.95 -14.55 28.25
C ASN A 300 -46.09 -13.76 29.23
N GLN A 301 -44.93 -14.31 29.58
CA GLN A 301 -44.04 -13.69 30.55
C GLN A 301 -43.17 -12.60 29.94
N MET A 302 -42.73 -11.66 30.77
CA MET A 302 -41.85 -10.58 30.33
C MET A 302 -40.42 -11.09 30.14
N VAL A 303 -40.12 -12.21 30.78
CA VAL A 303 -38.85 -12.90 30.60
C VAL A 303 -39.13 -14.37 30.37
N LYS A 304 -38.73 -14.89 29.21
CA LYS A 304 -38.91 -16.31 28.93
C LYS A 304 -38.07 -17.17 29.86
N CYS A 305 -38.75 -18.01 30.64
CA CYS A 305 -38.12 -18.96 31.54
C CYS A 305 -39.17 -19.96 31.99
N ASP A 306 -38.77 -20.93 32.81
CA ASP A 306 -39.69 -21.99 33.21
C ASP A 306 -39.86 -22.07 34.72
N PRO A 307 -40.94 -21.46 35.24
CA PRO A 307 -41.26 -21.42 36.67
C PRO A 307 -41.55 -22.80 37.29
N ARG A 308 -41.89 -23.79 36.46
CA ARG A 308 -42.11 -25.14 36.94
C ARG A 308 -40.83 -25.69 37.59
N HIS A 309 -39.69 -25.25 37.08
CA HIS A 309 -38.40 -25.72 37.58
C HIS A 309 -37.73 -24.63 38.41
N GLY A 310 -38.49 -24.10 39.35
CA GLY A 310 -38.00 -23.11 40.30
C GLY A 310 -38.93 -23.12 41.49
N LYS A 311 -38.75 -22.15 42.39
CA LYS A 311 -39.64 -22.02 43.53
C LYS A 311 -40.14 -20.60 43.68
N TYR A 312 -41.40 -20.46 44.08
CA TYR A 312 -41.99 -19.15 44.32
C TYR A 312 -41.68 -18.66 45.73
N MET A 313 -41.47 -17.36 45.86
CA MET A 313 -41.30 -16.73 47.15
C MET A 313 -42.49 -15.82 47.46
N ALA A 314 -43.14 -15.34 46.40
CA ALA A 314 -44.32 -14.49 46.52
C ALA A 314 -45.05 -14.42 45.18
N CYS A 315 -46.31 -14.01 45.23
CA CYS A 315 -47.12 -13.97 44.01
C CYS A 315 -48.33 -13.04 44.16
N CYS A 316 -48.40 -12.02 43.31
CA CYS A 316 -49.52 -11.08 43.29
C CYS A 316 -50.28 -11.13 41.98
N LEU A 317 -51.60 -11.14 42.07
CA LEU A 317 -52.47 -11.05 40.89
C LEU A 317 -53.13 -9.67 40.84
N LEU A 318 -52.83 -8.93 39.78
CA LEU A 318 -53.41 -7.60 39.61
C LEU A 318 -54.40 -7.59 38.44
N TYR A 319 -55.69 -7.60 38.76
CA TYR A 319 -56.73 -7.62 37.75
C TYR A 319 -57.26 -6.23 37.44
N ARG A 320 -57.62 -6.01 36.17
CA ARG A 320 -58.32 -4.79 35.77
C ARG A 320 -59.54 -5.17 34.96
N GLY A 321 -60.70 -4.62 35.34
CA GLY A 321 -61.92 -4.88 34.61
C GLY A 321 -62.98 -5.64 35.39
N ASP A 322 -63.84 -6.34 34.66
CA ASP A 322 -64.98 -7.05 35.26
C ASP A 322 -64.51 -8.32 35.95
N VAL A 323 -64.10 -8.20 37.21
CA VAL A 323 -63.58 -9.32 37.97
C VAL A 323 -64.07 -9.25 39.42
N VAL A 324 -64.50 -10.39 39.96
CA VAL A 324 -64.93 -10.45 41.36
C VAL A 324 -64.20 -11.60 42.08
N PRO A 325 -63.91 -11.43 43.38
CA PRO A 325 -63.09 -12.36 44.16
C PRO A 325 -63.49 -13.83 44.02
N LYS A 326 -64.79 -14.08 43.89
CA LYS A 326 -65.30 -15.45 43.80
C LYS A 326 -64.70 -16.18 42.61
N ASP A 327 -64.71 -15.52 41.45
CA ASP A 327 -64.23 -16.12 40.22
C ASP A 327 -62.71 -16.28 40.19
N VAL A 328 -62.02 -15.44 40.97
CA VAL A 328 -60.56 -15.54 41.08
C VAL A 328 -60.18 -16.79 41.84
N ASN A 329 -60.83 -16.98 43.00
CA ASN A 329 -60.57 -18.15 43.85
C ASN A 329 -60.93 -19.45 43.14
N ALA A 330 -62.04 -19.44 42.41
CA ALA A 330 -62.46 -20.59 41.64
C ALA A 330 -61.43 -20.93 40.57
N ALA A 331 -60.80 -19.90 40.01
CA ALA A 331 -59.77 -20.10 39.00
C ALA A 331 -58.49 -20.64 39.63
N ILE A 332 -58.10 -20.06 40.76
CA ILE A 332 -56.89 -20.46 41.47
C ILE A 332 -56.94 -21.93 41.89
N ALA A 333 -58.09 -22.35 42.40
CA ALA A 333 -58.28 -23.72 42.86
C ALA A 333 -58.04 -24.73 41.75
N THR A 334 -58.55 -24.42 40.56
CA THR A 334 -58.40 -25.30 39.41
C THR A 334 -56.96 -25.28 38.88
N ILE A 335 -56.36 -24.10 38.86
CA ILE A 335 -54.98 -23.94 38.37
C ILE A 335 -54.00 -24.68 39.28
N LYS A 336 -54.26 -24.64 40.59
CA LYS A 336 -53.40 -25.29 41.56
C LYS A 336 -53.31 -26.80 41.32
N THR A 337 -54.44 -27.40 40.97
CA THR A 337 -54.52 -28.85 40.81
C THR A 337 -53.99 -29.30 39.45
N LYS A 338 -53.83 -28.36 38.53
CA LYS A 338 -53.42 -28.71 37.17
C LYS A 338 -51.98 -28.30 36.85
N ARG A 339 -51.38 -27.47 37.69
CA ARG A 339 -50.06 -26.92 37.38
C ARG A 339 -49.02 -27.09 38.48
N SER A 340 -47.76 -27.04 38.08
CA SER A 340 -46.64 -27.16 39.00
C SER A 340 -46.32 -25.82 39.64
N ILE A 341 -46.81 -25.62 40.87
CA ILE A 341 -46.55 -24.38 41.60
C ILE A 341 -45.97 -24.70 42.96
N GLN A 342 -44.65 -24.54 43.07
CA GLN A 342 -43.91 -24.86 44.29
C GLN A 342 -43.40 -23.62 44.98
N PHE A 343 -43.80 -23.42 46.24
CA PHE A 343 -43.26 -22.35 47.05
C PHE A 343 -42.09 -22.85 47.89
N VAL A 344 -41.23 -21.93 48.31
CA VAL A 344 -40.18 -22.27 49.27
C VAL A 344 -40.83 -22.56 50.61
N ASP A 345 -40.25 -23.48 51.37
CA ASP A 345 -40.88 -23.98 52.57
C ASP A 345 -41.10 -22.93 53.65
N TRP A 346 -40.34 -21.84 53.60
CA TRP A 346 -40.44 -20.81 54.62
C TRP A 346 -41.37 -19.67 54.18
N CYS A 347 -42.14 -19.93 53.12
CA CYS A 347 -43.16 -19.00 52.65
C CYS A 347 -44.49 -19.71 52.51
N PRO A 348 -45.58 -19.00 52.81
CA PRO A 348 -46.92 -19.57 52.61
C PRO A 348 -47.27 -19.68 51.14
N THR A 349 -47.89 -20.78 50.74
CA THR A 349 -48.39 -20.92 49.38
C THR A 349 -49.69 -20.13 49.23
N GLY A 350 -49.60 -18.95 48.63
CA GLY A 350 -50.78 -18.10 48.51
C GLY A 350 -50.62 -16.98 47.51
N PHE A 351 -51.71 -16.23 47.32
CA PHE A 351 -51.76 -15.16 46.34
C PHE A 351 -52.35 -13.89 46.96
N LYS A 352 -51.69 -12.76 46.74
CA LYS A 352 -52.28 -11.47 47.08
C LYS A 352 -52.94 -10.88 45.85
N VAL A 353 -54.25 -10.65 45.95
CA VAL A 353 -55.04 -10.25 44.79
C VAL A 353 -55.48 -8.79 44.89
N GLY A 354 -55.32 -8.06 43.79
CA GLY A 354 -55.81 -6.71 43.70
C GLY A 354 -56.71 -6.59 42.49
N ILE A 355 -57.86 -5.96 42.67
CA ILE A 355 -58.80 -5.77 41.58
C ILE A 355 -59.17 -4.31 41.41
N ASN A 356 -58.99 -3.80 40.20
CA ASN A 356 -59.50 -2.48 39.85
C ASN A 356 -60.55 -2.64 38.78
N TYR A 357 -61.74 -2.10 39.04
CA TYR A 357 -62.90 -2.35 38.18
C TYR A 357 -62.77 -1.73 36.79
N GLN A 358 -61.94 -0.71 36.67
CA GLN A 358 -61.76 -0.06 35.37
C GLN A 358 -60.88 -0.94 34.49
N PRO A 359 -61.43 -1.41 33.36
CA PRO A 359 -60.70 -2.27 32.42
C PRO A 359 -59.53 -1.52 31.80
N PRO A 360 -58.52 -2.25 31.30
CA PRO A 360 -57.31 -1.60 30.76
C PRO A 360 -57.65 -0.60 29.66
N THR A 361 -57.08 0.59 29.77
CA THR A 361 -57.21 1.60 28.74
C THR A 361 -56.25 1.30 27.59
N VAL A 362 -56.73 1.41 26.36
CA VAL A 362 -55.84 1.23 25.22
C VAL A 362 -55.62 2.56 24.52
N VAL A 363 -54.46 2.71 23.91
CA VAL A 363 -54.16 3.91 23.13
C VAL A 363 -54.92 3.84 21.81
N PRO A 364 -55.69 4.89 21.50
CA PRO A 364 -56.41 4.96 20.22
C PRO A 364 -55.46 4.83 19.05
N GLY A 365 -55.74 3.89 18.15
CA GLY A 365 -54.88 3.64 17.01
C GLY A 365 -53.75 2.68 17.30
N GLY A 366 -53.68 2.21 18.54
CA GLY A 366 -52.67 1.25 18.94
C GLY A 366 -52.94 -0.12 18.37
N ASP A 367 -52.16 -1.11 18.82
CA ASP A 367 -52.29 -2.46 18.30
C ASP A 367 -53.15 -3.35 19.20
N LEU A 368 -53.35 -2.91 20.44
CA LEU A 368 -54.09 -3.68 21.44
C LEU A 368 -55.60 -3.45 21.38
N ALA A 369 -56.35 -4.54 21.33
CA ALA A 369 -57.81 -4.46 21.37
C ALA A 369 -58.28 -4.25 22.81
N LYS A 370 -59.41 -3.55 22.95
CA LYS A 370 -60.04 -3.39 24.27
C LYS A 370 -60.55 -4.73 24.77
N VAL A 371 -60.31 -5.03 26.04
CA VAL A 371 -60.78 -6.27 26.63
C VAL A 371 -61.59 -6.01 27.90
N GLN A 372 -62.46 -6.95 28.23
CA GLN A 372 -63.37 -6.78 29.37
C GLN A 372 -62.64 -7.00 30.69
N ARG A 373 -61.58 -7.78 30.66
CA ARG A 373 -60.78 -8.03 31.86
C ARG A 373 -59.35 -8.42 31.50
N ALA A 374 -58.40 -7.90 32.26
CA ALA A 374 -57.00 -8.26 32.09
C ALA A 374 -56.34 -8.51 33.43
N VAL A 375 -55.21 -9.20 33.41
CA VAL A 375 -54.49 -9.49 34.64
C VAL A 375 -52.98 -9.39 34.43
N CYS A 376 -52.29 -8.86 35.44
CA CYS A 376 -50.83 -8.94 35.49
C CYS A 376 -50.40 -9.67 36.74
N MET A 377 -49.68 -10.77 36.57
CA MET A 377 -49.15 -11.50 37.71
C MET A 377 -47.70 -11.11 37.98
N LEU A 378 -47.42 -10.72 39.23
CA LEU A 378 -46.07 -10.46 39.68
C LEU A 378 -45.62 -11.59 40.60
N SER A 379 -44.74 -12.44 40.11
CA SER A 379 -44.29 -13.58 40.90
C SER A 379 -42.77 -13.56 41.08
N ASN A 380 -42.33 -13.76 42.32
CA ASN A 380 -40.91 -13.86 42.59
C ASN A 380 -40.46 -15.32 42.54
N THR A 381 -40.21 -15.82 41.35
CA THR A 381 -39.74 -17.18 41.15
C THR A 381 -38.25 -17.21 40.88
N THR A 382 -37.57 -18.25 41.37
CA THR A 382 -36.15 -18.40 41.17
C THR A 382 -35.84 -18.70 39.70
N ALA A 383 -36.88 -19.03 38.94
CA ALA A 383 -36.72 -19.38 37.54
C ALA A 383 -36.22 -18.21 36.68
N ILE A 384 -36.36 -16.99 37.19
CA ILE A 384 -35.88 -15.82 36.47
C ILE A 384 -34.36 -15.76 36.47
N ALA A 385 -33.73 -16.63 37.25
CA ALA A 385 -32.28 -16.72 37.30
C ALA A 385 -31.72 -17.26 35.99
N GLU A 386 -32.59 -17.88 35.18
CA GLU A 386 -32.21 -18.34 33.85
C GLU A 386 -31.72 -17.18 33.00
N ALA A 387 -32.27 -16.00 33.25
CA ALA A 387 -31.90 -14.80 32.51
C ALA A 387 -30.49 -14.34 32.88
N TRP A 388 -30.13 -14.49 34.14
CA TRP A 388 -28.78 -14.14 34.59
C TRP A 388 -27.77 -15.14 34.01
N ALA A 389 -28.18 -16.41 33.97
CA ALA A 389 -27.35 -17.47 33.41
C ALA A 389 -27.00 -17.19 31.95
N ARG A 390 -28.00 -16.85 31.15
CA ARG A 390 -27.80 -16.50 29.74
C ARG A 390 -26.81 -15.35 29.58
N LEU A 391 -27.04 -14.29 30.35
CA LEU A 391 -26.25 -13.07 30.28
C LEU A 391 -24.81 -13.31 30.69
N ASP A 392 -24.63 -13.97 31.84
CA ASP A 392 -23.31 -14.24 32.38
C ASP A 392 -22.49 -15.14 31.47
N HIS A 393 -23.17 -16.01 30.73
CA HIS A 393 -22.47 -16.89 29.80
C HIS A 393 -21.91 -16.11 28.62
N LYS A 394 -22.70 -15.19 28.07
CA LYS A 394 -22.24 -14.31 27.00
C LYS A 394 -21.09 -13.43 27.46
N PHE A 395 -21.19 -12.94 28.70
CA PHE A 395 -20.12 -12.16 29.32
C PHE A 395 -18.84 -12.98 29.36
N ASP A 396 -18.93 -14.21 29.84
CA ASP A 396 -17.78 -15.08 29.99
C ASP A 396 -17.10 -15.37 28.66
N LEU A 397 -17.90 -15.56 27.61
CA LEU A 397 -17.36 -15.86 26.28
C LEU A 397 -16.47 -14.73 25.78
N MET A 398 -16.92 -13.49 25.93
CA MET A 398 -16.17 -12.33 25.45
C MET A 398 -15.00 -11.97 26.35
N TYR A 399 -15.22 -12.00 27.66
CA TYR A 399 -14.22 -11.52 28.60
C TYR A 399 -12.99 -12.44 28.70
N ALA A 400 -13.16 -13.71 28.33
CA ALA A 400 -12.04 -14.63 28.30
C ALA A 400 -11.00 -14.19 27.26
N LYS A 401 -11.49 -13.50 26.23
CA LYS A 401 -10.62 -13.00 25.17
C LYS A 401 -10.36 -11.51 25.34
N ARG A 402 -10.93 -10.95 26.40
CA ARG A 402 -10.87 -9.51 26.68
C ARG A 402 -11.38 -8.66 25.52
N ALA A 403 -12.32 -9.22 24.76
CA ALA A 403 -12.91 -8.52 23.63
C ALA A 403 -13.65 -7.26 24.08
N PHE A 404 -13.36 -6.14 23.41
CA PHE A 404 -14.00 -4.84 23.63
C PHE A 404 -13.63 -4.16 24.95
N VAL A 405 -12.85 -4.85 25.78
CA VAL A 405 -12.49 -4.34 27.10
C VAL A 405 -11.72 -3.02 27.03
N HIS A 406 -10.89 -2.86 26.00
CA HIS A 406 -10.05 -1.67 25.85
C HIS A 406 -10.90 -0.40 25.79
N TRP A 407 -12.12 -0.52 25.28
CA TRP A 407 -13.04 0.60 25.21
C TRP A 407 -13.41 1.11 26.59
N TYR A 408 -13.49 0.19 27.54
CA TYR A 408 -13.90 0.54 28.90
C TYR A 408 -12.71 1.07 29.68
N VAL A 409 -11.57 0.38 29.55
CA VAL A 409 -10.34 0.79 30.19
C VAL A 409 -9.95 2.20 29.73
N GLY A 410 -10.18 2.50 28.46
CA GLY A 410 -9.84 3.79 27.90
C GLY A 410 -10.67 4.94 28.43
N GLU A 411 -11.77 4.64 29.11
CA GLU A 411 -12.58 5.69 29.70
C GLU A 411 -12.33 5.82 31.21
N GLY A 412 -11.32 5.09 31.70
CA GLY A 412 -10.89 5.25 33.07
C GLY A 412 -11.30 4.12 33.99
N MET A 413 -12.02 3.13 33.44
CA MET A 413 -12.43 1.99 34.23
C MET A 413 -11.27 1.01 34.36
N GLU A 414 -11.22 0.30 35.48
CA GLU A 414 -10.17 -0.70 35.70
C GLU A 414 -10.68 -2.09 35.37
N GLU A 415 -9.80 -2.94 34.87
CA GLU A 415 -10.15 -4.28 34.43
C GLU A 415 -10.77 -5.10 35.57
N GLY A 416 -10.32 -4.85 36.79
CA GLY A 416 -10.79 -5.60 37.95
C GLY A 416 -12.27 -5.43 38.23
N GLU A 417 -12.84 -4.30 37.82
CA GLU A 417 -14.27 -4.06 38.01
C GLU A 417 -15.10 -5.06 37.19
N PHE A 418 -14.56 -5.50 36.06
CA PHE A 418 -15.19 -6.54 35.26
C PHE A 418 -15.34 -7.81 36.07
N SER A 419 -14.23 -8.23 36.67
CA SER A 419 -14.20 -9.48 37.43
C SER A 419 -14.99 -9.34 38.73
N GLU A 420 -14.95 -8.16 39.35
CA GLU A 420 -15.70 -7.91 40.57
C GLU A 420 -17.20 -7.98 40.28
N ALA A 421 -17.61 -7.42 39.15
CA ALA A 421 -19.01 -7.46 38.75
C ALA A 421 -19.43 -8.90 38.45
N ARG A 422 -18.58 -9.62 37.74
CA ARG A 422 -18.89 -10.98 37.35
C ARG A 422 -18.97 -11.92 38.57
N GLU A 423 -18.14 -11.66 39.58
CA GLU A 423 -18.16 -12.47 40.80
C GLU A 423 -19.44 -12.23 41.60
N ASP A 424 -19.91 -11.00 41.61
CA ASP A 424 -21.16 -10.66 42.28
C ASP A 424 -22.32 -11.38 41.60
N MET A 425 -22.28 -11.45 40.27
CA MET A 425 -23.30 -12.16 39.50
C MET A 425 -23.21 -13.67 39.74
N ALA A 426 -21.99 -14.16 39.96
CA ALA A 426 -21.80 -15.56 40.28
C ALA A 426 -22.42 -15.88 41.64
N ALA A 427 -22.30 -14.95 42.58
CA ALA A 427 -22.89 -15.10 43.90
C ALA A 427 -24.42 -15.08 43.80
N LEU A 428 -24.94 -14.20 42.95
CA LEU A 428 -26.37 -14.06 42.76
C LEU A 428 -27.00 -15.34 42.20
N GLU A 429 -26.35 -15.93 41.21
CA GLU A 429 -26.86 -17.18 40.62
C GLU A 429 -26.89 -18.30 41.64
N LYS A 430 -25.97 -18.25 42.60
CA LYS A 430 -25.90 -19.28 43.63
C LYS A 430 -26.93 -19.04 44.73
N ASP A 431 -27.20 -17.78 45.02
CA ASP A 431 -28.28 -17.42 45.93
C ASP A 431 -29.60 -18.00 45.42
N TYR A 432 -29.87 -17.78 44.14
CA TYR A 432 -31.08 -18.31 43.50
C TYR A 432 -31.16 -19.82 43.57
N GLU A 433 -30.02 -20.50 43.44
CA GLU A 433 -30.03 -21.96 43.40
C GLU A 433 -30.24 -22.56 44.79
N GLU A 434 -29.62 -21.97 45.81
CA GLU A 434 -29.86 -22.40 47.18
C GLU A 434 -31.34 -22.33 47.52
N VAL A 435 -31.95 -21.20 47.19
CA VAL A 435 -33.37 -20.97 47.42
C VAL A 435 -34.23 -21.88 46.53
N GLY A 436 -33.74 -22.17 45.33
CA GLY A 436 -34.55 -22.79 44.30
C GLY A 436 -34.61 -24.31 44.22
N VAL A 437 -33.54 -24.99 44.63
CA VAL A 437 -33.50 -26.45 44.57
C VAL A 437 -33.05 -27.06 45.89
N ARG B 2 -24.13 16.54 14.86
CA ARG B 2 -23.23 15.40 14.70
C ARG B 2 -22.40 15.52 13.43
N GLU B 3 -21.59 16.58 13.36
CA GLU B 3 -20.84 16.88 12.15
C GLU B 3 -19.64 15.95 11.94
N ILE B 4 -19.35 15.67 10.68
CA ILE B 4 -18.15 14.93 10.31
C ILE B 4 -17.29 15.80 9.40
N VAL B 5 -15.98 15.85 9.69
CA VAL B 5 -15.04 16.60 8.86
C VAL B 5 -14.32 15.68 7.88
N HIS B 6 -14.45 15.97 6.60
CA HIS B 6 -13.87 15.13 5.56
C HIS B 6 -12.56 15.69 5.02
N ILE B 7 -11.57 14.82 4.86
CA ILE B 7 -10.27 15.19 4.30
C ILE B 7 -9.87 14.26 3.17
N GLN B 8 -9.46 14.82 2.04
CA GLN B 8 -8.96 14.00 0.95
C GLN B 8 -7.56 14.45 0.55
N ALA B 9 -6.62 13.51 0.54
CA ALA B 9 -5.22 13.82 0.31
C ALA B 9 -4.62 13.03 -0.85
N GLY B 10 -3.90 13.73 -1.72
CA GLY B 10 -3.21 13.08 -2.81
C GLY B 10 -4.08 12.93 -4.05
N GLN B 11 -3.51 12.34 -5.08
CA GLN B 11 -4.22 12.13 -6.34
C GLN B 11 -5.41 11.18 -6.14
N CYS B 12 -5.12 9.96 -5.70
CA CYS B 12 -6.17 8.96 -5.49
C CYS B 12 -7.21 9.43 -4.47
N GLY B 13 -6.73 10.00 -3.37
CA GLY B 13 -7.61 10.50 -2.32
C GLY B 13 -8.59 11.55 -2.80
N ASN B 14 -8.13 12.45 -3.67
CA ASN B 14 -8.99 13.51 -4.19
C ASN B 14 -9.93 13.02 -5.27
N GLN B 15 -9.53 11.98 -5.99
CA GLN B 15 -10.35 11.46 -7.08
C GLN B 15 -11.51 10.61 -6.55
N ILE B 16 -11.25 9.76 -5.56
CA ILE B 16 -12.35 9.00 -4.94
C ILE B 16 -13.15 9.91 -4.03
N GLY B 17 -12.49 10.91 -3.45
CA GLY B 17 -13.16 11.87 -2.59
C GLY B 17 -14.18 12.69 -3.35
N ALA B 18 -13.77 13.21 -4.50
CA ALA B 18 -14.68 13.98 -5.36
C ALA B 18 -15.87 13.12 -5.76
N LYS B 19 -15.58 11.88 -6.16
CA LYS B 19 -16.59 10.91 -6.53
C LYS B 19 -17.60 10.69 -5.39
N PHE B 20 -17.08 10.54 -4.17
CA PHE B 20 -17.93 10.39 -3.00
C PHE B 20 -18.88 11.56 -2.82
N TRP B 21 -18.35 12.78 -2.92
CA TRP B 21 -19.16 13.97 -2.72
C TRP B 21 -20.20 14.15 -3.83
N GLU B 22 -19.90 13.71 -5.04
CA GLU B 22 -20.86 13.84 -6.12
C GLU B 22 -21.98 12.81 -5.96
N VAL B 23 -21.66 11.65 -5.41
CA VAL B 23 -22.64 10.60 -5.20
C VAL B 23 -23.64 10.97 -4.10
N ILE B 24 -23.13 11.39 -2.95
CA ILE B 24 -24.02 11.69 -1.83
C ILE B 24 -24.73 13.04 -2.02
N SER B 25 -24.15 13.93 -2.82
CA SER B 25 -24.82 15.19 -3.12
C SER B 25 -26.08 14.91 -3.93
N ASP B 26 -25.98 13.95 -4.85
CA ASP B 26 -27.15 13.51 -5.61
C ASP B 26 -28.19 12.87 -4.70
N GLU B 27 -27.74 12.10 -3.71
CA GLU B 27 -28.64 11.44 -2.78
C GLU B 27 -29.35 12.45 -1.89
N HIS B 28 -28.70 13.57 -1.61
CA HIS B 28 -29.28 14.60 -0.74
C HIS B 28 -29.94 15.71 -1.55
N GLY B 29 -29.94 15.57 -2.87
CA GLY B 29 -30.58 16.51 -3.75
C GLY B 29 -29.84 17.83 -3.94
N ILE B 30 -28.55 17.83 -3.60
CA ILE B 30 -27.72 19.02 -3.75
C ILE B 30 -27.12 19.09 -5.16
N ASP B 31 -27.31 20.22 -5.83
CA ASP B 31 -26.76 20.41 -7.18
C ASP B 31 -25.33 20.95 -7.10
N PRO B 32 -24.60 20.99 -8.24
CA PRO B 32 -23.23 21.50 -8.20
C PRO B 32 -23.12 22.96 -7.74
N THR B 33 -24.22 23.71 -7.77
CA THR B 33 -24.18 25.08 -7.29
C THR B 33 -24.24 25.06 -5.77
N GLY B 34 -24.78 23.98 -5.21
CA GLY B 34 -24.90 23.83 -3.78
C GLY B 34 -26.32 24.05 -3.27
N SER B 35 -27.24 24.19 -4.22
CA SER B 35 -28.65 24.40 -3.89
C SER B 35 -29.40 23.09 -3.76
N TYR B 36 -30.20 22.96 -2.72
CA TYR B 36 -31.06 21.79 -2.58
C TYR B 36 -32.21 21.81 -3.61
N HIS B 37 -32.30 20.87 -4.57
CA HIS B 37 -33.65 20.65 -5.11
C HIS B 37 -34.05 19.18 -5.11
N GLY B 38 -34.52 18.70 -3.95
CA GLY B 38 -35.10 17.37 -3.85
C GLY B 38 -36.57 17.38 -3.45
N ASP B 39 -37.12 16.19 -3.25
CA ASP B 39 -38.56 16.05 -2.97
C ASP B 39 -38.89 15.34 -1.66
N SER B 40 -37.88 15.13 -0.81
CA SER B 40 -38.11 14.49 0.48
C SER B 40 -37.37 15.19 1.61
N ASP B 41 -38.04 15.40 2.73
CA ASP B 41 -37.42 15.99 3.90
C ASP B 41 -36.39 15.04 4.51
N LEU B 42 -36.51 13.76 4.14
CA LEU B 42 -35.56 12.75 4.58
C LEU B 42 -34.16 13.04 4.04
N GLN B 43 -34.10 13.77 2.94
CA GLN B 43 -32.84 14.16 2.33
C GLN B 43 -32.12 15.24 3.13
N LEU B 44 -32.86 15.98 3.94
CA LEU B 44 -32.32 17.13 4.64
C LEU B 44 -32.21 16.95 6.15
N GLU B 45 -32.81 15.88 6.66
CA GLU B 45 -32.88 15.68 8.11
C GLU B 45 -31.50 15.53 8.76
N ARG B 46 -30.56 14.93 8.03
CA ARG B 46 -29.20 14.77 8.54
C ARG B 46 -28.16 15.32 7.57
N ILE B 47 -28.54 16.33 6.81
CA ILE B 47 -27.64 16.87 5.80
C ILE B 47 -26.49 17.65 6.43
N ASN B 48 -26.66 18.03 7.69
CA ASN B 48 -25.63 18.80 8.40
C ASN B 48 -24.44 17.94 8.81
N VAL B 49 -24.60 16.63 8.74
CA VAL B 49 -23.50 15.71 9.08
C VAL B 49 -22.29 15.97 8.17
N TYR B 50 -22.55 16.12 6.88
CA TYR B 50 -21.48 16.30 5.90
C TYR B 50 -21.47 17.68 5.26
N TYR B 51 -22.56 18.43 5.43
CA TYR B 51 -22.68 19.73 4.77
C TYR B 51 -22.81 20.88 5.75
N ASN B 52 -22.20 22.00 5.39
CA ASN B 52 -22.39 23.23 6.14
C ASN B 52 -23.46 24.07 5.45
N GLU B 53 -24.27 24.77 6.23
CA GLU B 53 -25.30 25.63 5.67
C GLU B 53 -24.72 27.00 5.38
N ALA B 54 -24.80 27.44 4.13
CA ALA B 54 -24.34 28.77 3.77
C ALA B 54 -25.51 29.74 3.72
N THR B 55 -25.27 30.96 4.21
CA THR B 55 -26.24 32.05 4.04
C THR B 55 -26.64 32.15 2.57
N GLY B 56 -27.93 32.24 2.32
CA GLY B 56 -28.43 32.15 0.96
C GLY B 56 -28.64 30.69 0.65
N ASN B 57 -29.24 29.97 1.61
CA ASN B 57 -29.40 28.50 1.62
C ASN B 57 -28.66 27.65 0.57
N LYS B 58 -27.31 27.72 0.61
CA LYS B 58 -26.47 26.79 -0.12
C LYS B 58 -25.86 25.79 0.87
N TYR B 59 -25.61 24.56 0.42
CA TYR B 59 -24.95 23.58 1.29
C TYR B 59 -23.51 23.36 0.83
N VAL B 60 -22.57 23.55 1.75
CA VAL B 60 -21.16 23.44 1.44
C VAL B 60 -20.56 22.25 2.16
N PRO B 61 -20.03 21.28 1.41
CA PRO B 61 -19.40 20.08 1.97
C PRO B 61 -18.35 20.44 3.02
N ARG B 62 -18.37 19.75 4.15
CA ARG B 62 -17.37 19.96 5.17
C ARG B 62 -16.13 19.19 4.76
N ALA B 63 -15.52 19.62 3.66
CA ALA B 63 -14.45 18.87 3.03
C ALA B 63 -13.18 19.70 2.87
N ILE B 64 -12.05 19.07 3.15
CA ILE B 64 -10.76 19.72 2.99
C ILE B 64 -9.93 18.95 1.96
N LEU B 65 -9.49 19.66 0.92
CA LEU B 65 -8.80 19.02 -0.19
C LEU B 65 -7.30 19.33 -0.15
N VAL B 66 -6.49 18.27 -0.08
CA VAL B 66 -5.05 18.43 0.15
C VAL B 66 -4.19 17.73 -0.89
N ASP B 67 -3.20 18.43 -1.41
CA ASP B 67 -2.20 17.80 -2.26
C ASP B 67 -0.87 18.54 -2.24
N LEU B 68 0.18 17.89 -2.71
CA LEU B 68 1.50 18.51 -2.76
C LEU B 68 1.77 19.06 -4.17
N GLU B 69 0.83 18.82 -5.06
CA GLU B 69 0.86 19.39 -6.41
C GLU B 69 -0.55 19.75 -6.82
N PRO B 70 -0.71 20.79 -7.65
CA PRO B 70 -2.04 21.31 -7.98
C PRO B 70 -2.78 20.54 -9.08
N GLY B 71 -2.10 19.60 -9.73
CA GLY B 71 -2.66 18.89 -10.87
C GLY B 71 -4.05 18.31 -10.71
N THR B 72 -4.22 17.44 -9.72
CA THR B 72 -5.49 16.74 -9.51
C THR B 72 -6.56 17.65 -8.93
N MET B 73 -6.15 18.59 -8.08
CA MET B 73 -7.11 19.49 -7.45
C MET B 73 -7.65 20.52 -8.43
N ASP B 74 -6.86 20.85 -9.45
CA ASP B 74 -7.36 21.70 -10.53
C ASP B 74 -8.38 20.92 -11.35
N SER B 75 -8.17 19.62 -11.48
CA SER B 75 -9.13 18.75 -12.17
C SER B 75 -10.42 18.66 -11.35
N VAL B 76 -10.29 18.67 -10.03
CA VAL B 76 -11.46 18.67 -9.16
C VAL B 76 -12.27 19.95 -9.34
N ARG B 77 -11.59 21.09 -9.23
CA ARG B 77 -12.24 22.40 -9.35
C ARG B 77 -12.95 22.57 -10.68
N SER B 78 -12.46 21.90 -11.72
CA SER B 78 -13.10 21.92 -13.03
C SER B 78 -13.99 20.71 -13.25
N GLY B 79 -14.17 19.92 -12.20
CA GLY B 79 -14.99 18.73 -12.29
C GLY B 79 -16.48 19.04 -12.22
N PRO B 80 -17.33 18.01 -12.31
CA PRO B 80 -18.79 18.17 -12.29
C PRO B 80 -19.26 18.98 -11.08
N PHE B 81 -18.93 18.51 -9.88
CA PHE B 81 -19.34 19.20 -8.65
C PHE B 81 -18.19 20.05 -8.09
N GLY B 82 -17.22 20.37 -8.94
CA GLY B 82 -16.04 21.09 -8.51
C GLY B 82 -16.28 22.39 -7.75
N GLN B 83 -17.35 23.09 -8.12
CA GLN B 83 -17.63 24.40 -7.56
C GLN B 83 -18.37 24.35 -6.24
N ILE B 84 -18.77 23.15 -5.82
CA ILE B 84 -19.53 23.00 -4.59
C ILE B 84 -18.62 23.15 -3.36
N PHE B 85 -17.33 22.93 -3.53
CA PHE B 85 -16.39 22.95 -2.43
C PHE B 85 -15.99 24.37 -2.03
N ARG B 86 -15.81 24.57 -0.73
CA ARG B 86 -15.33 25.85 -0.20
C ARG B 86 -13.90 26.12 -0.67
N PRO B 87 -13.72 27.18 -1.49
CA PRO B 87 -12.44 27.49 -2.16
C PRO B 87 -11.27 27.61 -1.18
N ASP B 88 -11.52 28.11 0.02
CA ASP B 88 -10.47 28.24 1.03
C ASP B 88 -10.00 26.88 1.54
N ASN B 89 -10.79 25.84 1.29
CA ASN B 89 -10.45 24.50 1.77
C ASN B 89 -9.57 23.73 0.79
N PHE B 90 -9.17 24.39 -0.29
CA PHE B 90 -8.19 23.84 -1.21
C PHE B 90 -6.78 24.17 -0.73
N VAL B 91 -6.07 23.17 -0.21
CA VAL B 91 -4.73 23.39 0.31
C VAL B 91 -3.71 22.55 -0.46
N PHE B 92 -2.80 23.23 -1.16
CA PHE B 92 -1.90 22.54 -2.06
C PHE B 92 -0.54 23.17 -2.16
N GLY B 93 0.49 22.32 -2.29
CA GLY B 93 1.84 22.77 -2.56
C GLY B 93 2.13 22.66 -4.05
N GLN B 94 3.39 22.82 -4.43
CA GLN B 94 3.75 22.85 -5.85
C GLN B 94 4.76 21.77 -6.22
N SER B 95 5.53 21.32 -5.24
CA SER B 95 6.69 20.46 -5.49
C SER B 95 6.36 19.01 -5.79
N GLY B 96 5.18 18.56 -5.35
CA GLY B 96 4.81 17.17 -5.51
C GLY B 96 5.52 16.28 -4.51
N ALA B 97 5.23 14.98 -4.55
CA ALA B 97 5.79 14.05 -3.57
C ALA B 97 6.53 12.89 -4.24
N GLY B 98 6.42 12.79 -5.56
CA GLY B 98 7.12 11.78 -6.32
C GLY B 98 6.94 10.36 -5.83
N ASN B 99 5.71 10.01 -5.43
CA ASN B 99 5.41 8.68 -4.91
C ASN B 99 6.36 8.27 -3.78
N ASN B 100 6.71 9.23 -2.94
CA ASN B 100 7.71 9.04 -1.90
C ASN B 100 7.14 9.35 -0.52
N TRP B 101 7.01 8.32 0.31
CA TRP B 101 6.43 8.45 1.64
C TRP B 101 7.19 9.49 2.47
N ALA B 102 8.52 9.43 2.37
CA ALA B 102 9.39 10.36 3.10
C ALA B 102 9.11 11.81 2.73
N LYS B 103 8.93 12.10 1.44
CA LYS B 103 8.60 13.45 1.01
C LYS B 103 7.27 13.92 1.57
N GLY B 104 6.30 13.00 1.62
CA GLY B 104 4.98 13.34 2.13
C GLY B 104 4.94 13.50 3.63
N HIS B 105 5.74 12.69 4.33
CA HIS B 105 5.66 12.59 5.78
C HIS B 105 6.70 13.44 6.52
N TYR B 106 7.82 13.74 5.87
CA TYR B 106 8.96 14.32 6.57
C TYR B 106 9.47 15.65 6.02
N THR B 107 9.40 15.83 4.71
CA THR B 107 9.96 17.03 4.10
C THR B 107 8.90 17.92 3.46
N GLU B 108 8.48 17.58 2.25
CA GLU B 108 7.51 18.41 1.53
C GLU B 108 6.18 18.55 2.28
N GLY B 109 5.68 17.44 2.81
CA GLY B 109 4.41 17.43 3.51
C GLY B 109 4.48 18.22 4.81
N ALA B 110 5.60 18.09 5.50
CA ALA B 110 5.83 18.77 6.77
C ALA B 110 5.73 20.28 6.61
N GLU B 111 6.12 20.77 5.43
CA GLU B 111 6.12 22.20 5.17
C GLU B 111 4.70 22.74 4.97
N LEU B 112 3.79 21.85 4.58
CA LEU B 112 2.42 22.25 4.24
C LEU B 112 1.40 21.86 5.31
N VAL B 113 1.77 20.95 6.21
CA VAL B 113 0.80 20.31 7.10
C VAL B 113 0.10 21.28 8.05
N ASP B 114 0.81 22.33 8.49
CA ASP B 114 0.21 23.32 9.38
C ASP B 114 -0.94 24.07 8.71
N SER B 115 -0.78 24.38 7.43
CA SER B 115 -1.79 25.09 6.67
C SER B 115 -3.08 24.27 6.61
N VAL B 116 -2.92 22.96 6.46
CA VAL B 116 -4.07 22.06 6.41
C VAL B 116 -4.80 22.04 7.76
N LEU B 117 -4.02 21.97 8.84
CA LEU B 117 -4.58 21.96 10.19
C LEU B 117 -5.37 23.23 10.50
N ASP B 118 -4.94 24.35 9.92
CA ASP B 118 -5.65 25.61 10.13
C ASP B 118 -7.07 25.52 9.60
N VAL B 119 -7.21 24.95 8.41
CA VAL B 119 -8.52 24.74 7.80
C VAL B 119 -9.34 23.71 8.59
N VAL B 120 -8.68 22.65 9.06
CA VAL B 120 -9.35 21.64 9.88
C VAL B 120 -9.96 22.28 11.12
N ARG B 121 -9.15 23.10 11.79
CA ARG B 121 -9.57 23.79 12.99
C ARG B 121 -10.74 24.74 12.73
N LYS B 122 -10.67 25.45 11.61
CA LYS B 122 -11.72 26.41 11.25
C LYS B 122 -13.05 25.71 10.99
N GLU B 123 -12.98 24.50 10.46
CA GLU B 123 -14.18 23.70 10.20
C GLU B 123 -14.69 23.02 11.47
N SER B 124 -13.76 22.69 12.38
CA SER B 124 -14.12 22.05 13.64
C SER B 124 -14.81 23.00 14.61
N GLU B 125 -14.32 24.24 14.65
CA GLU B 125 -14.84 25.25 15.58
C GLU B 125 -16.26 25.68 15.20
N SER B 126 -16.70 25.31 14.00
CA SER B 126 -18.05 25.61 13.56
C SER B 126 -19.00 24.47 13.91
N CYS B 127 -18.43 23.33 14.31
CA CYS B 127 -19.23 22.15 14.61
C CYS B 127 -19.84 22.20 16.00
N ASP B 128 -21.16 22.05 16.07
CA ASP B 128 -21.87 22.00 17.33
C ASP B 128 -21.37 20.85 18.18
N CYS B 129 -21.19 19.70 17.55
CA CYS B 129 -20.58 18.54 18.21
C CYS B 129 -19.96 17.60 17.19
N LEU B 130 -18.70 17.88 16.84
CA LEU B 130 -17.95 17.04 15.93
C LEU B 130 -17.87 15.60 16.41
N GLN B 131 -18.36 14.65 15.62
CA GLN B 131 -18.29 13.25 16.04
C GLN B 131 -17.04 12.57 15.51
N GLY B 132 -16.44 13.09 14.44
CA GLY B 132 -15.18 12.55 13.97
C GLY B 132 -14.70 13.02 12.61
N PHE B 133 -13.60 12.41 12.16
CA PHE B 133 -12.99 12.73 10.87
C PHE B 133 -13.01 11.51 9.96
N GLN B 134 -13.02 11.75 8.66
CA GLN B 134 -12.79 10.68 7.71
C GLN B 134 -11.76 11.15 6.68
N LEU B 135 -10.93 10.21 6.21
CA LEU B 135 -9.89 10.53 5.25
C LEU B 135 -9.91 9.56 4.07
N THR B 136 -9.84 10.11 2.86
CA THR B 136 -9.67 9.30 1.66
C THR B 136 -8.26 9.51 1.11
N HIS B 137 -7.61 8.42 0.74
CA HIS B 137 -6.22 8.44 0.31
C HIS B 137 -5.79 7.05 -0.14
N SER B 138 -4.71 6.98 -0.91
CA SER B 138 -4.07 5.71 -1.22
C SER B 138 -2.86 5.54 -0.31
N LEU B 139 -2.36 4.32 -0.21
CA LEU B 139 -1.17 4.06 0.60
C LEU B 139 0.08 3.88 -0.24
N GLY B 140 -0.09 3.83 -1.56
CA GLY B 140 1.00 3.48 -2.46
C GLY B 140 1.80 4.65 -3.00
N GLY B 141 1.27 5.85 -2.85
CA GLY B 141 1.94 7.05 -3.32
C GLY B 141 2.71 7.76 -2.23
N GLY B 142 2.81 9.08 -2.33
CA GLY B 142 3.58 9.86 -1.39
C GLY B 142 2.76 10.82 -0.57
N THR B 143 1.83 11.50 -1.21
CA THR B 143 1.02 12.50 -0.52
C THR B 143 -0.03 11.83 0.36
N GLY B 144 -0.95 11.09 -0.25
CA GLY B 144 -2.01 10.42 0.50
C GLY B 144 -1.46 9.50 1.57
N SER B 145 -0.44 8.74 1.21
CA SER B 145 0.19 7.80 2.12
C SER B 145 1.02 8.50 3.21
N GLY B 146 1.96 9.34 2.77
CA GLY B 146 2.93 9.93 3.67
C GLY B 146 2.40 11.15 4.41
N MET B 147 1.83 12.10 3.69
CA MET B 147 1.30 13.29 4.32
C MET B 147 -0.05 13.02 4.99
N GLY B 148 -0.80 12.08 4.43
CA GLY B 148 -2.08 11.70 5.02
C GLY B 148 -1.92 11.14 6.42
N THR B 149 -0.94 10.28 6.61
CA THR B 149 -0.69 9.70 7.93
C THR B 149 -0.04 10.71 8.87
N LEU B 150 0.73 11.64 8.31
CA LEU B 150 1.27 12.73 9.11
C LEU B 150 0.12 13.58 9.63
N LEU B 151 -0.82 13.88 8.75
CA LEU B 151 -2.05 14.60 9.09
C LEU B 151 -2.81 13.91 10.22
N ILE B 152 -3.00 12.61 10.07
CA ILE B 152 -3.72 11.80 11.05
C ILE B 152 -3.03 11.86 12.41
N SER B 153 -1.71 11.86 12.42
CA SER B 153 -0.95 11.93 13.65
C SER B 153 -1.14 13.28 14.35
N LYS B 154 -1.17 14.35 13.57
CA LYS B 154 -1.32 15.68 14.13
C LYS B 154 -2.76 15.97 14.55
N ILE B 155 -3.73 15.41 13.82
CA ILE B 155 -5.12 15.54 14.21
C ILE B 155 -5.38 14.84 15.53
N ARG B 156 -4.75 13.68 15.73
CA ARG B 156 -4.91 12.97 16.99
C ARG B 156 -4.23 13.70 18.14
N GLU B 157 -3.27 14.56 17.83
CA GLU B 157 -2.60 15.35 18.85
C GLU B 157 -3.49 16.49 19.32
N GLU B 158 -4.16 17.12 18.38
CA GLU B 158 -5.02 18.26 18.67
C GLU B 158 -6.44 17.83 19.06
N TYR B 159 -6.87 16.65 18.60
CA TYR B 159 -8.19 16.12 18.91
C TYR B 159 -8.10 14.67 19.37
N PRO B 160 -7.53 14.43 20.56
CA PRO B 160 -7.22 13.06 20.99
C PRO B 160 -8.47 12.22 21.30
N ASP B 161 -9.61 12.87 21.44
CA ASP B 161 -10.85 12.17 21.79
C ASP B 161 -11.86 12.19 20.64
N ARG B 162 -11.37 12.33 19.41
CA ARG B 162 -12.24 12.30 18.25
C ARG B 162 -11.99 11.06 17.40
N ILE B 163 -13.05 10.49 16.85
CA ILE B 163 -12.95 9.33 15.98
C ILE B 163 -12.28 9.69 14.66
N MET B 164 -11.35 8.85 14.24
CA MET B 164 -10.69 8.99 12.94
C MET B 164 -10.85 7.71 12.13
N ASN B 165 -11.55 7.82 11.00
CA ASN B 165 -11.75 6.68 10.11
C ASN B 165 -11.13 6.94 8.74
N THR B 166 -10.56 5.91 8.12
CA THR B 166 -10.00 6.10 6.78
C THR B 166 -10.55 5.11 5.75
N PHE B 167 -10.72 5.61 4.54
CA PHE B 167 -10.91 4.77 3.37
C PHE B 167 -9.59 4.75 2.63
N SER B 168 -8.89 3.63 2.72
CA SER B 168 -7.51 3.55 2.27
C SER B 168 -7.32 2.57 1.12
N VAL B 169 -6.85 3.09 -0.02
CA VAL B 169 -6.61 2.26 -1.19
C VAL B 169 -5.25 1.55 -1.12
N MET B 170 -5.29 0.22 -1.03
CA MET B 170 -4.08 -0.60 -0.99
C MET B 170 -3.52 -0.81 -2.38
N PRO B 171 -2.18 -0.71 -2.52
CA PRO B 171 -1.52 -0.91 -3.82
C PRO B 171 -1.47 -2.36 -4.26
N SER B 172 -1.41 -2.57 -5.58
CA SER B 172 -1.29 -3.91 -6.15
C SER B 172 -0.54 -3.84 -7.47
N PRO B 173 0.34 -4.82 -7.72
CA PRO B 173 1.09 -4.89 -8.99
C PRO B 173 0.18 -4.89 -10.22
N LYS B 174 -1.05 -5.37 -10.07
CA LYS B 174 -2.01 -5.39 -11.17
C LYS B 174 -2.38 -3.99 -11.59
N VAL B 175 -2.58 -3.12 -10.60
CA VAL B 175 -2.88 -1.71 -10.84
C VAL B 175 -1.81 -0.87 -10.15
N SER B 176 -0.68 -0.69 -10.83
CA SER B 176 0.50 -0.15 -10.19
C SER B 176 1.08 1.06 -10.93
N ASP B 177 1.50 2.06 -10.17
CA ASP B 177 2.15 3.25 -10.73
C ASP B 177 3.67 3.14 -10.67
N THR B 178 4.20 2.78 -9.51
CA THR B 178 5.63 2.67 -9.32
C THR B 178 5.96 1.39 -8.54
N VAL B 179 7.24 1.05 -8.47
CA VAL B 179 7.66 -0.16 -7.77
C VAL B 179 7.81 0.03 -6.26
N VAL B 180 7.80 1.28 -5.80
CA VAL B 180 8.02 1.56 -4.38
C VAL B 180 6.72 1.56 -3.55
N GLU B 181 5.61 1.21 -4.18
CA GLU B 181 4.31 1.17 -3.49
C GLU B 181 4.28 0.27 -2.24
N PRO B 182 4.91 -0.93 -2.29
CA PRO B 182 4.96 -1.71 -1.05
C PRO B 182 5.70 -1.01 0.08
N TYR B 183 6.74 -0.25 -0.25
CA TYR B 183 7.46 0.55 0.74
C TYR B 183 6.54 1.58 1.40
N ASN B 184 5.86 2.38 0.58
CA ASN B 184 4.96 3.42 1.08
C ASN B 184 3.78 2.84 1.86
N ALA B 185 3.26 1.70 1.39
CA ALA B 185 2.11 1.08 2.04
C ALA B 185 2.48 0.55 3.41
N THR B 186 3.62 -0.14 3.48
CA THR B 186 4.10 -0.71 4.73
C THR B 186 4.35 0.37 5.79
N LEU B 187 5.00 1.45 5.38
CA LEU B 187 5.22 2.59 6.28
C LEU B 187 3.90 3.19 6.76
N SER B 188 2.91 3.22 5.87
CA SER B 188 1.61 3.80 6.20
C SER B 188 0.77 2.91 7.11
N VAL B 189 0.83 1.60 6.90
CA VAL B 189 0.00 0.66 7.65
C VAL B 189 0.24 0.78 9.15
N HIS B 190 1.50 0.96 9.56
CA HIS B 190 1.76 1.07 10.99
C HIS B 190 1.16 2.33 11.59
N GLN B 191 1.17 3.41 10.82
CA GLN B 191 0.52 4.65 11.25
C GLN B 191 -0.97 4.41 11.48
N LEU B 192 -1.58 3.64 10.58
CA LEU B 192 -3.02 3.39 10.64
C LEU B 192 -3.38 2.47 11.82
N VAL B 193 -2.50 1.51 12.10
CA VAL B 193 -2.68 0.60 13.23
C VAL B 193 -2.81 1.38 14.55
N GLU B 194 -2.06 2.47 14.66
CA GLU B 194 -2.02 3.25 15.89
C GLU B 194 -3.08 4.35 15.96
N ASN B 195 -3.37 5.01 14.84
CA ASN B 195 -4.12 6.26 14.91
C ASN B 195 -5.45 6.33 14.16
N THR B 196 -6.01 5.19 13.75
CA THR B 196 -7.37 5.20 13.24
C THR B 196 -8.27 4.27 14.05
N ASP B 197 -9.57 4.55 14.00
CA ASP B 197 -10.57 3.70 14.64
C ASP B 197 -11.17 2.71 13.65
N GLU B 198 -11.28 3.14 12.39
CA GLU B 198 -11.70 2.27 11.31
C GLU B 198 -10.86 2.55 10.08
N THR B 199 -10.33 1.50 9.46
CA THR B 199 -9.70 1.64 8.16
C THR B 199 -10.33 0.67 7.18
N TYR B 200 -11.00 1.22 6.18
CA TYR B 200 -11.61 0.41 5.14
C TYR B 200 -10.55 0.07 4.11
N CYS B 201 -10.19 -1.21 4.04
CA CYS B 201 -9.12 -1.68 3.18
C CYS B 201 -9.62 -1.90 1.77
N ILE B 202 -9.49 -0.87 0.95
CA ILE B 202 -9.95 -0.92 -0.42
C ILE B 202 -8.79 -1.33 -1.31
N ASP B 203 -8.82 -2.58 -1.75
CA ASP B 203 -7.70 -3.14 -2.50
C ASP B 203 -7.91 -2.93 -4.00
N ASN B 204 -6.93 -2.32 -4.63
CA ASN B 204 -6.99 -2.07 -6.07
C ASN B 204 -6.96 -3.37 -6.87
N GLU B 205 -6.41 -4.42 -6.28
CA GLU B 205 -6.43 -5.73 -6.92
C GLU B 205 -7.86 -6.22 -7.05
N ALA B 206 -8.58 -6.24 -5.92
CA ALA B 206 -9.97 -6.67 -5.89
C ALA B 206 -10.84 -5.81 -6.80
N LEU B 207 -10.63 -4.50 -6.77
CA LEU B 207 -11.39 -3.57 -7.61
C LEU B 207 -11.17 -3.86 -9.09
N TYR B 208 -9.93 -4.21 -9.42
CA TYR B 208 -9.60 -4.57 -10.79
C TYR B 208 -10.33 -5.85 -11.19
N ASP B 209 -10.14 -6.90 -10.40
CA ASP B 209 -10.75 -8.19 -10.66
C ASP B 209 -12.27 -8.13 -10.79
N ILE B 210 -12.90 -7.27 -9.99
CA ILE B 210 -14.34 -7.10 -10.06
C ILE B 210 -14.75 -6.48 -11.40
N CYS B 211 -14.07 -5.39 -11.77
CA CYS B 211 -14.32 -4.73 -13.04
C CYS B 211 -14.06 -5.66 -14.22
N PHE B 212 -13.09 -6.56 -14.06
CA PHE B 212 -12.67 -7.43 -15.15
C PHE B 212 -13.50 -8.72 -15.19
N ARG B 213 -13.33 -9.56 -14.16
CA ARG B 213 -13.96 -10.88 -14.12
C ARG B 213 -15.48 -10.82 -14.03
N THR B 214 -16.01 -9.80 -13.36
CA THR B 214 -17.43 -9.75 -13.06
C THR B 214 -18.19 -8.71 -13.88
N LEU B 215 -17.67 -7.49 -13.93
CA LEU B 215 -18.34 -6.41 -14.66
C LEU B 215 -17.99 -6.48 -16.15
N LYS B 216 -17.14 -7.43 -16.51
CA LYS B 216 -16.78 -7.70 -17.90
C LYS B 216 -16.25 -6.47 -18.64
N LEU B 217 -15.50 -5.65 -17.93
CA LEU B 217 -14.80 -4.52 -18.53
C LEU B 217 -13.37 -4.93 -18.85
N THR B 218 -13.05 -5.08 -20.13
CA THR B 218 -11.77 -5.67 -20.55
C THR B 218 -10.57 -4.78 -20.20
N THR B 219 -10.75 -3.47 -20.23
CA THR B 219 -9.68 -2.56 -19.85
C THR B 219 -10.18 -1.48 -18.89
N PRO B 220 -10.29 -1.84 -17.60
CA PRO B 220 -10.80 -0.90 -16.59
C PRO B 220 -9.84 0.25 -16.31
N THR B 221 -10.40 1.44 -16.13
CA THR B 221 -9.64 2.63 -15.77
C THR B 221 -9.72 2.88 -14.28
N TYR B 222 -9.07 3.94 -13.81
CA TYR B 222 -9.20 4.35 -12.43
C TYR B 222 -10.63 4.80 -12.18
N GLY B 223 -11.24 5.41 -13.20
CA GLY B 223 -12.64 5.82 -13.13
C GLY B 223 -13.59 4.67 -12.86
N ASP B 224 -13.37 3.54 -13.51
CA ASP B 224 -14.19 2.35 -13.26
C ASP B 224 -13.99 1.86 -11.84
N LEU B 225 -12.74 1.86 -11.39
CA LEU B 225 -12.39 1.42 -10.05
C LEU B 225 -13.02 2.31 -8.99
N ASN B 226 -13.09 3.62 -9.27
CA ASN B 226 -13.61 4.58 -8.30
C ASN B 226 -15.12 4.59 -8.21
N HIS B 227 -15.79 4.06 -9.24
CA HIS B 227 -17.24 3.90 -9.19
C HIS B 227 -17.64 2.92 -8.10
N LEU B 228 -16.85 1.86 -7.94
CA LEU B 228 -17.06 0.87 -6.89
C LEU B 228 -16.80 1.47 -5.51
N VAL B 229 -15.79 2.33 -5.43
CA VAL B 229 -15.40 2.93 -4.16
C VAL B 229 -16.44 3.90 -3.64
N SER B 230 -16.89 4.81 -4.50
CA SER B 230 -17.90 5.79 -4.11
C SER B 230 -19.22 5.13 -3.78
N ALA B 231 -19.56 4.06 -4.50
CA ALA B 231 -20.79 3.32 -4.22
C ALA B 231 -20.71 2.66 -2.85
N THR B 232 -19.52 2.21 -2.47
CA THR B 232 -19.31 1.56 -1.18
C THR B 232 -19.32 2.58 -0.04
N MET B 233 -18.69 3.73 -0.29
CA MET B 233 -18.62 4.78 0.72
C MET B 233 -20.00 5.39 1.01
N SER B 234 -20.82 5.48 -0.04
CA SER B 234 -22.21 5.90 0.12
C SER B 234 -22.95 4.96 1.06
N GLY B 235 -22.74 3.66 0.87
CA GLY B 235 -23.38 2.65 1.68
C GLY B 235 -22.88 2.62 3.12
N VAL B 236 -21.58 2.77 3.29
CA VAL B 236 -20.97 2.72 4.62
C VAL B 236 -21.45 3.90 5.48
N THR B 237 -21.79 5.01 4.84
CA THR B 237 -22.20 6.21 5.55
C THR B 237 -23.70 6.50 5.47
N THR B 238 -24.46 5.60 4.83
CA THR B 238 -25.92 5.71 4.77
C THR B 238 -26.51 5.84 6.16
N CYS B 239 -26.09 4.92 7.02
CA CYS B 239 -26.36 4.94 8.45
C CYS B 239 -26.34 6.33 9.08
N LEU B 240 -25.38 7.15 8.67
CA LEU B 240 -25.15 8.45 9.28
C LEU B 240 -25.88 9.58 8.56
N ARG B 241 -26.22 9.38 7.30
CA ARG B 241 -26.77 10.46 6.48
C ARG B 241 -28.29 10.43 6.39
N PHE B 242 -28.89 9.28 6.68
CA PHE B 242 -30.34 9.14 6.58
C PHE B 242 -30.95 8.59 7.86
N PRO B 243 -32.18 9.02 8.19
CA PRO B 243 -32.90 8.48 9.33
C PRO B 243 -33.28 7.02 9.12
N GLY B 244 -33.33 6.25 10.20
CA GLY B 244 -33.69 4.85 10.12
C GLY B 244 -33.48 4.12 11.43
N GLN B 245 -33.40 2.79 11.32
CA GLN B 245 -33.17 1.91 12.47
C GLN B 245 -31.97 2.34 13.30
N LEU B 246 -30.96 2.84 12.60
CA LEU B 246 -29.67 3.15 13.20
C LEU B 246 -29.45 4.66 13.31
N ASN B 247 -29.04 5.11 14.49
CA ASN B 247 -28.62 6.50 14.66
C ASN B 247 -27.38 6.61 15.54
N ALA B 248 -26.51 5.62 15.41
CA ALA B 248 -25.24 5.61 16.14
C ALA B 248 -24.27 6.65 15.57
N ASP B 249 -23.54 7.33 16.45
CA ASP B 249 -22.47 8.20 15.97
C ASP B 249 -21.26 7.33 15.67
N LEU B 250 -20.20 7.93 15.12
CA LEU B 250 -19.02 7.17 14.72
C LEU B 250 -18.46 6.31 15.84
N ARG B 251 -18.43 6.87 17.06
CA ARG B 251 -17.88 6.15 18.20
C ARG B 251 -18.68 4.88 18.53
N LYS B 252 -20.00 5.01 18.57
CA LYS B 252 -20.86 3.87 18.89
C LYS B 252 -20.76 2.80 17.81
N LEU B 253 -20.62 3.24 16.55
CA LEU B 253 -20.43 2.32 15.45
C LEU B 253 -19.15 1.52 15.62
N ALA B 254 -18.07 2.22 15.99
CA ALA B 254 -16.76 1.59 16.14
C ALA B 254 -16.71 0.64 17.33
N VAL B 255 -17.35 1.05 18.43
CA VAL B 255 -17.39 0.23 19.65
C VAL B 255 -17.90 -1.18 19.36
N ASN B 256 -18.98 -1.28 18.59
CA ASN B 256 -19.59 -2.58 18.33
C ASN B 256 -18.93 -3.36 17.19
N MET B 257 -17.92 -2.77 16.56
CA MET B 257 -17.24 -3.41 15.44
C MET B 257 -15.78 -3.77 15.76
N VAL B 258 -15.20 -3.11 16.75
CA VAL B 258 -13.77 -3.24 17.02
C VAL B 258 -13.50 -3.79 18.42
N PRO B 259 -13.29 -5.12 18.52
CA PRO B 259 -13.07 -5.80 19.81
C PRO B 259 -11.65 -5.62 20.34
N PHE B 260 -10.71 -5.35 19.44
CA PHE B 260 -9.32 -5.12 19.81
C PHE B 260 -8.83 -3.90 19.04
N PRO B 261 -8.14 -2.98 19.72
CA PRO B 261 -7.81 -1.65 19.18
C PRO B 261 -7.03 -1.70 17.86
N ARG B 262 -6.12 -2.65 17.72
CA ARG B 262 -5.27 -2.70 16.53
C ARG B 262 -5.95 -3.40 15.35
N LEU B 263 -6.92 -4.26 15.63
CA LEU B 263 -7.60 -5.01 14.58
C LEU B 263 -8.85 -4.28 14.09
N HIS B 264 -8.64 -3.17 13.38
CA HIS B 264 -9.75 -2.33 12.95
C HIS B 264 -9.71 -2.09 11.44
N PHE B 265 -9.19 -3.07 10.71
CA PHE B 265 -9.10 -2.98 9.27
C PHE B 265 -10.21 -3.82 8.63
N PHE B 266 -11.14 -3.13 7.96
CA PHE B 266 -12.38 -3.76 7.52
C PHE B 266 -12.33 -4.19 6.05
N MET B 267 -13.00 -5.31 5.76
CA MET B 267 -13.23 -5.73 4.38
C MET B 267 -14.60 -5.25 3.94
N PRO B 268 -14.64 -4.26 3.04
CA PRO B 268 -15.93 -3.76 2.56
C PRO B 268 -16.46 -4.57 1.37
N GLY B 269 -17.78 -4.53 1.17
CA GLY B 269 -18.39 -5.22 0.06
C GLY B 269 -19.67 -4.51 -0.37
N PHE B 270 -20.13 -4.82 -1.58
CA PHE B 270 -21.31 -4.15 -2.11
C PHE B 270 -22.09 -5.07 -3.05
N ALA B 271 -23.41 -4.95 -3.01
CA ALA B 271 -24.28 -5.70 -3.92
C ALA B 271 -25.51 -4.88 -4.24
N PRO B 272 -25.95 -4.89 -5.51
CA PRO B 272 -25.34 -5.65 -6.61
C PRO B 272 -24.16 -4.92 -7.23
N LEU B 273 -23.22 -5.66 -7.79
CA LEU B 273 -22.07 -5.05 -8.46
C LEU B 273 -22.48 -4.52 -9.83
N THR B 274 -22.29 -3.22 -10.04
CA THR B 274 -22.68 -2.56 -11.28
C THR B 274 -21.55 -1.75 -11.89
N SER B 275 -21.41 -1.87 -13.22
CA SER B 275 -20.49 -1.01 -13.96
C SER B 275 -21.22 0.27 -14.34
N ARG B 276 -20.46 1.35 -14.50
CA ARG B 276 -21.06 2.66 -14.78
C ARG B 276 -21.77 2.68 -16.13
N GLY B 277 -22.90 3.38 -16.18
CA GLY B 277 -23.65 3.53 -17.41
C GLY B 277 -24.53 2.33 -17.71
N SER B 278 -23.97 1.14 -17.57
CA SER B 278 -24.70 -0.08 -17.86
C SER B 278 -25.85 -0.30 -16.89
N GLN B 279 -26.96 0.34 -17.21
CA GLN B 279 -28.28 0.01 -16.69
C GLN B 279 -28.48 -1.51 -16.61
N GLN B 280 -29.22 -1.99 -15.62
CA GLN B 280 -29.94 -3.27 -15.73
C GLN B 280 -31.17 -3.26 -14.83
N TYR B 281 -32.22 -3.89 -15.33
CA TYR B 281 -33.58 -3.51 -15.02
C TYR B 281 -34.26 -4.38 -13.96
N ARG B 282 -33.75 -5.61 -13.78
CA ARG B 282 -34.30 -6.49 -12.75
C ARG B 282 -33.59 -6.29 -11.41
N ALA B 283 -34.35 -5.89 -10.40
CA ALA B 283 -33.80 -5.74 -9.07
C ALA B 283 -33.51 -7.12 -8.49
N LEU B 284 -32.59 -7.17 -7.53
CA LEU B 284 -32.22 -8.43 -6.92
C LEU B 284 -33.22 -8.81 -5.83
N THR B 285 -33.48 -10.10 -5.69
CA THR B 285 -34.27 -10.58 -4.57
C THR B 285 -33.38 -10.55 -3.34
N VAL B 286 -33.99 -10.46 -2.17
CA VAL B 286 -33.24 -10.42 -0.91
C VAL B 286 -32.29 -11.62 -0.72
N PRO B 287 -32.71 -12.84 -1.13
CA PRO B 287 -31.72 -13.91 -1.04
C PRO B 287 -30.51 -13.69 -1.96
N GLU B 288 -30.72 -13.00 -3.07
CA GLU B 288 -29.63 -12.72 -4.00
C GLU B 288 -28.67 -11.67 -3.42
N LEU B 289 -29.22 -10.60 -2.85
CA LEU B 289 -28.43 -9.58 -2.18
C LEU B 289 -27.52 -10.16 -1.11
N THR B 290 -28.13 -10.97 -0.24
CA THR B 290 -27.45 -11.51 0.92
C THR B 290 -26.33 -12.48 0.54
N GLN B 291 -26.59 -13.32 -0.46
CA GLN B 291 -25.62 -14.31 -0.90
C GLN B 291 -24.42 -13.65 -1.59
N GLN B 292 -24.68 -12.57 -2.33
CA GLN B 292 -23.62 -11.88 -3.05
C GLN B 292 -22.70 -11.11 -2.10
N MET B 293 -23.28 -10.43 -1.13
CA MET B 293 -22.51 -9.59 -0.21
C MET B 293 -21.60 -10.41 0.71
N PHE B 294 -21.86 -11.70 0.81
CA PHE B 294 -21.01 -12.59 1.60
C PHE B 294 -20.03 -13.35 0.71
N ASP B 295 -20.24 -13.27 -0.60
CA ASP B 295 -19.38 -13.96 -1.56
C ASP B 295 -18.09 -13.17 -1.76
N SER B 296 -16.98 -13.88 -1.85
CA SER B 296 -15.66 -13.25 -1.96
C SER B 296 -15.54 -12.33 -3.18
N LYS B 297 -16.32 -12.62 -4.22
CA LYS B 297 -16.24 -11.86 -5.47
C LYS B 297 -16.80 -10.44 -5.35
N ASN B 298 -17.49 -10.16 -4.25
CA ASN B 298 -17.98 -8.81 -4.00
C ASN B 298 -17.12 -8.07 -2.97
N MET B 299 -16.17 -8.80 -2.39
CA MET B 299 -15.22 -8.23 -1.45
C MET B 299 -14.26 -7.28 -2.17
N MET B 300 -13.89 -6.18 -1.53
CA MET B 300 -13.00 -5.21 -2.15
C MET B 300 -11.60 -5.22 -1.53
N ALA B 301 -11.28 -6.29 -0.81
CA ALA B 301 -9.99 -6.40 -0.14
C ALA B 301 -9.12 -7.53 -0.69
N ALA B 302 -9.67 -8.30 -1.63
CA ALA B 302 -8.96 -9.43 -2.26
C ALA B 302 -8.39 -10.39 -1.22
N CYS B 303 -9.19 -10.66 -0.20
CA CYS B 303 -8.89 -11.68 0.78
C CYS B 303 -10.02 -12.70 0.76
N ASP B 304 -9.69 -13.97 0.97
CA ASP B 304 -10.71 -15.02 1.01
C ASP B 304 -11.21 -15.15 2.44
N PRO B 305 -12.47 -14.75 2.69
CA PRO B 305 -13.04 -14.78 4.04
C PRO B 305 -13.12 -16.20 4.60
N ARG B 306 -13.08 -17.20 3.73
CA ARG B 306 -13.07 -18.59 4.17
C ARG B 306 -11.72 -18.99 4.73
N HIS B 307 -10.71 -18.13 4.54
CA HIS B 307 -9.38 -18.40 5.06
C HIS B 307 -9.17 -17.76 6.43
N GLY B 308 -10.24 -17.21 6.98
CA GLY B 308 -10.18 -16.61 8.30
C GLY B 308 -11.49 -16.73 9.03
N ARG B 309 -11.68 -15.90 10.04
CA ARG B 309 -12.94 -15.88 10.79
C ARG B 309 -13.42 -14.45 11.02
N TYR B 310 -14.72 -14.26 10.93
CA TYR B 310 -15.32 -12.95 11.18
C TYR B 310 -15.40 -12.64 12.67
N LEU B 311 -14.78 -11.54 13.07
CA LEU B 311 -14.90 -11.04 14.43
C LEU B 311 -16.25 -10.37 14.61
N THR B 312 -16.55 -9.44 13.72
CA THR B 312 -17.84 -8.76 13.67
C THR B 312 -18.22 -8.55 12.22
N VAL B 313 -19.52 -8.48 11.96
CA VAL B 313 -20.02 -8.17 10.63
C VAL B 313 -21.15 -7.16 10.72
N ALA B 314 -21.12 -6.15 9.86
CA ALA B 314 -22.23 -5.21 9.75
C ALA B 314 -22.73 -5.16 8.32
N ALA B 315 -24.04 -5.13 8.13
CA ALA B 315 -24.63 -5.06 6.80
C ALA B 315 -25.80 -4.07 6.77
N ILE B 316 -25.74 -3.12 5.85
CA ILE B 316 -26.79 -2.14 5.70
C ILE B 316 -27.55 -2.36 4.39
N PHE B 317 -28.84 -2.62 4.47
CA PHE B 317 -29.66 -2.83 3.28
C PHE B 317 -30.43 -1.58 2.93
N ARG B 318 -30.46 -1.22 1.65
CA ARG B 318 -31.13 0.01 1.23
C ARG B 318 -32.26 -0.28 0.25
N GLY B 319 -33.39 0.40 0.43
CA GLY B 319 -34.51 0.26 -0.47
C GLY B 319 -35.77 -0.22 0.23
N ARG B 320 -36.85 -0.32 -0.55
CA ARG B 320 -38.12 -0.83 -0.04
C ARG B 320 -38.11 -2.35 -0.11
N MET B 321 -38.10 -3.00 1.04
CA MET B 321 -38.02 -4.46 1.07
C MET B 321 -38.52 -5.05 2.39
N SER B 322 -38.74 -6.35 2.40
CA SER B 322 -39.17 -7.05 3.60
C SER B 322 -37.98 -7.34 4.51
N MET B 323 -37.87 -6.59 5.59
CA MET B 323 -36.82 -6.80 6.59
C MET B 323 -36.97 -8.14 7.31
N LYS B 324 -38.20 -8.66 7.34
CA LYS B 324 -38.39 -9.99 7.90
C LYS B 324 -37.67 -10.99 7.01
N GLU B 325 -37.76 -10.77 5.70
CA GLU B 325 -37.07 -11.60 4.73
C GLU B 325 -35.56 -11.37 4.82
N VAL B 326 -35.17 -10.15 5.14
CA VAL B 326 -33.76 -9.84 5.36
C VAL B 326 -33.25 -10.62 6.57
N ASP B 327 -34.01 -10.56 7.65
CA ASP B 327 -33.69 -11.28 8.89
C ASP B 327 -33.44 -12.76 8.62
N GLU B 328 -34.32 -13.37 7.84
CA GLU B 328 -34.26 -14.80 7.58
C GLU B 328 -33.05 -15.18 6.72
N GLN B 329 -32.74 -14.36 5.73
CA GLN B 329 -31.62 -14.66 4.83
C GLN B 329 -30.28 -14.43 5.52
N MET B 330 -30.23 -13.42 6.38
CA MET B 330 -29.01 -13.14 7.13
C MET B 330 -28.70 -14.28 8.08
N LEU B 331 -29.71 -14.71 8.83
CA LEU B 331 -29.55 -15.82 9.75
C LEU B 331 -29.49 -17.14 9.01
N ASN B 332 -29.81 -17.13 7.72
CA ASN B 332 -29.57 -18.29 6.88
C ASN B 332 -28.07 -18.45 6.65
N VAL B 333 -27.44 -17.40 6.12
CA VAL B 333 -26.01 -17.37 5.82
C VAL B 333 -25.13 -17.76 7.01
N GLN B 334 -25.39 -17.17 8.17
CA GLN B 334 -24.61 -17.48 9.36
C GLN B 334 -24.79 -18.94 9.76
N ASN B 335 -26.03 -19.32 10.05
CA ASN B 335 -26.33 -20.68 10.50
C ASN B 335 -25.88 -21.75 9.52
N LYS B 336 -25.72 -21.38 8.26
CA LYS B 336 -25.14 -22.29 7.28
C LYS B 336 -23.63 -22.36 7.50
N ASN B 337 -22.98 -21.21 7.62
CA ASN B 337 -21.51 -21.15 7.71
C ASN B 337 -20.96 -20.68 9.05
N SER B 338 -21.52 -21.19 10.16
CA SER B 338 -21.15 -20.67 11.48
C SER B 338 -19.72 -21.01 11.91
N SER B 339 -18.94 -21.60 11.01
CA SER B 339 -17.55 -21.92 11.31
C SER B 339 -16.60 -20.80 10.88
N TYR B 340 -17.15 -19.82 10.16
CA TYR B 340 -16.35 -18.67 9.73
C TYR B 340 -16.67 -17.44 10.58
N PHE B 341 -17.42 -17.67 11.66
CA PHE B 341 -17.68 -16.64 12.65
C PHE B 341 -17.11 -17.10 13.99
N VAL B 342 -16.41 -16.21 14.69
CA VAL B 342 -15.91 -16.55 16.02
C VAL B 342 -17.10 -16.82 16.92
N GLU B 343 -16.93 -17.73 17.88
CA GLU B 343 -18.04 -18.13 18.73
C GLU B 343 -17.95 -17.47 20.10
N TRP B 344 -16.92 -16.68 20.33
CA TRP B 344 -16.75 -16.00 21.62
C TRP B 344 -17.15 -14.52 21.54
N ILE B 345 -17.84 -14.16 20.48
CA ILE B 345 -18.50 -12.85 20.41
C ILE B 345 -19.94 -13.09 19.97
N PRO B 346 -20.85 -13.26 20.94
CA PRO B 346 -22.25 -13.61 20.66
C PRO B 346 -22.94 -12.57 19.78
N ASN B 347 -23.73 -13.03 18.81
CA ASN B 347 -24.53 -12.17 17.96
C ASN B 347 -23.70 -11.10 17.25
N ASN B 348 -22.56 -11.52 16.69
CA ASN B 348 -21.61 -10.57 16.11
C ASN B 348 -21.93 -10.20 14.66
N VAL B 349 -23.14 -10.55 14.21
CA VAL B 349 -23.59 -10.18 12.87
C VAL B 349 -24.81 -9.29 12.96
N LYS B 350 -24.67 -8.03 12.59
CA LYS B 350 -25.74 -7.05 12.75
C LYS B 350 -26.18 -6.44 11.42
N THR B 351 -27.46 -6.09 11.35
CA THR B 351 -28.07 -5.63 10.12
C THR B 351 -28.90 -4.36 10.36
N ALA B 352 -29.05 -3.55 9.32
CA ALA B 352 -29.91 -2.36 9.38
C ALA B 352 -30.48 -2.09 8.00
N VAL B 353 -31.61 -1.41 7.95
CA VAL B 353 -32.22 -0.98 6.70
C VAL B 353 -32.47 0.52 6.62
N CYS B 354 -32.19 1.09 5.44
CA CYS B 354 -32.65 2.43 5.06
C CYS B 354 -33.64 2.33 3.90
N ASP B 355 -34.74 3.10 3.96
CA ASP B 355 -35.76 3.08 2.91
C ASP B 355 -35.25 3.64 1.58
N ILE B 356 -34.37 4.63 1.67
CA ILE B 356 -33.84 5.29 0.48
C ILE B 356 -32.76 4.46 -0.20
N PRO B 357 -33.03 4.00 -1.43
CA PRO B 357 -32.02 3.29 -2.21
C PRO B 357 -31.05 4.28 -2.87
N PRO B 358 -29.86 3.81 -3.26
CA PRO B 358 -28.96 4.71 -4.00
C PRO B 358 -29.50 4.97 -5.40
N ARG B 359 -28.91 5.92 -6.11
CA ARG B 359 -29.32 6.20 -7.48
C ARG B 359 -29.05 5.03 -8.41
N GLY B 360 -30.09 4.57 -9.11
CA GLY B 360 -29.93 3.55 -10.13
C GLY B 360 -30.34 2.16 -9.72
N LEU B 361 -30.51 1.96 -8.42
CA LEU B 361 -30.87 0.64 -7.89
C LEU B 361 -32.13 0.72 -7.04
N LYS B 362 -33.00 -0.28 -7.18
CA LYS B 362 -34.23 -0.31 -6.39
C LYS B 362 -33.91 -0.86 -5.00
N MET B 363 -32.85 -1.66 -4.91
CA MET B 363 -32.36 -2.09 -3.62
C MET B 363 -30.89 -2.51 -3.68
N SER B 364 -30.19 -2.32 -2.58
CA SER B 364 -28.77 -2.64 -2.51
C SER B 364 -28.36 -2.99 -1.09
N ALA B 365 -27.16 -3.53 -0.95
CA ALA B 365 -26.65 -3.89 0.36
C ALA B 365 -25.15 -3.62 0.44
N THR B 366 -24.72 -3.00 1.52
CA THR B 366 -23.30 -2.75 1.72
C THR B 366 -22.79 -3.63 2.86
N PHE B 367 -21.64 -4.26 2.62
CA PHE B 367 -21.06 -5.20 3.55
C PHE B 367 -19.86 -4.59 4.26
N ILE B 368 -19.78 -4.78 5.57
CA ILE B 368 -18.61 -4.37 6.34
C ILE B 368 -18.15 -5.52 7.22
N GLY B 369 -17.10 -6.21 6.79
CA GLY B 369 -16.59 -7.36 7.52
C GLY B 369 -15.29 -7.07 8.25
N ASN B 370 -15.26 -7.38 9.55
CA ASN B 370 -14.02 -7.38 10.30
C ASN B 370 -13.51 -8.81 10.42
N SER B 371 -12.82 -9.27 9.39
CA SER B 371 -12.35 -10.65 9.33
C SER B 371 -10.87 -10.76 9.61
N THR B 372 -10.45 -11.92 10.15
CA THR B 372 -9.02 -12.17 10.36
C THR B 372 -8.35 -12.53 9.03
N ALA B 373 -9.16 -12.73 7.99
CA ALA B 373 -8.63 -13.05 6.67
C ALA B 373 -7.94 -11.85 6.03
N ILE B 374 -8.13 -10.67 6.63
CA ILE B 374 -7.52 -9.44 6.13
C ILE B 374 -5.99 -9.52 6.23
N GLN B 375 -5.50 -10.46 7.03
CA GLN B 375 -4.07 -10.65 7.20
C GLN B 375 -3.41 -11.05 5.89
N GLU B 376 -4.19 -11.56 4.95
CA GLU B 376 -3.67 -11.97 3.65
C GLU B 376 -3.22 -10.74 2.87
N LEU B 377 -3.92 -9.63 3.10
CA LEU B 377 -3.58 -8.36 2.46
C LEU B 377 -2.22 -7.88 2.94
N PHE B 378 -2.00 -7.95 4.25
CA PHE B 378 -0.77 -7.45 4.84
C PHE B 378 0.40 -8.38 4.59
N LYS B 379 0.14 -9.68 4.51
CA LYS B 379 1.18 -10.65 4.14
C LYS B 379 1.65 -10.40 2.71
N ARG B 380 0.70 -10.11 1.83
CA ARG B 380 1.00 -9.82 0.43
C ARG B 380 1.92 -8.61 0.31
N ILE B 381 1.57 -7.52 1.00
CA ILE B 381 2.38 -6.31 1.01
C ILE B 381 3.76 -6.59 1.63
N SER B 382 3.77 -7.42 2.67
CA SER B 382 5.01 -7.77 3.36
C SER B 382 5.99 -8.51 2.46
N GLU B 383 5.47 -9.48 1.69
CA GLU B 383 6.29 -10.24 0.75
C GLU B 383 6.94 -9.34 -0.28
N GLN B 384 6.14 -8.42 -0.83
CA GLN B 384 6.62 -7.51 -1.85
C GLN B 384 7.60 -6.50 -1.27
N PHE B 385 7.37 -6.10 -0.02
CA PHE B 385 8.29 -5.25 0.72
C PHE B 385 9.66 -5.91 0.84
N THR B 386 9.64 -7.14 1.36
CA THR B 386 10.86 -7.89 1.65
C THR B 386 11.68 -8.20 0.40
N ALA B 387 10.99 -8.51 -0.71
CA ALA B 387 11.67 -8.86 -1.96
C ALA B 387 12.62 -7.76 -2.41
N MET B 388 12.23 -6.50 -2.19
CA MET B 388 13.08 -5.37 -2.53
C MET B 388 14.04 -5.00 -1.40
N PHE B 389 13.53 -5.04 -0.16
CA PHE B 389 14.29 -4.58 1.00
C PHE B 389 15.47 -5.50 1.32
N ARG B 390 15.36 -6.77 0.94
CA ARG B 390 16.45 -7.74 1.02
C ARG B 390 17.72 -7.19 0.37
N ARG B 391 17.54 -6.51 -0.76
CA ARG B 391 18.64 -5.98 -1.54
C ARG B 391 18.74 -4.47 -1.40
N LYS B 392 17.98 -3.93 -0.45
CA LYS B 392 17.92 -2.49 -0.18
C LYS B 392 17.63 -1.69 -1.44
N ALA B 393 16.83 -2.27 -2.33
CA ALA B 393 16.52 -1.67 -3.62
C ALA B 393 15.61 -0.47 -3.48
N PHE B 394 15.89 0.57 -4.26
CA PHE B 394 15.09 1.79 -4.34
C PHE B 394 15.06 2.57 -3.02
N LEU B 395 15.95 2.22 -2.10
CA LEU B 395 15.99 2.86 -0.79
C LEU B 395 16.55 4.28 -0.85
N HIS B 396 17.39 4.55 -1.85
CA HIS B 396 18.05 5.86 -1.96
C HIS B 396 17.02 6.98 -2.12
N TRP B 397 15.87 6.68 -2.69
CA TRP B 397 14.79 7.68 -2.77
C TRP B 397 14.37 8.14 -1.37
N TYR B 398 14.52 7.27 -0.39
CA TYR B 398 14.09 7.54 0.97
C TYR B 398 15.21 8.09 1.86
N THR B 399 16.37 7.45 1.83
CA THR B 399 17.53 7.92 2.60
C THR B 399 17.92 9.34 2.18
N GLY B 400 17.65 9.69 0.92
CA GLY B 400 17.89 11.04 0.43
C GLY B 400 17.00 12.09 1.06
N GLU B 401 15.95 11.66 1.77
CA GLU B 401 15.05 12.58 2.46
C GLU B 401 15.26 12.51 3.97
N GLY B 402 16.30 11.81 4.40
CA GLY B 402 16.67 11.78 5.80
C GLY B 402 16.30 10.50 6.55
N MET B 403 15.64 9.57 5.86
CA MET B 403 15.23 8.32 6.51
C MET B 403 16.38 7.33 6.65
N ASP B 404 16.29 6.49 7.67
CA ASP B 404 17.27 5.46 7.94
C ASP B 404 16.69 4.09 7.63
N GLU B 405 17.56 3.11 7.36
CA GLU B 405 17.13 1.73 7.12
C GLU B 405 16.34 1.17 8.30
N MET B 406 16.71 1.63 9.50
CA MET B 406 16.08 1.15 10.73
C MET B 406 14.57 1.39 10.73
N GLU B 407 14.14 2.52 10.20
CA GLU B 407 12.72 2.86 10.18
C GLU B 407 11.94 1.88 9.30
N PHE B 408 12.60 1.36 8.27
CA PHE B 408 12.02 0.34 7.40
C PHE B 408 11.94 -1.00 8.13
N THR B 409 13.03 -1.35 8.81
CA THR B 409 13.09 -2.59 9.59
C THR B 409 11.99 -2.61 10.67
N GLU B 410 11.77 -1.47 11.30
CA GLU B 410 10.71 -1.34 12.30
C GLU B 410 9.34 -1.49 11.65
N ALA B 411 9.11 -0.76 10.56
CA ALA B 411 7.84 -0.83 9.85
C ALA B 411 7.53 -2.25 9.42
N GLU B 412 8.55 -2.94 8.90
CA GLU B 412 8.43 -4.33 8.48
C GLU B 412 8.03 -5.21 9.65
N SER B 413 8.74 -5.03 10.76
CA SER B 413 8.43 -5.79 11.96
C SER B 413 7.02 -5.50 12.50
N ASN B 414 6.50 -4.26 12.49
CA ASN B 414 5.27 -4.16 13.25
C ASN B 414 4.11 -4.59 12.35
N MET B 415 4.33 -4.68 11.04
CA MET B 415 3.29 -5.27 10.18
C MET B 415 3.27 -6.80 10.32
N ASN B 416 4.43 -7.39 10.58
CA ASN B 416 4.49 -8.83 10.81
C ASN B 416 3.85 -9.17 12.15
N ASP B 417 3.93 -8.25 13.10
CA ASP B 417 3.26 -8.42 14.40
C ASP B 417 1.75 -8.38 14.20
N LEU B 418 1.29 -7.41 13.42
CA LEU B 418 -0.12 -7.29 13.08
C LEU B 418 -0.65 -8.57 12.45
N VAL B 419 0.14 -9.14 11.53
CA VAL B 419 -0.23 -10.38 10.86
C VAL B 419 -0.39 -11.51 11.87
N SER B 420 0.59 -11.65 12.77
CA SER B 420 0.56 -12.73 13.76
C SER B 420 -0.55 -12.50 14.79
N GLU B 421 -0.86 -11.23 15.06
CA GLU B 421 -1.93 -10.89 15.98
C GLU B 421 -3.28 -11.35 15.43
N TYR B 422 -3.44 -11.25 14.11
CA TYR B 422 -4.64 -11.76 13.45
C TYR B 422 -4.70 -13.28 13.52
N GLN B 423 -3.53 -13.91 13.44
CA GLN B 423 -3.46 -15.37 13.47
C GLN B 423 -3.86 -15.91 14.84
N GLN B 424 -3.55 -15.14 15.88
CA GLN B 424 -3.89 -15.51 17.25
C GLN B 424 -5.39 -15.73 17.43
N TYR B 425 -6.21 -14.82 16.90
CA TYR B 425 -7.66 -14.88 17.11
C TYR B 425 -8.38 -15.78 16.09
N GLN B 426 -7.68 -16.13 15.02
CA GLN B 426 -8.25 -17.01 14.01
C GLN B 426 -8.31 -18.45 14.54
N ASP B 427 -7.41 -18.77 15.45
CA ASP B 427 -7.31 -20.12 15.99
C ASP B 427 -7.92 -20.24 17.39
N ALA B 428 -8.46 -19.13 17.89
CA ALA B 428 -9.14 -19.14 19.18
C ALA B 428 -10.45 -19.91 19.10
N MET C 1 4.50 25.49 -13.80
CA MET C 1 5.95 25.64 -13.67
C MET C 1 6.68 24.36 -14.08
N ARG C 2 7.55 23.88 -13.18
CA ARG C 2 8.36 22.69 -13.42
C ARG C 2 9.25 22.85 -14.66
N GLU C 3 10.00 23.95 -14.70
CA GLU C 3 10.86 24.25 -15.84
C GLU C 3 12.08 23.33 -15.91
N CYS C 4 12.51 23.04 -17.13
CA CYS C 4 13.75 22.31 -17.36
C CYS C 4 14.68 23.16 -18.20
N ILE C 5 15.93 23.30 -17.74
CA ILE C 5 16.94 24.04 -18.49
C ILE C 5 17.87 23.06 -19.22
N SER C 6 18.00 23.22 -20.53
CA SER C 6 18.87 22.38 -21.32
C SER C 6 20.24 23.02 -21.49
N ILE C 7 21.29 22.22 -21.34
CA ILE C 7 22.64 22.71 -21.53
C ILE C 7 23.36 21.86 -22.58
N HIS C 8 23.80 22.50 -23.65
CA HIS C 8 24.43 21.80 -24.76
C HIS C 8 25.92 22.10 -24.82
N VAL C 9 26.74 21.07 -24.61
CA VAL C 9 28.18 21.25 -24.46
C VAL C 9 28.98 20.61 -25.60
N GLY C 10 29.81 21.43 -26.25
CA GLY C 10 30.69 20.93 -27.29
C GLY C 10 29.96 20.72 -28.60
N GLN C 11 30.69 20.27 -29.63
CA GLN C 11 30.10 20.12 -30.95
C GLN C 11 28.91 19.16 -30.98
N ALA C 12 29.10 17.96 -30.45
CA ALA C 12 28.03 16.96 -30.46
C ALA C 12 26.82 17.50 -29.69
N GLY C 13 27.06 18.02 -28.49
CA GLY C 13 26.00 18.57 -27.67
C GLY C 13 25.25 19.69 -28.36
N VAL C 14 25.99 20.63 -28.93
CA VAL C 14 25.39 21.77 -29.61
C VAL C 14 24.56 21.36 -30.83
N GLN C 15 25.13 20.54 -31.69
CA GLN C 15 24.47 20.18 -32.96
C GLN C 15 23.26 19.27 -32.73
N ILE C 16 23.31 18.46 -31.68
CA ILE C 16 22.14 17.68 -31.29
C ILE C 16 21.08 18.62 -30.70
N GLY C 17 21.54 19.66 -30.02
CA GLY C 17 20.65 20.70 -29.51
C GLY C 17 19.87 21.39 -30.63
N ASN C 18 20.56 21.70 -31.72
CA ASN C 18 19.91 22.26 -32.91
C ASN C 18 18.78 21.38 -33.41
N ALA C 19 19.08 20.09 -33.55
CA ALA C 19 18.11 19.12 -34.03
C ALA C 19 16.89 19.04 -33.11
N CYS C 20 17.13 19.00 -31.80
CA CYS C 20 16.03 18.88 -30.83
C CYS C 20 15.15 20.13 -30.81
N TRP C 21 15.75 21.31 -30.69
CA TRP C 21 14.96 22.53 -30.57
C TRP C 21 14.21 22.84 -31.87
N GLU C 22 14.78 22.48 -33.01
CA GLU C 22 14.04 22.62 -34.26
C GLU C 22 12.82 21.71 -34.22
N LEU C 23 13.02 20.49 -33.76
CA LEU C 23 11.95 19.51 -33.69
C LEU C 23 10.87 19.93 -32.66
N TYR C 24 11.30 20.45 -31.52
CA TYR C 24 10.38 20.97 -30.52
C TYR C 24 9.49 22.06 -31.09
N CYS C 25 10.10 23.00 -31.80
CA CYS C 25 9.36 24.12 -32.40
C CYS C 25 8.28 23.63 -33.36
N LEU C 26 8.62 22.65 -34.18
CA LEU C 26 7.65 22.06 -35.10
C LEU C 26 6.51 21.36 -34.34
N GLU C 27 6.85 20.73 -33.22
CA GLU C 27 5.86 19.99 -32.43
C GLU C 27 4.87 20.93 -31.73
N HIS C 28 5.35 22.10 -31.33
CA HIS C 28 4.51 23.05 -30.60
C HIS C 28 3.95 24.16 -31.48
N GLY C 29 4.30 24.14 -32.77
CA GLY C 29 3.85 25.16 -33.68
C GLY C 29 4.54 26.49 -33.43
N ILE C 30 5.81 26.41 -33.07
CA ILE C 30 6.61 27.60 -32.84
C ILE C 30 7.43 27.94 -34.08
N GLN C 31 7.30 29.17 -34.56
CA GLN C 31 7.97 29.62 -35.77
C GLN C 31 9.44 29.92 -35.50
N PRO C 32 10.25 29.99 -36.57
CA PRO C 32 11.68 30.29 -36.39
C PRO C 32 11.95 31.66 -35.75
N ASP C 33 10.96 32.54 -35.73
CA ASP C 33 11.15 33.85 -35.11
C ASP C 33 10.70 33.82 -33.65
N GLY C 34 10.19 32.67 -33.22
CA GLY C 34 9.78 32.48 -31.84
C GLY C 34 8.30 32.68 -31.61
N GLN C 35 7.61 33.22 -32.61
CA GLN C 35 6.18 33.46 -32.49
C GLN C 35 5.38 32.15 -32.52
N MET C 36 4.35 32.08 -31.69
CA MET C 36 3.48 30.92 -31.59
C MET C 36 2.02 31.36 -31.57
N PRO C 37 1.39 31.37 -32.76
CA PRO C 37 0.01 31.85 -32.99
C PRO C 37 -1.02 31.23 -32.05
N SER C 38 -0.94 29.92 -31.83
CA SER C 38 -1.95 29.23 -31.03
C SER C 38 -1.86 29.56 -29.53
N ASP C 39 -0.83 30.28 -29.13
CA ASP C 39 -0.64 30.65 -27.74
C ASP C 39 -1.27 32.01 -27.45
N LYS C 40 -2.39 31.99 -26.73
CA LYS C 40 -3.17 33.21 -26.50
C LYS C 40 -2.73 34.00 -25.26
N THR C 41 -2.03 33.35 -24.35
CA THR C 41 -1.50 34.04 -23.19
C THR C 41 -0.15 34.65 -23.53
N ILE C 42 -0.15 35.95 -23.82
CA ILE C 42 1.03 36.62 -24.32
C ILE C 42 1.97 37.06 -23.21
N GLY C 43 3.25 36.72 -23.34
CA GLY C 43 4.26 37.17 -22.40
C GLY C 43 4.51 36.22 -21.24
N GLY C 44 3.73 35.15 -21.16
CA GLY C 44 3.88 34.18 -20.10
C GLY C 44 2.89 33.04 -20.19
N GLY C 45 2.88 32.20 -19.16
CA GLY C 45 1.95 31.08 -19.11
C GLY C 45 2.48 29.90 -18.31
N ASP C 46 1.58 28.99 -17.97
CA ASP C 46 1.94 27.79 -17.23
C ASP C 46 1.56 26.54 -18.00
N ASP C 47 1.63 26.61 -19.32
CA ASP C 47 1.33 25.46 -20.16
C ASP C 47 2.46 24.44 -20.12
N SER C 48 2.21 23.25 -20.67
CA SER C 48 3.19 22.18 -20.63
C SER C 48 4.44 22.52 -21.44
N PHE C 49 4.28 23.26 -22.54
CA PHE C 49 5.43 23.61 -23.36
C PHE C 49 6.27 24.69 -22.69
N ASN C 50 5.73 25.31 -21.64
CA ASN C 50 6.46 26.34 -20.92
C ASN C 50 7.58 25.78 -20.06
N THR C 51 7.59 24.47 -19.86
CA THR C 51 8.68 23.81 -19.17
C THR C 51 9.99 23.99 -19.94
N PHE C 52 9.89 24.05 -21.27
CA PHE C 52 11.06 24.16 -22.12
C PHE C 52 11.19 25.52 -22.79
N PHE C 53 10.09 26.26 -22.83
CA PHE C 53 10.10 27.58 -23.47
C PHE C 53 9.66 28.67 -22.51
N SER C 54 10.42 29.76 -22.46
CA SER C 54 9.97 30.95 -21.75
C SER C 54 9.35 31.90 -22.78
N GLU C 55 8.68 32.94 -22.30
CA GLU C 55 7.99 33.87 -23.19
C GLU C 55 8.34 35.32 -22.90
N THR C 56 8.60 36.09 -23.96
CA THR C 56 8.82 37.53 -23.84
C THR C 56 7.51 38.26 -24.08
N GLY C 57 7.48 39.54 -23.71
CA GLY C 57 6.29 40.36 -23.88
C GLY C 57 5.91 40.53 -25.33
N ALA C 58 6.89 40.38 -26.22
CA ALA C 58 6.66 40.51 -27.65
C ALA C 58 6.18 39.19 -28.27
N GLY C 59 5.85 38.23 -27.40
CA GLY C 59 5.30 36.96 -27.84
C GLY C 59 6.32 35.95 -28.34
N LYS C 60 7.60 36.23 -28.13
CA LYS C 60 8.64 35.30 -28.54
C LYS C 60 8.76 34.16 -27.54
N HIS C 61 8.77 32.94 -28.05
CA HIS C 61 8.96 31.76 -27.21
C HIS C 61 10.42 31.33 -27.29
N VAL C 62 11.09 31.41 -26.15
CA VAL C 62 12.53 31.25 -26.08
C VAL C 62 12.91 29.97 -25.34
N PRO C 63 13.74 29.13 -25.97
CA PRO C 63 14.24 27.90 -25.34
C PRO C 63 14.92 28.19 -24.01
N ARG C 64 14.60 27.42 -22.99
CA ARG C 64 15.32 27.50 -21.73
C ARG C 64 16.61 26.73 -21.90
N ALA C 65 17.56 27.32 -22.63
CA ALA C 65 18.74 26.60 -23.05
C ALA C 65 19.99 27.46 -23.08
N VAL C 66 21.13 26.83 -22.76
CA VAL C 66 22.43 27.44 -22.95
C VAL C 66 23.26 26.55 -23.86
N PHE C 67 23.93 27.16 -24.84
CA PHE C 67 24.86 26.45 -25.71
C PHE C 67 26.28 26.87 -25.35
N VAL C 68 27.16 25.90 -25.13
CA VAL C 68 28.54 26.18 -24.73
C VAL C 68 29.55 25.37 -25.55
N ASP C 69 30.57 26.06 -26.06
CA ASP C 69 31.67 25.39 -26.75
C ASP C 69 32.92 26.23 -26.59
N LEU C 70 34.09 25.59 -26.50
CA LEU C 70 35.32 26.31 -26.24
C LEU C 70 35.92 26.84 -27.54
N GLU C 71 35.16 26.67 -28.61
CA GLU C 71 35.56 27.07 -29.95
C GLU C 71 34.29 27.55 -30.66
N PRO C 72 34.39 28.58 -31.51
CA PRO C 72 33.16 29.25 -31.94
C PRO C 72 32.44 28.73 -33.20
N THR C 73 33.07 27.94 -34.05
CA THR C 73 32.50 27.72 -35.39
C THR C 73 31.20 26.93 -35.40
N VAL C 74 31.01 26.03 -34.45
CA VAL C 74 29.78 25.26 -34.41
C VAL C 74 28.61 26.13 -33.95
N ILE C 75 28.81 26.86 -32.86
CA ILE C 75 27.77 27.74 -32.33
C ILE C 75 27.51 28.91 -33.28
N ASP C 76 28.53 29.34 -34.01
CA ASP C 76 28.36 30.40 -35.01
C ASP C 76 27.30 30.06 -36.06
N GLU C 77 27.19 28.77 -36.39
CA GLU C 77 26.16 28.33 -37.33
C GLU C 77 24.77 28.46 -36.72
N VAL C 78 24.70 28.38 -35.40
CA VAL C 78 23.43 28.62 -34.71
C VAL C 78 23.10 30.11 -34.73
N ARG C 79 24.13 30.94 -34.58
CA ARG C 79 23.97 32.39 -34.57
C ARG C 79 23.53 32.96 -35.92
N THR C 80 23.82 32.22 -36.99
CA THR C 80 23.48 32.69 -38.34
C THR C 80 22.52 31.74 -39.05
N GLY C 81 22.06 30.72 -38.34
CA GLY C 81 21.20 29.72 -38.93
C GLY C 81 19.74 30.10 -39.01
N THR C 82 18.89 29.12 -39.30
CA THR C 82 17.47 29.35 -39.50
C THR C 82 16.78 29.82 -38.22
N TYR C 83 17.28 29.35 -37.08
CA TYR C 83 16.64 29.61 -35.80
C TYR C 83 17.43 30.58 -34.93
N ARG C 84 18.16 31.48 -35.56
CA ARG C 84 18.98 32.45 -34.83
C ARG C 84 18.13 33.45 -34.04
N GLN C 85 16.89 33.67 -34.47
CA GLN C 85 16.01 34.61 -33.80
C GLN C 85 15.41 33.98 -32.55
N LEU C 86 15.52 32.67 -32.46
CA LEU C 86 14.96 31.90 -31.36
C LEU C 86 15.74 32.16 -30.08
N PHE C 87 17.05 32.30 -30.22
CA PHE C 87 17.94 32.41 -29.07
C PHE C 87 18.43 33.84 -28.84
N HIS C 88 18.43 34.23 -27.57
CA HIS C 88 19.10 35.46 -27.15
C HIS C 88 20.61 35.22 -27.21
N PRO C 89 21.36 36.20 -27.73
CA PRO C 89 22.83 36.12 -27.87
C PRO C 89 23.57 35.64 -26.62
N GLU C 90 23.04 35.92 -25.44
CA GLU C 90 23.71 35.53 -24.20
C GLU C 90 23.50 34.05 -23.86
N GLN C 91 22.64 33.37 -24.61
CA GLN C 91 22.45 31.94 -24.45
C GLN C 91 23.51 31.13 -25.20
N LEU C 92 24.24 31.80 -26.10
CA LEU C 92 25.23 31.16 -26.94
C LEU C 92 26.65 31.60 -26.57
N ILE C 93 27.37 30.72 -25.89
CA ILE C 93 28.66 31.06 -25.30
C ILE C 93 29.83 30.31 -25.95
N THR C 94 30.83 31.06 -26.41
CA THR C 94 32.00 30.45 -27.04
C THR C 94 33.33 31.03 -26.57
N GLY C 95 34.33 30.15 -26.48
CA GLY C 95 35.71 30.57 -26.30
C GLY C 95 36.37 30.65 -27.66
N LYS C 96 37.70 30.72 -27.70
CA LYS C 96 38.41 30.88 -28.96
C LYS C 96 39.20 29.64 -29.36
N GLU C 97 39.62 28.87 -28.34
CA GLU C 97 40.48 27.71 -28.57
C GLU C 97 39.89 26.48 -27.88
N ASP C 98 39.65 25.41 -28.63
CA ASP C 98 38.97 24.24 -28.06
C ASP C 98 39.90 23.40 -27.18
N ALA C 99 39.41 22.24 -26.77
CA ALA C 99 40.14 21.38 -25.84
C ALA C 99 40.97 20.34 -26.57
N ALA C 100 40.92 20.38 -27.90
CA ALA C 100 41.68 19.46 -28.76
C ALA C 100 41.56 17.99 -28.36
N ASN C 101 40.32 17.54 -28.12
CA ASN C 101 40.05 16.16 -27.70
C ASN C 101 40.80 15.78 -26.43
N ASN C 102 41.14 16.78 -25.62
CA ASN C 102 41.87 16.56 -24.38
C ASN C 102 41.02 16.95 -23.17
N TYR C 103 40.63 15.95 -22.39
CA TYR C 103 39.83 16.15 -21.17
C TYR C 103 40.41 17.23 -20.25
N ALA C 104 41.73 17.20 -20.08
CA ALA C 104 42.41 18.15 -19.21
C ALA C 104 42.18 19.60 -19.61
N ARG C 105 42.17 19.86 -20.91
CA ARG C 105 41.95 21.22 -21.40
C ARG C 105 40.50 21.64 -21.16
N GLY C 106 39.57 20.70 -21.35
CA GLY C 106 38.17 20.98 -21.16
C GLY C 106 37.80 21.21 -19.71
N HIS C 107 38.38 20.40 -18.82
CA HIS C 107 38.06 20.48 -17.40
C HIS C 107 38.91 21.52 -16.68
N TYR C 108 40.15 21.70 -17.10
CA TYR C 108 41.07 22.60 -16.41
C TYR C 108 41.52 23.80 -17.25
N THR C 109 42.53 23.57 -18.09
CA THR C 109 43.24 24.64 -18.79
C THR C 109 42.35 25.67 -19.48
N ILE C 110 41.46 25.22 -20.35
CA ILE C 110 40.63 26.12 -21.11
C ILE C 110 39.29 26.34 -20.42
N GLY C 111 38.76 25.28 -19.80
CA GLY C 111 37.45 25.32 -19.16
C GLY C 111 37.31 26.33 -18.04
N LYS C 112 38.32 26.43 -17.17
CA LYS C 112 38.25 27.30 -16.00
C LYS C 112 38.14 28.77 -16.40
N GLU C 113 38.52 29.09 -17.63
CA GLU C 113 38.50 30.47 -18.11
C GLU C 113 37.09 30.94 -18.46
N ILE C 114 36.16 30.00 -18.58
CA ILE C 114 34.83 30.33 -19.09
C ILE C 114 33.71 29.79 -18.20
N ILE C 115 34.06 28.95 -17.24
CA ILE C 115 33.08 28.27 -16.39
C ILE C 115 32.24 29.25 -15.56
N ASP C 116 32.84 30.37 -15.11
CA ASP C 116 32.10 31.35 -14.32
C ASP C 116 31.05 32.07 -15.17
N LEU C 117 31.44 32.43 -16.39
CA LEU C 117 30.52 33.08 -17.31
C LEU C 117 29.33 32.17 -17.61
N VAL C 118 29.62 30.89 -17.84
CA VAL C 118 28.59 29.90 -18.15
C VAL C 118 27.61 29.78 -16.99
N LEU C 119 28.12 29.66 -15.77
CA LEU C 119 27.27 29.55 -14.59
C LEU C 119 26.40 30.79 -14.40
N ASP C 120 26.96 31.95 -14.76
CA ASP C 120 26.20 33.20 -14.69
C ASP C 120 25.02 33.19 -15.66
N ARG C 121 25.25 32.71 -16.87
CA ARG C 121 24.21 32.67 -17.89
C ARG C 121 23.14 31.65 -17.53
N ILE C 122 23.57 30.55 -16.93
CA ILE C 122 22.63 29.54 -16.47
C ILE C 122 21.80 30.11 -15.32
N ARG C 123 22.48 30.79 -14.41
CA ARG C 123 21.81 31.45 -13.28
C ARG C 123 20.71 32.41 -13.75
N LYS C 124 20.95 33.11 -14.85
CA LYS C 124 19.97 34.05 -15.39
C LYS C 124 18.73 33.34 -15.94
N LEU C 125 18.90 32.07 -16.33
CA LEU C 125 17.76 31.29 -16.79
C LEU C 125 16.99 30.74 -15.59
N ALA C 126 17.73 30.28 -14.58
CA ALA C 126 17.13 29.75 -13.37
C ALA C 126 16.28 30.79 -12.65
N ASP C 127 16.81 32.00 -12.56
CA ASP C 127 16.10 33.11 -11.89
C ASP C 127 14.75 33.45 -12.53
N GLN C 128 14.53 32.97 -13.74
CA GLN C 128 13.26 33.23 -14.42
C GLN C 128 12.30 32.05 -14.28
N CYS C 129 12.72 31.05 -13.50
CA CYS C 129 11.87 29.89 -13.26
C CYS C 129 11.15 30.03 -11.93
N THR C 130 9.86 29.66 -11.91
CA THR C 130 9.09 29.72 -10.68
C THR C 130 9.15 28.41 -9.92
N GLY C 131 9.63 27.37 -10.58
CA GLY C 131 9.75 26.06 -9.95
C GLY C 131 10.67 25.13 -10.71
N LEU C 132 11.94 25.52 -10.83
CA LEU C 132 12.92 24.74 -11.59
C LEU C 132 12.98 23.29 -11.12
N GLN C 133 12.90 22.39 -12.09
CA GLN C 133 12.88 20.96 -11.83
C GLN C 133 14.30 20.39 -11.91
N GLY C 134 15.04 20.82 -12.92
CA GLY C 134 16.41 20.37 -13.07
C GLY C 134 17.00 20.67 -14.43
N PHE C 135 18.10 20.01 -14.74
CA PHE C 135 18.85 20.29 -15.96
C PHE C 135 18.91 19.10 -16.90
N LEU C 136 19.07 19.40 -18.20
CA LEU C 136 19.36 18.39 -19.22
C LEU C 136 20.66 18.73 -19.93
N VAL C 137 21.66 17.85 -19.78
CA VAL C 137 22.99 18.13 -20.31
C VAL C 137 23.32 17.24 -21.50
N PHE C 138 23.58 17.85 -22.64
CA PHE C 138 23.90 17.14 -23.87
C PHE C 138 25.39 17.28 -24.17
N HIS C 139 26.06 16.16 -24.38
CA HIS C 139 27.50 16.18 -24.63
C HIS C 139 28.01 14.86 -25.21
N SER C 140 29.16 14.92 -25.87
CA SER C 140 29.84 13.70 -26.30
C SER C 140 30.77 13.20 -25.19
N PHE C 141 31.08 11.91 -25.21
CA PHE C 141 32.06 11.34 -24.29
C PHE C 141 33.46 11.63 -24.78
N GLY C 142 33.61 11.76 -26.10
CA GLY C 142 34.91 11.74 -26.73
C GLY C 142 35.58 13.09 -26.90
N GLY C 143 34.78 14.14 -27.00
CA GLY C 143 35.32 15.48 -27.13
C GLY C 143 36.03 15.92 -25.88
N GLY C 144 36.90 16.92 -26.02
CA GLY C 144 37.61 17.46 -24.86
C GLY C 144 36.70 18.36 -24.07
N THR C 145 35.79 19.03 -24.77
CA THR C 145 34.81 19.90 -24.15
C THR C 145 33.64 19.07 -23.63
N GLY C 146 33.14 18.18 -24.48
CA GLY C 146 32.06 17.27 -24.12
C GLY C 146 32.37 16.43 -22.89
N SER C 147 33.63 16.02 -22.73
CA SER C 147 34.03 15.27 -21.54
C SER C 147 34.47 16.20 -20.41
N GLY C 148 35.59 16.87 -20.62
CA GLY C 148 36.20 17.71 -19.61
C GLY C 148 35.34 18.83 -19.07
N PHE C 149 34.81 19.68 -19.95
CA PHE C 149 34.04 20.83 -19.49
C PHE C 149 32.70 20.42 -18.87
N THR C 150 32.08 19.39 -19.41
CA THR C 150 30.80 18.90 -18.89
C THR C 150 30.94 18.45 -17.44
N SER C 151 31.97 17.66 -17.16
CA SER C 151 32.17 17.16 -15.80
C SER C 151 32.48 18.31 -14.85
N LEU C 152 33.21 19.32 -15.33
CA LEU C 152 33.47 20.52 -14.56
C LEU C 152 32.15 21.23 -14.26
N LEU C 153 31.32 21.35 -15.29
CA LEU C 153 30.02 22.01 -15.15
C LEU C 153 29.08 21.24 -14.21
N MET C 154 29.07 19.92 -14.32
CA MET C 154 28.22 19.09 -13.46
C MET C 154 28.64 19.22 -12.00
N GLU C 155 29.95 19.27 -11.76
CA GLU C 155 30.48 19.46 -10.41
C GLU C 155 30.06 20.81 -9.83
N ARG C 156 30.14 21.86 -10.64
CA ARG C 156 29.76 23.19 -10.20
C ARG C 156 28.25 23.32 -10.01
N LEU C 157 27.49 22.62 -10.85
CA LEU C 157 26.03 22.66 -10.74
C LEU C 157 25.55 21.99 -9.46
N SER C 158 26.25 20.96 -9.01
CA SER C 158 25.91 20.32 -7.74
C SER C 158 26.12 21.28 -6.57
N VAL C 159 27.15 22.11 -6.66
CA VAL C 159 27.44 23.08 -5.61
C VAL C 159 26.42 24.22 -5.61
N ASP C 160 26.09 24.72 -6.78
CA ASP C 160 25.20 25.88 -6.89
C ASP C 160 23.72 25.52 -6.83
N TYR C 161 23.38 24.28 -7.13
CA TYR C 161 21.97 23.88 -7.17
C TYR C 161 21.68 22.62 -6.36
N GLY C 162 22.43 22.43 -5.29
CA GLY C 162 22.20 21.33 -4.36
C GLY C 162 21.94 19.97 -4.99
N LYS C 163 20.75 19.42 -4.73
CA LYS C 163 20.40 18.11 -5.24
C LYS C 163 19.41 18.18 -6.40
N LYS C 164 19.17 19.38 -6.91
CA LYS C 164 18.34 19.58 -8.09
C LYS C 164 18.75 18.61 -9.19
N SER C 165 17.77 18.03 -9.86
CA SER C 165 18.04 16.91 -10.76
C SER C 165 18.89 17.30 -11.96
N LYS C 166 19.77 16.38 -12.35
CA LYS C 166 20.59 16.57 -13.54
C LYS C 166 20.56 15.30 -14.37
N LEU C 167 20.08 15.43 -15.60
CA LEU C 167 19.98 14.32 -16.54
C LEU C 167 20.96 14.54 -17.69
N GLU C 168 21.47 13.45 -18.23
CA GLU C 168 22.42 13.53 -19.35
C GLU C 168 21.91 12.84 -20.60
N PHE C 169 22.26 13.41 -21.74
CA PHE C 169 22.23 12.71 -23.01
C PHE C 169 23.66 12.65 -23.52
N SER C 170 24.28 11.48 -23.41
CA SER C 170 25.71 11.33 -23.63
C SER C 170 26.02 10.54 -24.89
N ILE C 171 26.88 11.08 -25.73
CA ILE C 171 27.24 10.39 -26.97
C ILE C 171 28.44 9.47 -26.77
N TYR C 172 28.17 8.18 -26.87
CA TYR C 172 29.15 7.11 -26.71
C TYR C 172 29.93 6.94 -28.02
N PRO C 173 31.27 6.94 -27.94
CA PRO C 173 32.13 7.02 -29.13
C PRO C 173 32.10 5.79 -30.03
N ALA C 174 31.99 6.02 -31.33
CA ALA C 174 32.07 4.97 -32.33
C ALA C 174 33.08 5.35 -33.42
N PRO C 175 33.95 4.42 -33.80
CA PRO C 175 35.03 4.69 -34.75
C PRO C 175 34.52 5.02 -36.16
N GLN C 176 33.30 4.61 -36.48
CA GLN C 176 32.77 4.82 -37.82
C GLN C 176 32.63 6.31 -38.16
N VAL C 177 32.34 7.14 -37.15
CA VAL C 177 32.16 8.57 -37.39
C VAL C 177 33.08 9.43 -36.54
N SER C 178 34.18 8.85 -36.08
CA SER C 178 35.14 9.59 -35.28
C SER C 178 36.52 9.59 -35.92
N THR C 179 37.24 10.69 -35.74
CA THR C 179 38.62 10.79 -36.20
C THR C 179 39.55 10.98 -35.01
N ALA C 180 39.05 10.64 -33.83
CA ALA C 180 39.84 10.74 -32.61
C ALA C 180 40.31 9.36 -32.14
N VAL C 181 41.40 9.33 -31.40
CA VAL C 181 41.97 8.07 -30.92
C VAL C 181 41.94 8.01 -29.39
N VAL C 182 41.86 9.18 -28.75
CA VAL C 182 41.98 9.23 -27.29
C VAL C 182 40.63 9.22 -26.58
N GLU C 183 39.55 9.00 -27.32
CA GLU C 183 38.22 9.04 -26.74
C GLU C 183 37.98 8.05 -25.59
N PRO C 184 38.58 6.85 -25.62
CA PRO C 184 38.41 6.00 -24.44
C PRO C 184 38.90 6.67 -23.16
N TYR C 185 39.99 7.43 -23.24
CA TYR C 185 40.49 8.19 -22.09
C TYR C 185 39.45 9.19 -21.62
N ASN C 186 39.00 10.05 -22.52
CA ASN C 186 38.04 11.08 -22.18
C ASN C 186 36.74 10.51 -21.63
N SER C 187 36.32 9.38 -22.21
CA SER C 187 35.10 8.70 -21.79
C SER C 187 35.16 8.23 -20.34
N ILE C 188 36.20 7.48 -20.01
CA ILE C 188 36.38 6.95 -18.66
C ILE C 188 36.52 8.07 -17.63
N LEU C 189 37.21 9.14 -18.01
CA LEU C 189 37.43 10.27 -17.11
C LEU C 189 36.13 11.01 -16.77
N THR C 190 35.31 11.34 -17.78
CA THR C 190 34.09 12.09 -17.51
C THR C 190 33.05 11.24 -16.79
N THR C 191 32.98 9.95 -17.13
CA THR C 191 32.02 9.06 -16.49
C THR C 191 32.32 8.94 -14.99
N HIS C 192 33.59 8.74 -14.67
CA HIS C 192 34.04 8.71 -13.29
C HIS C 192 33.72 10.01 -12.55
N THR C 193 34.03 11.13 -13.18
CA THR C 193 33.87 12.45 -12.56
C THR C 193 32.41 12.86 -12.42
N THR C 194 31.58 12.48 -13.40
CA THR C 194 30.18 12.92 -13.44
C THR C 194 29.25 11.97 -12.65
N LEU C 195 29.71 10.75 -12.41
CA LEU C 195 28.89 9.68 -11.84
C LEU C 195 28.10 10.10 -10.59
N GLU C 196 28.75 10.81 -9.67
CA GLU C 196 28.11 11.26 -8.44
C GLU C 196 27.17 12.44 -8.64
N HIS C 197 27.29 13.12 -9.77
CA HIS C 197 26.55 14.36 -9.98
C HIS C 197 25.41 14.21 -10.97
N SER C 198 25.21 13.00 -11.47
CA SER C 198 24.13 12.75 -12.42
C SER C 198 23.10 11.80 -11.83
N ASP C 199 21.83 12.12 -12.01
CA ASP C 199 20.75 11.31 -11.45
C ASP C 199 20.29 10.25 -12.43
N CYS C 200 20.52 10.52 -13.72
CA CYS C 200 20.08 9.64 -14.79
C CYS C 200 20.75 10.05 -16.08
N ALA C 201 21.29 9.08 -16.82
CA ALA C 201 22.03 9.37 -18.03
C ALA C 201 21.61 8.46 -19.18
N PHE C 202 21.21 9.06 -20.29
CA PHE C 202 20.85 8.29 -21.48
C PHE C 202 22.00 8.26 -22.47
N MET C 203 22.70 7.13 -22.53
CA MET C 203 23.79 6.96 -23.48
C MET C 203 23.29 6.69 -24.89
N VAL C 204 23.86 7.39 -25.85
CA VAL C 204 23.55 7.15 -27.26
C VAL C 204 24.83 6.69 -27.98
N ASP C 205 24.85 5.40 -28.34
CA ASP C 205 25.97 4.82 -29.07
C ASP C 205 25.89 5.22 -30.54
N ASN C 206 26.89 5.99 -31.00
CA ASN C 206 26.91 6.46 -32.38
C ASN C 206 26.87 5.33 -33.40
N GLU C 207 27.44 4.19 -33.04
CA GLU C 207 27.44 3.03 -33.92
C GLU C 207 26.04 2.45 -34.07
N ALA C 208 25.28 2.46 -32.98
CA ALA C 208 23.89 2.00 -33.01
C ALA C 208 23.05 2.88 -33.92
N ILE C 209 23.24 4.19 -33.81
CA ILE C 209 22.51 5.15 -34.63
C ILE C 209 22.95 5.06 -36.08
N TYR C 210 24.25 4.85 -36.28
CA TYR C 210 24.85 4.72 -37.60
C TYR C 210 24.26 3.51 -38.33
N ASP C 211 24.18 2.38 -37.64
CA ASP C 211 23.60 1.16 -38.19
C ASP C 211 22.13 1.32 -38.54
N ILE C 212 21.38 1.96 -37.64
CA ILE C 212 19.95 2.14 -37.84
C ILE C 212 19.70 3.01 -39.08
N CYS C 213 20.48 4.07 -39.22
CA CYS C 213 20.35 4.95 -40.38
C CYS C 213 20.67 4.19 -41.68
N ARG C 214 21.64 3.29 -41.62
CA ARG C 214 22.04 2.49 -42.78
C ARG C 214 21.02 1.42 -43.14
N ARG C 215 20.57 0.67 -42.13
CA ARG C 215 19.72 -0.47 -42.35
C ARG C 215 18.24 -0.09 -42.49
N ASN C 216 17.76 0.85 -41.67
CA ASN C 216 16.34 1.19 -41.65
C ASN C 216 15.96 2.34 -42.56
N LEU C 217 16.86 3.28 -42.78
CA LEU C 217 16.56 4.45 -43.59
C LEU C 217 17.29 4.39 -44.93
N ASP C 218 18.02 3.29 -45.13
CA ASP C 218 18.80 3.08 -46.35
C ASP C 218 19.70 4.27 -46.69
N ILE C 219 20.41 4.77 -45.69
CA ILE C 219 21.39 5.82 -45.90
C ILE C 219 22.77 5.18 -46.08
N GLU C 220 23.36 5.39 -47.25
CA GLU C 220 24.60 4.74 -47.64
C GLU C 220 25.74 5.01 -46.66
N ARG C 221 25.89 6.27 -46.28
CA ARG C 221 26.96 6.69 -45.39
C ARG C 221 26.50 7.88 -44.56
N PRO C 222 25.84 7.60 -43.42
CA PRO C 222 25.22 8.60 -42.55
C PRO C 222 26.18 9.71 -42.13
N THR C 223 25.65 10.91 -42.00
CA THR C 223 26.40 12.05 -41.52
C THR C 223 25.90 12.41 -40.13
N TYR C 224 26.53 13.40 -39.50
CA TYR C 224 26.04 13.91 -38.22
C TYR C 224 24.61 14.41 -38.38
N THR C 225 24.33 15.00 -39.54
CA THR C 225 22.98 15.48 -39.85
C THR C 225 21.96 14.34 -39.79
N ASN C 226 22.31 13.19 -40.36
CA ASN C 226 21.45 12.01 -40.33
C ASN C 226 21.27 11.44 -38.92
N LEU C 227 22.36 11.36 -38.16
CA LEU C 227 22.32 10.80 -36.82
C LEU C 227 21.51 11.68 -35.87
N ASN C 228 21.73 12.99 -35.94
CA ASN C 228 21.12 13.92 -35.00
C ASN C 228 19.62 14.02 -35.14
N ARG C 229 19.12 13.87 -36.36
CA ARG C 229 17.69 13.89 -36.60
C ARG C 229 17.02 12.68 -35.98
N LEU C 230 17.71 11.54 -36.01
CA LEU C 230 17.20 10.35 -35.37
C LEU C 230 17.28 10.48 -33.84
N ILE C 231 18.44 10.94 -33.36
CA ILE C 231 18.66 11.15 -31.93
C ILE C 231 17.63 12.12 -31.35
N SER C 232 17.30 13.16 -32.12
CA SER C 232 16.35 14.17 -31.68
C SER C 232 14.96 13.58 -31.44
N GLN C 233 14.61 12.58 -32.25
CA GLN C 233 13.32 11.90 -32.11
C GLN C 233 13.25 11.11 -30.82
N ILE C 234 14.37 10.49 -30.46
CA ILE C 234 14.43 9.73 -29.22
C ILE C 234 14.40 10.69 -28.03
N VAL C 235 15.17 11.78 -28.13
CA VAL C 235 15.15 12.80 -27.09
C VAL C 235 13.75 13.40 -26.95
N SER C 236 13.08 13.63 -28.08
CA SER C 236 11.73 14.17 -28.06
C SER C 236 10.76 13.22 -27.36
N SER C 237 10.85 11.93 -27.66
CA SER C 237 9.99 10.93 -27.04
C SER C 237 10.16 10.92 -25.52
N ILE C 238 11.39 11.16 -25.07
CA ILE C 238 11.70 11.11 -23.65
C ILE C 238 11.24 12.37 -22.92
N THR C 239 11.38 13.52 -23.57
CA THR C 239 10.96 14.77 -22.96
C THR C 239 9.50 15.13 -23.24
N ALA C 240 8.86 14.36 -24.13
CA ALA C 240 7.47 14.62 -24.53
C ALA C 240 6.52 14.70 -23.32
N SER C 241 6.80 13.88 -22.31
CA SER C 241 5.95 13.84 -21.12
C SER C 241 6.06 15.11 -20.28
N LEU C 242 7.12 15.89 -20.53
CA LEU C 242 7.33 17.15 -19.83
C LEU C 242 6.72 18.31 -20.60
N ARG C 243 6.62 18.16 -21.92
CA ARG C 243 6.25 19.25 -22.81
C ARG C 243 4.79 19.18 -23.25
N PHE C 244 4.17 18.02 -23.11
CA PHE C 244 2.76 17.86 -23.43
C PHE C 244 1.94 17.40 -22.23
N ASP C 245 0.63 17.59 -22.32
CA ASP C 245 -0.30 17.14 -21.29
C ASP C 245 -1.07 15.91 -21.75
N GLY C 246 -1.93 15.39 -20.88
CA GLY C 246 -2.74 14.24 -21.22
C GLY C 246 -3.06 13.37 -20.01
N ALA C 247 -4.25 12.80 -20.01
CA ALA C 247 -4.70 11.94 -18.93
C ALA C 247 -3.76 10.75 -18.73
N LEU C 248 -3.39 10.11 -19.83
CA LEU C 248 -2.56 8.91 -19.77
C LEU C 248 -1.07 9.23 -19.80
N ASN C 249 -0.75 10.51 -19.76
CA ASN C 249 0.63 10.95 -19.73
C ASN C 249 1.28 10.66 -18.38
N VAL C 250 2.49 10.12 -18.42
CA VAL C 250 3.25 9.82 -17.22
C VAL C 250 4.56 10.59 -17.25
N ASP C 251 4.83 11.35 -16.20
CA ASP C 251 5.99 12.23 -16.20
C ASP C 251 7.30 11.44 -16.12
N LEU C 252 8.34 11.98 -16.74
CA LEU C 252 9.64 11.31 -16.78
C LEU C 252 10.16 10.97 -15.39
N THR C 253 9.90 11.85 -14.41
CA THR C 253 10.34 11.62 -13.04
C THR C 253 9.70 10.38 -12.42
N GLU C 254 8.50 10.03 -12.87
CA GLU C 254 7.83 8.83 -12.38
C GLU C 254 8.45 7.57 -12.96
N PHE C 255 8.83 7.61 -14.23
CA PHE C 255 9.60 6.53 -14.83
C PHE C 255 10.94 6.39 -14.13
N GLN C 256 11.52 7.53 -13.75
CA GLN C 256 12.82 7.57 -13.12
C GLN C 256 12.84 6.82 -11.80
N THR C 257 11.74 6.91 -11.07
CA THR C 257 11.58 6.19 -9.81
C THR C 257 11.80 4.69 -10.01
N ASN C 258 11.31 4.18 -11.14
CA ASN C 258 11.45 2.77 -11.47
C ASN C 258 12.80 2.43 -12.09
N LEU C 259 13.40 3.38 -12.80
CA LEU C 259 14.61 3.10 -13.57
C LEU C 259 15.88 3.08 -12.74
N VAL C 260 15.88 3.76 -11.59
CA VAL C 260 17.10 3.88 -10.79
C VAL C 260 16.94 3.22 -9.42
N PRO C 261 17.38 1.97 -9.29
CA PRO C 261 17.29 1.18 -8.04
C PRO C 261 18.39 1.54 -7.04
N TYR C 262 19.55 1.95 -7.56
CA TYR C 262 20.65 2.46 -6.74
C TYR C 262 21.23 3.65 -7.49
N PRO C 263 21.72 4.66 -6.75
CA PRO C 263 22.24 5.90 -7.37
C PRO C 263 23.16 5.66 -8.56
N ARG C 264 24.09 4.71 -8.45
CA ARG C 264 25.08 4.49 -9.52
C ARG C 264 24.47 3.74 -10.71
N ILE C 265 23.38 3.01 -10.47
CA ILE C 265 22.70 2.29 -11.53
C ILE C 265 21.67 3.22 -12.18
N HIS C 266 22.12 4.18 -12.98
CA HIS C 266 21.20 5.16 -13.53
C HIS C 266 21.37 5.37 -15.03
N PHE C 267 21.67 4.28 -15.74
CA PHE C 267 21.87 4.34 -17.19
C PHE C 267 20.85 3.50 -17.95
N PRO C 268 19.71 4.11 -18.29
CA PRO C 268 18.67 3.36 -19.01
C PRO C 268 19.06 3.07 -20.45
N LEU C 269 18.59 1.93 -20.96
CA LEU C 269 18.76 1.59 -22.36
C LEU C 269 17.54 2.05 -23.14
N ALA C 270 17.77 2.85 -24.17
CA ALA C 270 16.66 3.34 -24.99
C ALA C 270 16.53 2.54 -26.28
N THR C 271 15.29 2.21 -26.62
CA THR C 271 14.97 1.55 -27.88
C THR C 271 13.84 2.31 -28.53
N TYR C 272 13.95 2.57 -29.82
CA TYR C 272 12.95 3.39 -30.50
C TYR C 272 12.38 2.71 -31.75
N ALA C 273 11.08 2.87 -31.95
CA ALA C 273 10.40 2.33 -33.13
C ALA C 273 9.13 3.14 -33.40
N PRO C 274 8.74 3.25 -34.68
CA PRO C 274 9.40 2.69 -35.87
C PRO C 274 10.34 3.69 -36.54
N VAL C 275 11.49 3.19 -36.97
CA VAL C 275 12.39 3.96 -37.82
C VAL C 275 12.28 3.36 -39.21
N ILE C 276 11.63 4.10 -40.10
CA ILE C 276 11.28 3.57 -41.40
C ILE C 276 11.26 4.70 -42.44
N SER C 277 11.65 4.38 -43.66
CA SER C 277 11.69 5.39 -44.73
C SER C 277 10.31 5.63 -45.31
N ALA C 278 10.16 6.75 -46.02
CA ALA C 278 8.89 7.07 -46.66
C ALA C 278 8.52 6.00 -47.68
N GLU C 279 9.52 5.56 -48.44
CA GLU C 279 9.34 4.52 -49.46
C GLU C 279 8.73 3.24 -48.91
N LYS C 280 9.13 2.85 -47.70
CA LYS C 280 8.66 1.58 -47.14
C LYS C 280 7.41 1.75 -46.28
N ALA C 281 7.16 2.96 -45.79
CA ALA C 281 6.01 3.21 -44.94
C ALA C 281 4.73 3.43 -45.75
N TYR C 282 4.89 3.61 -47.06
CA TYR C 282 3.74 3.79 -47.93
C TYR C 282 2.87 2.53 -47.94
N HIS C 283 1.58 2.71 -47.71
CA HIS C 283 0.62 1.61 -47.65
C HIS C 283 1.01 0.55 -46.61
N GLU C 284 1.59 0.96 -45.50
CA GLU C 284 1.98 0.01 -44.47
C GLU C 284 1.84 0.59 -43.06
N GLN C 285 0.69 0.36 -42.45
CA GLN C 285 0.45 0.80 -41.08
C GLN C 285 1.29 0.00 -40.10
N LEU C 286 1.90 0.69 -39.13
CA LEU C 286 2.61 0.01 -38.05
C LEU C 286 1.73 0.02 -36.81
N SER C 287 1.19 -1.15 -36.47
CA SER C 287 0.30 -1.26 -35.32
C SER C 287 1.04 -1.10 -34.01
N VAL C 288 0.27 -0.97 -32.92
CA VAL C 288 0.83 -0.90 -31.59
C VAL C 288 1.63 -2.14 -31.28
N ALA C 289 1.11 -3.30 -31.69
CA ALA C 289 1.78 -4.56 -31.45
C ALA C 289 3.10 -4.63 -32.20
N GLU C 290 3.10 -4.15 -33.44
CA GLU C 290 4.29 -4.23 -34.28
C GLU C 290 5.44 -3.36 -33.76
N ILE C 291 5.14 -2.12 -33.38
CA ILE C 291 6.19 -1.23 -32.89
C ILE C 291 6.63 -1.61 -31.48
N THR C 292 5.71 -2.15 -30.69
CA THR C 292 6.05 -2.59 -29.34
C THR C 292 7.02 -3.77 -29.42
N ASN C 293 6.73 -4.69 -30.33
CA ASN C 293 7.58 -5.86 -30.50
C ASN C 293 8.96 -5.47 -31.02
N ALA C 294 9.01 -4.39 -31.80
CA ALA C 294 10.27 -3.89 -32.32
C ALA C 294 11.19 -3.36 -31.22
N CYS C 295 10.61 -3.05 -30.05
CA CYS C 295 11.39 -2.57 -28.91
C CYS C 295 12.27 -3.65 -28.30
N PHE C 296 11.98 -4.91 -28.62
CA PHE C 296 12.78 -6.02 -28.10
C PHE C 296 13.64 -6.64 -29.19
N GLU C 297 13.74 -5.95 -30.31
CA GLU C 297 14.71 -6.31 -31.33
C GLU C 297 15.96 -5.46 -31.13
N PRO C 298 17.06 -6.09 -30.67
CA PRO C 298 18.29 -5.41 -30.26
C PRO C 298 18.87 -4.46 -31.31
N ALA C 299 18.50 -4.66 -32.58
CA ALA C 299 18.99 -3.80 -33.64
C ALA C 299 18.42 -2.40 -33.55
N ASN C 300 17.37 -2.23 -32.74
CA ASN C 300 16.71 -0.93 -32.63
C ASN C 300 17.13 -0.16 -31.38
N GLN C 301 18.12 -0.68 -30.66
CA GLN C 301 18.59 -0.05 -29.42
C GLN C 301 19.54 1.12 -29.69
N MET C 302 19.52 2.10 -28.78
CA MET C 302 20.43 3.25 -28.84
C MET C 302 21.84 2.87 -28.45
N VAL C 303 21.99 1.71 -27.80
CA VAL C 303 23.29 1.23 -27.38
C VAL C 303 23.47 -0.23 -27.79
N LYS C 304 24.62 -0.56 -28.37
CA LYS C 304 24.91 -1.93 -28.75
C LYS C 304 25.17 -2.79 -27.52
N CYS C 305 24.29 -3.75 -27.28
CA CYS C 305 24.41 -4.70 -26.18
C CYS C 305 23.32 -5.75 -26.36
N ASP C 306 23.37 -6.82 -25.58
CA ASP C 306 22.37 -7.87 -25.71
C ASP C 306 21.63 -8.09 -24.39
N PRO C 307 20.43 -7.50 -24.27
CA PRO C 307 19.58 -7.63 -23.08
C PRO C 307 19.09 -9.05 -22.88
N ARG C 308 19.09 -9.83 -23.95
CA ARG C 308 18.67 -11.24 -23.88
C ARG C 308 19.69 -12.07 -23.10
N HIS C 309 20.89 -11.52 -22.94
CA HIS C 309 21.93 -12.19 -22.17
C HIS C 309 22.20 -11.45 -20.86
N GLY C 310 21.25 -10.62 -20.45
CA GLY C 310 21.34 -9.92 -19.18
C GLY C 310 20.04 -10.05 -18.40
N LYS C 311 19.89 -9.23 -17.37
CA LYS C 311 18.65 -9.21 -16.60
C LYS C 311 18.04 -7.83 -16.54
N TYR C 312 16.71 -7.78 -16.54
CA TYR C 312 15.98 -6.52 -16.44
C TYR C 312 15.73 -6.12 -14.99
N MET C 313 15.76 -4.83 -14.73
CA MET C 313 15.45 -4.28 -13.41
C MET C 313 14.31 -3.28 -13.52
N ALA C 314 13.92 -2.99 -14.75
CA ALA C 314 12.86 -2.04 -15.03
C ALA C 314 12.58 -2.04 -16.52
N CYS C 315 11.31 -1.83 -16.88
CA CYS C 315 10.93 -1.75 -18.27
C CYS C 315 9.81 -0.72 -18.43
N CYS C 316 10.08 0.33 -19.19
CA CYS C 316 9.12 1.40 -19.40
C CYS C 316 8.80 1.56 -20.88
N LEU C 317 7.53 1.78 -21.19
CA LEU C 317 7.13 2.04 -22.57
C LEU C 317 6.51 3.43 -22.69
N LEU C 318 7.13 4.27 -23.51
CA LEU C 318 6.68 5.64 -23.71
C LEU C 318 6.09 5.80 -25.11
N TYR C 319 4.77 5.77 -25.21
CA TYR C 319 4.09 5.84 -26.50
C TYR C 319 3.74 7.28 -26.86
N ARG C 320 3.69 7.56 -28.16
CA ARG C 320 3.14 8.84 -28.60
C ARG C 320 2.30 8.64 -29.87
N GLY C 321 1.18 9.33 -29.93
CA GLY C 321 0.29 9.26 -31.08
C GLY C 321 -0.98 8.45 -30.85
N ASP C 322 -1.43 7.80 -31.92
CA ASP C 322 -2.69 7.05 -31.92
C ASP C 322 -2.52 5.73 -31.18
N VAL C 323 -2.62 5.77 -29.86
CA VAL C 323 -2.36 4.61 -29.01
C VAL C 323 -3.32 4.60 -27.81
N VAL C 324 -3.99 3.47 -27.58
CA VAL C 324 -4.86 3.33 -26.42
C VAL C 324 -4.44 2.12 -25.58
N PRO C 325 -4.65 2.18 -24.25
CA PRO C 325 -4.17 1.15 -23.31
C PRO C 325 -4.54 -0.27 -23.70
N LYS C 326 -5.74 -0.48 -24.23
CA LYS C 326 -6.21 -1.81 -24.60
C LYS C 326 -5.24 -2.50 -25.55
N ASP C 327 -4.80 -1.78 -26.58
CA ASP C 327 -3.88 -2.32 -27.56
C ASP C 327 -2.49 -2.55 -26.97
N VAL C 328 -2.04 -1.60 -26.14
CA VAL C 328 -0.77 -1.74 -25.44
C VAL C 328 -0.74 -3.01 -24.61
N ASN C 329 -1.76 -3.18 -23.77
CA ASN C 329 -1.84 -4.35 -22.87
C ASN C 329 -1.81 -5.68 -23.63
N ALA C 330 -2.53 -5.74 -24.75
CA ALA C 330 -2.55 -6.95 -25.57
C ALA C 330 -1.18 -7.24 -26.18
N ALA C 331 -0.55 -6.20 -26.73
CA ALA C 331 0.79 -6.33 -27.30
C ALA C 331 1.80 -6.82 -26.28
N ILE C 332 1.71 -6.28 -25.07
CA ILE C 332 2.62 -6.65 -23.99
C ILE C 332 2.45 -8.11 -23.59
N ALA C 333 1.19 -8.53 -23.46
CA ALA C 333 0.87 -9.91 -23.10
C ALA C 333 1.47 -10.90 -24.08
N THR C 334 1.40 -10.57 -25.36
CA THR C 334 1.99 -11.41 -26.40
C THR C 334 3.50 -11.50 -26.23
N ILE C 335 4.14 -10.35 -26.12
CA ILE C 335 5.59 -10.26 -25.97
C ILE C 335 6.11 -11.03 -24.76
N LYS C 336 5.40 -10.92 -23.64
CA LYS C 336 5.83 -11.57 -22.40
C LYS C 336 5.87 -13.09 -22.54
N THR C 337 5.14 -13.64 -23.51
CA THR C 337 5.10 -15.07 -23.71
C THR C 337 5.74 -15.47 -25.03
N LYS C 338 6.69 -14.69 -25.50
CA LYS C 338 7.39 -14.99 -26.76
C LYS C 338 8.79 -14.38 -26.78
N ARG C 339 9.14 -13.60 -25.77
CA ARG C 339 10.43 -12.93 -25.73
C ARG C 339 11.32 -13.42 -24.60
N SER C 340 12.63 -13.19 -24.76
CA SER C 340 13.61 -13.53 -23.74
C SER C 340 13.71 -12.39 -22.72
N ILE C 341 12.66 -12.23 -21.92
CA ILE C 341 12.60 -11.17 -20.92
C ILE C 341 12.68 -11.71 -19.50
N GLN C 342 13.82 -11.51 -18.85
CA GLN C 342 13.98 -12.01 -17.50
C GLN C 342 14.44 -10.93 -16.52
N PHE C 343 13.68 -10.78 -15.45
CA PHE C 343 13.97 -9.79 -14.42
C PHE C 343 14.81 -10.39 -13.31
N VAL C 344 15.58 -9.54 -12.63
CA VAL C 344 16.20 -9.91 -11.37
C VAL C 344 15.10 -10.26 -10.37
N ASP C 345 15.44 -11.01 -9.31
CA ASP C 345 14.41 -11.55 -8.43
C ASP C 345 13.92 -10.58 -7.37
N TRP C 346 14.54 -9.40 -7.31
CA TRP C 346 14.21 -8.43 -6.27
C TRP C 346 13.39 -7.27 -6.81
N CYS C 347 12.92 -7.43 -8.05
CA CYS C 347 12.18 -6.37 -8.70
C CYS C 347 10.93 -6.93 -9.37
N PRO C 348 9.79 -6.23 -9.25
CA PRO C 348 8.54 -6.65 -9.92
C PRO C 348 8.68 -6.60 -11.44
N THR C 349 7.81 -7.33 -12.15
CA THR C 349 8.02 -7.57 -13.58
C THR C 349 7.13 -6.73 -14.50
N GLY C 350 6.16 -6.02 -13.94
CA GLY C 350 5.25 -5.23 -14.74
C GLY C 350 5.91 -4.14 -15.56
N PHE C 351 5.39 -3.86 -16.74
CA PHE C 351 5.88 -2.78 -17.58
C PHE C 351 5.16 -1.49 -17.28
N LYS C 352 5.89 -0.45 -16.92
CA LYS C 352 5.27 0.86 -16.69
C LYS C 352 5.05 1.56 -18.03
N VAL C 353 3.83 2.06 -18.23
CA VAL C 353 3.39 2.54 -19.53
C VAL C 353 2.98 4.01 -19.52
N GLY C 354 3.41 4.76 -20.53
CA GLY C 354 2.99 6.14 -20.70
C GLY C 354 2.53 6.39 -22.13
N ILE C 355 1.52 7.25 -22.28
CA ILE C 355 0.98 7.56 -23.59
C ILE C 355 0.74 9.06 -23.74
N ASN C 356 1.42 9.69 -24.69
CA ASN C 356 1.12 11.06 -25.09
C ASN C 356 0.36 11.03 -26.40
N TYR C 357 -0.73 11.77 -26.50
CA TYR C 357 -1.62 11.64 -27.65
C TYR C 357 -1.11 12.37 -28.87
N GLN C 358 -0.33 13.42 -28.66
CA GLN C 358 0.22 14.18 -29.78
C GLN C 358 1.24 13.32 -30.53
N PRO C 359 0.98 13.07 -31.82
CA PRO C 359 1.76 12.17 -32.68
C PRO C 359 3.14 12.73 -33.05
N PRO C 360 4.06 11.85 -33.48
CA PRO C 360 5.42 12.28 -33.82
C PRO C 360 5.44 13.23 -35.03
N THR C 361 6.40 14.15 -35.03
CA THR C 361 6.57 15.06 -36.15
C THR C 361 7.88 14.72 -36.84
N VAL C 362 8.01 15.10 -38.11
CA VAL C 362 9.27 14.95 -38.81
C VAL C 362 9.73 16.29 -39.34
N VAL C 363 11.05 16.47 -39.38
CA VAL C 363 11.64 17.67 -39.94
C VAL C 363 11.57 17.58 -41.45
N PRO C 364 11.14 18.67 -42.11
CA PRO C 364 11.06 18.73 -43.57
C PRO C 364 12.36 18.32 -44.26
N GLY C 365 12.24 17.49 -45.29
CA GLY C 365 13.40 17.02 -46.02
C GLY C 365 14.23 16.05 -45.23
N GLY C 366 13.63 15.45 -44.21
CA GLY C 366 14.30 14.44 -43.41
C GLY C 366 14.20 13.08 -44.09
N ASP C 367 14.67 12.05 -43.41
CA ASP C 367 14.66 10.70 -43.97
C ASP C 367 13.57 9.82 -43.37
N LEU C 368 13.17 10.14 -42.15
CA LEU C 368 12.14 9.37 -41.44
C LEU C 368 10.75 9.57 -42.01
N ALA C 369 10.03 8.47 -42.17
CA ALA C 369 8.62 8.55 -42.55
C ALA C 369 7.81 9.14 -41.41
N LYS C 370 6.82 9.96 -41.75
CA LYS C 370 5.88 10.43 -40.76
C LYS C 370 4.92 9.30 -40.40
N VAL C 371 4.89 8.90 -39.14
CA VAL C 371 4.03 7.81 -38.68
C VAL C 371 2.96 8.27 -37.71
N GLN C 372 1.91 7.47 -37.56
CA GLN C 372 0.79 7.79 -36.69
C GLN C 372 1.08 7.46 -35.22
N ARG C 373 2.05 6.58 -34.99
CA ARG C 373 2.37 6.17 -33.63
C ARG C 373 3.82 5.70 -33.51
N ALA C 374 4.47 6.11 -32.43
CA ALA C 374 5.83 5.68 -32.15
C ALA C 374 5.95 5.28 -30.69
N VAL C 375 7.02 4.60 -30.34
CA VAL C 375 7.24 4.22 -28.97
C VAL C 375 8.74 4.24 -28.63
N CYS C 376 9.06 4.72 -27.44
CA CYS C 376 10.41 4.61 -26.93
C CYS C 376 10.41 3.77 -25.69
N MET C 377 11.16 2.67 -25.70
CA MET C 377 11.30 1.88 -24.49
C MET C 377 12.52 2.35 -23.71
N LEU C 378 12.33 2.53 -22.41
CA LEU C 378 13.42 2.80 -21.48
C LEU C 378 13.50 1.64 -20.53
N SER C 379 14.58 0.86 -20.63
CA SER C 379 14.74 -0.28 -19.74
C SER C 379 16.03 -0.18 -18.96
N ASN C 380 16.01 -0.72 -17.76
CA ASN C 380 17.22 -0.85 -16.98
C ASN C 380 17.69 -2.29 -17.05
N THR C 381 18.72 -2.52 -17.86
CA THR C 381 19.28 -3.85 -18.10
C THR C 381 20.73 -3.93 -17.67
N THR C 382 21.12 -5.06 -17.10
CA THR C 382 22.51 -5.32 -16.76
C THR C 382 23.38 -5.33 -18.02
N ALA C 383 22.76 -5.57 -19.17
CA ALA C 383 23.48 -5.67 -20.43
C ALA C 383 24.14 -4.36 -20.88
N ILE C 384 23.66 -3.23 -20.35
CA ILE C 384 24.24 -1.94 -20.70
C ILE C 384 25.71 -1.88 -20.27
N ALA C 385 26.05 -2.71 -19.29
CA ALA C 385 27.42 -2.77 -18.77
C ALA C 385 28.39 -3.28 -19.82
N GLU C 386 27.87 -3.94 -20.86
CA GLU C 386 28.71 -4.37 -21.98
C GLU C 386 29.36 -3.17 -22.66
N ALA C 387 28.65 -2.04 -22.70
CA ALA C 387 29.17 -0.83 -23.31
C ALA C 387 30.32 -0.27 -22.48
N TRP C 388 30.24 -0.42 -21.16
CA TRP C 388 31.33 -0.02 -20.29
C TRP C 388 32.54 -0.93 -20.51
N ALA C 389 32.27 -2.22 -20.64
CA ALA C 389 33.31 -3.22 -20.79
C ALA C 389 34.15 -3.00 -22.06
N ARG C 390 33.48 -2.72 -23.17
CA ARG C 390 34.17 -2.45 -24.43
C ARG C 390 35.06 -1.21 -24.32
N LEU C 391 34.51 -0.16 -23.72
CA LEU C 391 35.23 1.10 -23.55
C LEU C 391 36.41 0.95 -22.58
N ASP C 392 36.19 0.28 -21.47
CA ASP C 392 37.24 0.07 -20.48
C ASP C 392 38.40 -0.75 -21.04
N HIS C 393 38.08 -1.69 -21.94
CA HIS C 393 39.10 -2.51 -22.56
C HIS C 393 39.99 -1.69 -23.50
N LYS C 394 39.39 -0.82 -24.30
CA LYS C 394 40.14 0.05 -25.18
C LYS C 394 41.05 0.97 -24.35
N PHE C 395 40.51 1.44 -23.23
CA PHE C 395 41.28 2.21 -22.26
C PHE C 395 42.51 1.43 -21.78
N ASP C 396 42.29 0.20 -21.34
CA ASP C 396 43.38 -0.63 -20.80
C ASP C 396 44.50 -0.86 -21.81
N LEU C 397 44.13 -1.11 -23.06
CA LEU C 397 45.10 -1.37 -24.12
C LEU C 397 46.10 -0.22 -24.25
N MET C 398 45.59 1.00 -24.29
CA MET C 398 46.43 2.19 -24.44
C MET C 398 47.15 2.57 -23.15
N TYR C 399 46.46 2.45 -22.02
CA TYR C 399 47.04 2.93 -20.77
C TYR C 399 48.19 2.06 -20.28
N ALA C 400 48.17 0.78 -20.66
CA ALA C 400 49.26 -0.12 -20.31
C ALA C 400 50.60 0.38 -20.85
N LYS C 401 50.55 1.07 -21.99
CA LYS C 401 51.74 1.63 -22.61
C LYS C 401 51.85 3.13 -22.38
N ARG C 402 50.86 3.66 -21.67
CA ARG C 402 50.74 5.09 -21.40
C ARG C 402 50.68 5.92 -22.69
N ALA C 403 50.11 5.33 -23.73
CA ALA C 403 49.91 6.05 -24.99
C ALA C 403 49.08 7.31 -24.80
N PHE C 404 49.54 8.41 -25.39
CA PHE C 404 48.83 9.70 -25.41
C PHE C 404 48.71 10.38 -24.04
N VAL C 405 49.19 9.74 -22.99
CA VAL C 405 49.03 10.26 -21.64
C VAL C 405 49.78 11.59 -21.43
N HIS C 406 50.90 11.75 -22.13
CA HIS C 406 51.73 12.95 -21.98
C HIS C 406 50.95 14.23 -22.31
N TRP C 407 49.98 14.11 -23.22
CA TRP C 407 49.11 15.23 -23.55
C TRP C 407 48.27 15.67 -22.35
N TYR C 408 47.91 14.71 -21.50
CA TYR C 408 47.07 14.99 -20.34
C TYR C 408 47.92 15.53 -19.21
N VAL C 409 49.07 14.89 -18.98
CA VAL C 409 50.02 15.33 -17.96
C VAL C 409 50.51 16.75 -18.25
N GLY C 410 50.75 17.04 -19.52
CA GLY C 410 51.21 18.36 -19.93
C GLY C 410 50.23 19.47 -19.63
N GLU C 411 48.95 19.11 -19.49
CA GLU C 411 47.93 20.10 -19.18
C GLU C 411 47.57 20.07 -17.69
N GLY C 412 48.38 19.38 -16.89
CA GLY C 412 48.27 19.45 -15.45
C GLY C 412 47.74 18.21 -14.74
N MET C 413 47.39 17.18 -15.49
CA MET C 413 46.83 15.97 -14.87
C MET C 413 47.91 15.00 -14.40
N GLU C 414 47.52 14.11 -13.48
CA GLU C 414 48.42 13.09 -12.95
C GLU C 414 47.91 11.70 -13.33
N GLU C 415 48.82 10.74 -13.40
CA GLU C 415 48.43 9.37 -13.73
C GLU C 415 47.46 8.80 -12.69
N GLY C 416 47.53 9.31 -11.47
CA GLY C 416 46.64 8.89 -10.40
C GLY C 416 45.17 9.15 -10.68
N GLU C 417 44.89 10.17 -11.49
CA GLU C 417 43.52 10.46 -11.89
C GLU C 417 43.01 9.42 -12.89
N PHE C 418 43.93 8.87 -13.68
CA PHE C 418 43.58 7.84 -14.65
C PHE C 418 43.20 6.54 -13.95
N SER C 419 44.09 6.09 -13.07
CA SER C 419 43.88 4.81 -12.38
C SER C 419 42.66 4.90 -11.47
N GLU C 420 42.49 6.05 -10.84
CA GLU C 420 41.34 6.28 -9.97
C GLU C 420 40.04 6.23 -10.77
N ALA C 421 40.05 6.87 -11.94
CA ALA C 421 38.89 6.85 -12.81
C ALA C 421 38.60 5.44 -13.31
N ARG C 422 39.65 4.71 -13.66
CA ARG C 422 39.49 3.35 -14.17
C ARG C 422 38.96 2.39 -13.11
N GLU C 423 39.40 2.59 -11.86
CA GLU C 423 38.96 1.76 -10.75
C GLU C 423 37.48 1.98 -10.43
N ASP C 424 37.02 3.21 -10.62
CA ASP C 424 35.61 3.52 -10.43
C ASP C 424 34.81 2.76 -11.49
N MET C 425 35.34 2.72 -12.71
CA MET C 425 34.71 2.00 -13.80
C MET C 425 34.69 0.49 -13.56
N ALA C 426 35.77 -0.04 -12.99
CA ALA C 426 35.81 -1.46 -12.63
C ALA C 426 34.76 -1.77 -11.58
N ALA C 427 34.64 -0.90 -10.59
CA ALA C 427 33.64 -1.07 -9.54
C ALA C 427 32.23 -0.95 -10.12
N LEU C 428 32.07 -0.07 -11.10
CA LEU C 428 30.78 0.10 -11.77
C LEU C 428 30.37 -1.16 -12.51
N GLU C 429 31.30 -1.76 -13.24
CA GLU C 429 31.03 -3.01 -13.93
C GLU C 429 30.67 -4.12 -12.94
N LYS C 430 31.32 -4.11 -11.78
CA LYS C 430 31.05 -5.11 -10.76
C LYS C 430 29.69 -4.87 -10.11
N ASP C 431 29.32 -3.60 -9.96
CA ASP C 431 28.00 -3.23 -9.45
C ASP C 431 26.89 -3.83 -10.30
N TYR C 432 27.03 -3.69 -11.62
CA TYR C 432 26.06 -4.22 -12.56
C TYR C 432 26.01 -5.74 -12.54
N GLU C 433 27.16 -6.35 -12.23
CA GLU C 433 27.20 -7.79 -12.09
C GLU C 433 26.51 -8.23 -10.79
N GLU C 434 26.71 -7.46 -9.73
CA GLU C 434 26.15 -7.82 -8.43
C GLU C 434 24.63 -7.67 -8.35
N VAL C 435 24.07 -6.71 -9.07
CA VAL C 435 22.61 -6.52 -9.01
C VAL C 435 21.87 -7.61 -9.78
N GLY C 436 22.61 -8.39 -10.56
CA GLY C 436 22.02 -9.44 -11.37
C GLY C 436 22.09 -10.81 -10.73
N VAL C 437 22.86 -10.93 -9.65
CA VAL C 437 22.93 -12.18 -8.91
C VAL C 437 21.66 -12.36 -8.08
N ASP C 438 21.11 -13.58 -8.10
CA ASP C 438 19.91 -13.91 -7.33
C ASP C 438 20.12 -13.72 -5.84
N SER C 439 19.02 -13.44 -5.13
CA SER C 439 19.07 -13.18 -3.70
C SER C 439 19.32 -14.45 -2.90
N VAL C 440 19.62 -14.27 -1.61
CA VAL C 440 19.93 -15.38 -0.71
C VAL C 440 18.69 -15.87 0.04
N MET D 1 39.66 33.54 -35.63
CA MET D 1 40.13 32.79 -36.78
C MET D 1 41.05 31.68 -36.24
N ARG D 2 41.72 30.95 -37.13
CA ARG D 2 42.74 29.98 -36.73
C ARG D 2 44.09 30.14 -37.45
N GLU D 3 44.97 31.02 -36.97
CA GLU D 3 46.21 31.33 -37.70
C GLU D 3 47.28 30.26 -37.68
N ILE D 4 47.93 30.11 -38.82
CA ILE D 4 49.23 29.45 -38.83
C ILE D 4 50.25 30.48 -39.30
N VAL D 5 51.36 30.55 -38.58
CA VAL D 5 52.48 31.38 -39.01
C VAL D 5 53.53 30.51 -39.68
N HIS D 6 53.79 30.81 -40.95
CA HIS D 6 54.71 30.02 -41.76
C HIS D 6 56.12 30.62 -41.75
N ILE D 7 57.12 29.74 -41.60
CA ILE D 7 58.52 30.16 -41.61
C ILE D 7 59.33 29.26 -42.54
N GLN D 8 60.08 29.87 -43.45
CA GLN D 8 60.97 29.12 -44.34
C GLN D 8 62.42 29.60 -44.20
N ALA D 9 63.34 28.66 -44.01
CA ALA D 9 64.72 29.00 -43.70
C ALA D 9 65.71 28.22 -44.57
N GLY D 10 66.79 28.89 -44.97
CA GLY D 10 67.80 28.27 -45.82
C GLY D 10 67.35 28.22 -47.27
N GLN D 11 68.16 27.63 -48.12
CA GLN D 11 67.82 27.53 -49.54
C GLN D 11 66.68 26.56 -49.77
N CYS D 12 66.82 25.35 -49.24
CA CYS D 12 65.81 24.31 -49.43
C CYS D 12 64.47 24.74 -48.85
N GLY D 13 64.52 25.28 -47.64
CA GLY D 13 63.32 25.76 -46.96
C GLY D 13 62.59 26.81 -47.76
N ASN D 14 63.33 27.70 -48.39
CA ASN D 14 62.72 28.80 -49.14
C ASN D 14 62.12 28.38 -50.48
N GLN D 15 62.73 27.41 -51.14
CA GLN D 15 62.22 26.99 -52.45
C GLN D 15 61.05 26.02 -52.34
N ILE D 16 61.09 25.10 -51.37
CA ILE D 16 59.90 24.27 -51.13
C ILE D 16 58.82 25.14 -50.47
N GLY D 17 59.26 26.19 -49.76
CA GLY D 17 58.34 27.14 -49.17
C GLY D 17 57.60 27.93 -50.24
N ALA D 18 58.33 28.39 -51.25
CA ALA D 18 57.75 29.13 -52.35
C ALA D 18 56.81 28.25 -53.15
N LYS D 19 57.18 26.98 -53.33
CA LYS D 19 56.33 26.01 -54.02
C LYS D 19 55.02 25.79 -53.29
N PHE D 20 55.10 25.70 -51.96
CA PHE D 20 53.90 25.50 -51.14
C PHE D 20 52.91 26.64 -51.36
N TRP D 21 53.42 27.87 -51.33
CA TRP D 21 52.56 29.04 -51.46
C TRP D 21 51.99 29.19 -52.86
N GLU D 22 52.74 28.76 -53.87
CA GLU D 22 52.22 28.76 -55.23
C GLU D 22 51.02 27.83 -55.35
N VAL D 23 51.20 26.59 -54.88
CA VAL D 23 50.18 25.56 -55.00
C VAL D 23 48.90 25.88 -54.24
N ILE D 24 49.03 26.38 -53.02
CA ILE D 24 47.84 26.66 -52.22
C ILE D 24 47.19 27.99 -52.59
N SER D 25 47.96 28.91 -53.19
CA SER D 25 47.39 30.15 -53.69
C SER D 25 46.49 29.82 -54.88
N ASP D 26 46.94 28.87 -55.69
CA ASP D 26 46.18 28.39 -56.83
C ASP D 26 44.87 27.74 -56.37
N GLU D 27 44.97 26.90 -55.34
CA GLU D 27 43.80 26.22 -54.81
C GLU D 27 42.79 27.19 -54.22
N HIS D 28 43.29 28.21 -53.53
CA HIS D 28 42.43 29.19 -52.87
C HIS D 28 42.01 30.29 -53.83
N GLY D 29 42.56 30.26 -55.04
CA GLY D 29 42.13 31.15 -56.10
C GLY D 29 42.60 32.58 -55.98
N ILE D 30 43.83 32.78 -55.52
CA ILE D 30 44.41 34.11 -55.49
C ILE D 30 45.64 34.18 -56.39
N ASP D 31 45.80 35.30 -57.07
CA ASP D 31 46.90 35.48 -58.03
C ASP D 31 48.10 36.15 -57.37
N PRO D 32 49.25 36.20 -58.06
CA PRO D 32 50.45 36.82 -57.46
C PRO D 32 50.29 38.27 -56.98
N THR D 33 49.21 38.94 -57.35
CA THR D 33 48.97 40.28 -56.83
C THR D 33 48.42 40.18 -55.41
N GLY D 34 47.66 39.12 -55.16
CA GLY D 34 47.06 38.89 -53.86
C GLY D 34 45.56 39.09 -53.90
N SER D 35 45.02 39.14 -55.12
CA SER D 35 43.59 39.34 -55.31
C SER D 35 42.87 38.01 -55.55
N TYR D 36 41.68 37.88 -54.98
CA TYR D 36 40.88 36.69 -55.17
C TYR D 36 40.12 36.72 -56.50
N HIS D 37 40.18 35.63 -57.25
CA HIS D 37 39.44 35.51 -58.48
C HIS D 37 38.93 34.09 -58.68
N GLY D 38 38.33 33.52 -57.63
CA GLY D 38 37.86 32.15 -57.66
C GLY D 38 36.40 31.99 -58.06
N ASP D 39 35.79 30.91 -57.60
CA ASP D 39 34.45 30.56 -58.01
C ASP D 39 33.63 30.03 -56.83
N SER D 40 34.33 29.46 -55.85
CA SER D 40 33.70 28.90 -54.68
C SER D 40 34.07 29.67 -53.42
N ASP D 41 33.10 29.84 -52.53
CA ASP D 41 33.34 30.51 -51.26
C ASP D 41 34.09 29.58 -50.32
N LEU D 42 34.17 28.31 -50.68
CA LEU D 42 34.92 27.33 -49.90
C LEU D 42 36.42 27.58 -50.02
N GLN D 43 36.81 28.38 -51.01
CA GLN D 43 38.19 28.79 -51.19
C GLN D 43 38.56 29.89 -50.19
N LEU D 44 37.55 30.59 -49.69
CA LEU D 44 37.77 31.73 -48.81
C LEU D 44 37.33 31.46 -47.38
N GLU D 45 36.65 30.34 -47.16
CA GLU D 45 36.12 30.00 -45.85
C GLU D 45 37.21 30.00 -44.78
N ARG D 46 38.32 29.35 -45.07
CA ARG D 46 39.44 29.29 -44.13
C ARG D 46 40.69 29.92 -44.73
N ILE D 47 40.48 30.95 -45.55
CA ILE D 47 41.57 31.67 -46.20
C ILE D 47 42.49 32.33 -45.16
N ASN D 48 41.95 32.56 -43.97
CA ASN D 48 42.64 33.27 -42.91
C ASN D 48 43.72 32.45 -42.24
N VAL D 49 43.67 31.12 -42.44
CA VAL D 49 44.62 30.23 -41.82
C VAL D 49 46.05 30.54 -42.26
N TYR D 50 46.23 30.82 -43.54
CA TYR D 50 47.55 31.08 -44.10
C TYR D 50 47.70 32.49 -44.68
N TYR D 51 46.62 33.26 -44.70
CA TYR D 51 46.68 34.60 -45.27
C TYR D 51 46.13 35.68 -44.35
N ASN D 52 46.80 36.83 -44.37
CA ASN D 52 46.26 38.05 -43.76
C ASN D 52 45.48 38.84 -44.82
N GLU D 53 44.33 39.37 -44.41
CA GLU D 53 43.62 40.32 -45.26
C GLU D 53 44.27 41.67 -45.07
N ALA D 54 44.44 42.43 -46.15
CA ALA D 54 45.26 43.62 -46.07
C ALA D 54 44.55 44.84 -46.63
N THR D 55 45.24 45.51 -47.56
CA THR D 55 44.64 46.58 -48.35
C THR D 55 43.35 46.00 -48.94
N GLY D 56 42.43 46.87 -49.36
CA GLY D 56 41.28 46.44 -50.12
C GLY D 56 41.60 45.30 -51.09
N ASN D 57 40.69 44.34 -51.18
CA ASN D 57 40.82 43.13 -52.00
C ASN D 57 42.15 42.33 -51.97
N LYS D 58 42.99 42.44 -50.93
CA LYS D 58 44.32 41.80 -51.01
C LYS D 58 44.69 40.80 -49.90
N TYR D 59 45.23 39.65 -50.29
CA TYR D 59 45.60 38.58 -49.37
C TYR D 59 47.11 38.33 -49.34
N VAL D 60 47.69 38.40 -48.15
CA VAL D 60 49.14 38.32 -48.00
C VAL D 60 49.52 37.16 -47.09
N PRO D 61 50.31 36.21 -47.63
CA PRO D 61 50.78 35.04 -46.89
C PRO D 61 51.39 35.41 -45.55
N ARG D 62 50.89 34.78 -44.49
CA ARG D 62 51.50 34.92 -43.17
C ARG D 62 52.79 34.12 -43.15
N ALA D 63 53.76 34.56 -43.94
CA ALA D 63 54.99 33.82 -44.13
C ALA D 63 56.22 34.68 -43.83
N ILE D 64 57.26 34.03 -43.32
CA ILE D 64 58.49 34.74 -42.95
C ILE D 64 59.70 34.09 -43.62
N LEU D 65 60.35 34.84 -44.50
CA LEU D 65 61.41 34.31 -45.35
C LEU D 65 62.78 34.61 -44.76
N VAL D 66 63.53 33.57 -44.44
CA VAL D 66 64.77 33.70 -43.69
C VAL D 66 65.93 32.95 -44.35
N ASP D 67 67.10 33.58 -44.40
CA ASP D 67 68.32 32.95 -44.90
C ASP D 67 69.55 33.78 -44.52
N LEU D 68 70.68 33.12 -44.33
CA LEU D 68 71.93 33.81 -44.00
C LEU D 68 72.65 34.34 -45.24
N GLU D 69 72.06 34.11 -46.41
CA GLU D 69 72.60 34.66 -47.66
C GLU D 69 71.47 35.27 -48.49
N PRO D 70 71.72 36.46 -49.05
CA PRO D 70 70.68 37.22 -49.73
C PRO D 70 70.26 36.63 -51.07
N GLY D 71 71.05 35.70 -51.60
CA GLY D 71 70.82 35.14 -52.93
C GLY D 71 69.41 34.62 -53.17
N THR D 72 68.98 33.67 -52.35
CA THR D 72 67.67 33.04 -52.51
C THR D 72 66.51 34.01 -52.32
N MET D 73 66.76 35.08 -51.56
CA MET D 73 65.75 36.12 -51.33
C MET D 73 65.28 36.75 -52.64
N ASP D 74 66.25 37.11 -53.47
CA ASP D 74 65.94 37.68 -54.78
C ASP D 74 65.25 36.65 -55.66
N SER D 75 65.67 35.39 -55.54
CA SER D 75 65.07 34.29 -56.29
C SER D 75 63.58 34.19 -56.03
N VAL D 76 63.19 34.28 -54.77
CA VAL D 76 61.78 34.23 -54.39
C VAL D 76 61.05 35.47 -54.90
N ARG D 77 61.66 36.64 -54.68
CA ARG D 77 61.11 37.90 -55.14
C ARG D 77 60.95 37.91 -56.65
N SER D 78 61.85 37.20 -57.34
CA SER D 78 61.81 37.11 -58.79
C SER D 78 60.90 35.97 -59.27
N GLY D 79 60.78 34.94 -58.45
CA GLY D 79 59.95 33.80 -58.79
C GLY D 79 58.48 34.17 -58.84
N PRO D 80 57.64 33.25 -59.33
CA PRO D 80 56.19 33.48 -59.38
C PRO D 80 55.63 33.65 -57.97
N PHE D 81 54.66 34.54 -57.82
CA PHE D 81 54.09 34.89 -56.52
C PHE D 81 55.11 35.55 -55.61
N GLY D 82 56.14 36.14 -56.20
CA GLY D 82 57.16 36.84 -55.44
C GLY D 82 56.65 38.16 -54.90
N GLN D 83 55.69 38.75 -55.60
CA GLN D 83 55.13 40.04 -55.22
C GLN D 83 53.94 39.92 -54.28
N ILE D 84 53.69 38.70 -53.81
CA ILE D 84 52.57 38.49 -52.89
C ILE D 84 53.08 38.48 -51.45
N PHE D 85 54.37 38.24 -51.27
CA PHE D 85 54.96 38.21 -49.94
C PHE D 85 55.17 39.61 -49.39
N ARG D 86 54.97 39.75 -48.07
CA ARG D 86 55.19 41.01 -47.39
C ARG D 86 56.68 41.33 -47.34
N PRO D 87 57.07 42.47 -47.94
CA PRO D 87 58.48 42.90 -48.06
C PRO D 87 59.23 42.90 -46.73
N ASP D 88 58.58 43.38 -45.68
CA ASP D 88 59.20 43.44 -44.35
C ASP D 88 59.48 42.05 -43.78
N ASN D 89 58.79 41.05 -44.29
CA ASN D 89 58.95 39.68 -43.79
C ASN D 89 60.15 38.97 -44.42
N PHE D 90 60.89 39.69 -45.24
CA PHE D 90 62.16 39.20 -45.76
C PHE D 90 63.28 39.54 -44.76
N VAL D 91 63.87 38.52 -44.17
CA VAL D 91 64.95 38.72 -43.20
C VAL D 91 66.17 37.90 -43.61
N PHE D 92 67.21 38.60 -44.08
CA PHE D 92 68.38 37.93 -44.65
C PHE D 92 69.70 38.44 -44.07
N GLY D 93 70.66 37.54 -43.95
CA GLY D 93 72.01 37.91 -43.61
C GLY D 93 72.86 38.04 -44.87
N GLN D 94 74.08 38.51 -44.69
CA GLN D 94 75.06 38.63 -45.76
C GLN D 94 75.97 37.41 -45.70
N SER D 95 75.95 36.78 -44.53
CA SER D 95 76.97 35.83 -44.11
C SER D 95 77.11 34.59 -45.00
N GLY D 96 76.05 33.80 -45.10
CA GLY D 96 76.14 32.51 -45.78
C GLY D 96 76.77 31.50 -44.84
N ALA D 97 76.01 30.47 -44.47
CA ALA D 97 76.44 29.54 -43.42
C ALA D 97 77.44 28.50 -43.92
N GLY D 98 77.48 28.33 -45.24
CA GLY D 98 78.42 27.41 -45.87
C GLY D 98 78.32 25.98 -45.36
N ASN D 99 77.10 25.49 -45.20
CA ASN D 99 76.83 24.11 -44.76
C ASN D 99 77.44 23.79 -43.40
N ASN D 100 77.58 24.80 -42.55
CA ASN D 100 78.10 24.61 -41.20
C ASN D 100 76.99 24.80 -40.17
N TRP D 101 76.57 23.70 -39.54
CA TRP D 101 75.48 23.72 -38.56
C TRP D 101 75.77 24.69 -37.42
N ALA D 102 77.00 24.66 -36.92
CA ALA D 102 77.41 25.54 -35.82
C ALA D 102 77.24 27.00 -36.18
N LYS D 103 77.58 27.36 -37.42
CA LYS D 103 77.40 28.74 -37.89
C LYS D 103 75.94 29.15 -37.86
N GLY D 104 75.06 28.21 -38.18
CA GLY D 104 73.63 28.47 -38.17
C GLY D 104 73.07 28.56 -36.77
N HIS D 105 73.54 27.67 -35.89
CA HIS D 105 72.94 27.54 -34.56
C HIS D 105 73.55 28.47 -33.50
N TYR D 106 74.86 28.68 -33.57
CA TYR D 106 75.55 29.39 -32.49
C TYR D 106 76.15 30.75 -32.89
N THR D 107 76.57 30.88 -34.13
CA THR D 107 77.33 32.05 -34.54
C THR D 107 76.55 33.00 -35.43
N GLU D 108 76.61 32.76 -36.74
CA GLU D 108 75.99 33.65 -37.72
C GLU D 108 74.47 33.77 -37.52
N GLY D 109 73.83 32.63 -37.32
CA GLY D 109 72.39 32.59 -37.15
C GLY D 109 71.95 33.26 -35.86
N ALA D 110 72.75 33.09 -34.81
CA ALA D 110 72.43 33.65 -33.50
C ALA D 110 72.39 35.17 -33.53
N GLU D 111 73.13 35.77 -34.46
CA GLU D 111 73.19 37.21 -34.59
C GLU D 111 71.99 37.74 -35.37
N LEU D 112 71.45 36.92 -36.24
CA LEU D 112 70.34 37.31 -37.10
C LEU D 112 68.98 36.95 -36.50
N VAL D 113 68.97 35.97 -35.60
CA VAL D 113 67.74 35.35 -35.13
C VAL D 113 66.77 36.34 -34.44
N ASP D 114 67.30 37.41 -33.87
CA ASP D 114 66.48 38.39 -33.17
C ASP D 114 65.55 39.15 -34.11
N SER D 115 66.09 39.61 -35.24
CA SER D 115 65.30 40.33 -36.23
C SER D 115 64.28 39.41 -36.88
N VAL D 116 64.55 38.11 -36.85
CA VAL D 116 63.58 37.13 -37.31
C VAL D 116 62.42 37.05 -36.34
N LEU D 117 62.75 36.90 -35.05
CA LEU D 117 61.76 36.85 -33.99
C LEU D 117 60.88 38.10 -33.96
N ASP D 118 61.46 39.23 -34.34
CA ASP D 118 60.72 40.49 -34.39
C ASP D 118 59.58 40.41 -35.40
N VAL D 119 59.84 39.76 -36.53
CA VAL D 119 58.82 39.60 -37.56
C VAL D 119 57.79 38.56 -37.14
N VAL D 120 58.26 37.50 -36.48
CA VAL D 120 57.38 36.48 -35.93
C VAL D 120 56.39 37.10 -34.96
N ARG D 121 56.91 37.89 -34.03
CA ARG D 121 56.12 38.53 -32.99
C ARG D 121 55.08 39.48 -33.57
N LYS D 122 55.43 40.16 -34.65
CA LYS D 122 54.53 41.10 -35.29
C LYS D 122 53.36 40.37 -35.96
N GLU D 123 53.67 39.25 -36.60
CA GLU D 123 52.64 38.43 -37.22
C GLU D 123 51.77 37.76 -36.16
N SER D 124 52.40 37.22 -35.13
CA SER D 124 51.70 36.49 -34.08
C SER D 124 50.74 37.36 -33.27
N GLU D 125 51.14 38.58 -32.96
CA GLU D 125 50.31 39.43 -32.10
C GLU D 125 49.10 39.96 -32.86
N SER D 126 49.20 39.97 -34.19
CA SER D 126 48.07 40.37 -35.03
C SER D 126 47.08 39.22 -35.18
N CYS D 127 47.33 38.12 -34.48
CA CYS D 127 46.53 36.90 -34.62
C CYS D 127 45.37 36.87 -33.64
N ASP D 128 44.18 36.57 -34.16
CA ASP D 128 42.99 36.41 -33.35
C ASP D 128 43.19 35.26 -32.36
N CYS D 129 43.62 34.11 -32.85
CA CYS D 129 43.99 33.00 -31.97
C CYS D 129 44.96 32.05 -32.66
N LEU D 130 46.25 32.34 -32.53
CA LEU D 130 47.31 31.56 -33.17
C LEU D 130 47.22 30.09 -32.81
N GLN D 131 47.17 29.21 -33.80
CA GLN D 131 47.13 27.79 -33.51
C GLN D 131 48.52 27.15 -33.59
N GLY D 132 49.45 27.82 -34.26
CA GLY D 132 50.83 27.34 -34.27
C GLY D 132 51.71 27.79 -35.41
N PHE D 133 52.88 27.15 -35.50
CA PHE D 133 53.90 27.50 -36.49
C PHE D 133 54.25 26.30 -37.36
N GLN D 134 54.67 26.57 -38.59
CA GLN D 134 55.27 25.52 -39.42
C GLN D 134 56.57 26.01 -40.06
N LEU D 135 57.56 25.14 -40.09
CA LEU D 135 58.87 25.49 -40.64
C LEU D 135 59.25 24.59 -41.80
N THR D 136 59.59 25.18 -42.95
CA THR D 136 60.19 24.43 -44.05
C THR D 136 61.70 24.68 -44.04
N HIS D 137 62.47 23.60 -44.09
CA HIS D 137 63.92 23.68 -44.03
C HIS D 137 64.51 22.30 -44.37
N SER D 138 65.82 22.27 -44.62
CA SER D 138 66.52 21.00 -44.76
C SER D 138 67.41 20.79 -43.53
N LEU D 139 67.81 19.54 -43.30
CA LEU D 139 68.66 19.24 -42.15
C LEU D 139 70.13 19.04 -42.57
N GLY D 140 70.37 19.03 -43.88
CA GLY D 140 71.69 18.77 -44.41
C GLY D 140 72.58 19.99 -44.56
N GLY D 141 71.95 21.15 -44.70
CA GLY D 141 72.69 22.39 -44.88
C GLY D 141 73.13 23.02 -43.57
N GLY D 142 73.22 24.34 -43.54
CA GLY D 142 73.68 25.05 -42.38
C GLY D 142 72.68 26.04 -41.81
N THR D 143 72.05 26.82 -42.69
CA THR D 143 71.10 27.83 -42.25
C THR D 143 69.77 27.21 -41.80
N GLY D 144 69.07 26.56 -42.73
CA GLY D 144 67.79 25.95 -42.43
C GLY D 144 67.89 24.91 -41.33
N SER D 145 69.02 24.21 -41.29
CA SER D 145 69.27 23.19 -40.29
C SER D 145 69.66 23.77 -38.94
N GLY D 146 70.73 24.55 -38.94
CA GLY D 146 71.27 25.10 -37.70
C GLY D 146 70.49 26.27 -37.14
N MET D 147 70.15 27.23 -38.00
CA MET D 147 69.42 28.40 -37.55
C MET D 147 67.92 28.09 -37.42
N GLY D 148 67.44 27.18 -38.24
CA GLY D 148 66.06 26.74 -38.18
C GLY D 148 65.73 26.12 -36.83
N THR D 149 66.61 25.25 -36.34
CA THR D 149 66.39 24.62 -35.04
C THR D 149 66.67 25.59 -33.90
N LEU D 150 67.49 26.62 -34.16
CA LEU D 150 67.69 27.68 -33.16
C LEU D 150 66.43 28.51 -33.05
N LEU D 151 65.84 28.81 -34.21
CA LEU D 151 64.60 29.56 -34.28
C LEU D 151 63.47 28.86 -33.54
N ILE D 152 63.43 27.54 -33.67
CA ILE D 152 62.42 26.73 -33.00
C ILE D 152 62.56 26.87 -31.48
N SER D 153 63.80 26.76 -31.01
CA SER D 153 64.07 26.88 -29.58
C SER D 153 63.68 28.25 -29.04
N LYS D 154 63.91 29.28 -29.84
CA LYS D 154 63.58 30.65 -29.44
C LYS D 154 62.07 30.89 -29.45
N ILE D 155 61.39 30.39 -30.48
CA ILE D 155 59.94 30.55 -30.60
C ILE D 155 59.22 29.86 -29.43
N ARG D 156 59.69 28.67 -29.08
CA ARG D 156 59.08 27.91 -28.00
C ARG D 156 59.29 28.57 -26.64
N GLU D 157 60.27 29.46 -26.57
CA GLU D 157 60.52 30.22 -25.35
C GLU D 157 59.47 31.30 -25.16
N GLU D 158 59.02 31.90 -26.27
CA GLU D 158 58.01 32.94 -26.24
C GLU D 158 56.61 32.38 -26.45
N TYR D 159 56.54 31.20 -27.06
CA TYR D 159 55.26 30.55 -27.32
C TYR D 159 55.31 29.07 -26.93
N PRO D 160 55.39 28.79 -25.61
CA PRO D 160 55.55 27.42 -25.13
C PRO D 160 54.27 26.60 -25.19
N ASP D 161 53.14 27.27 -25.43
CA ASP D 161 51.87 26.59 -25.53
C ASP D 161 51.27 26.73 -26.92
N ARG D 162 52.15 26.76 -27.93
CA ARG D 162 51.73 26.76 -29.32
C ARG D 162 52.31 25.55 -30.02
N ILE D 163 51.61 25.08 -31.05
CA ILE D 163 52.05 23.90 -31.79
C ILE D 163 53.18 24.26 -32.77
N MET D 164 54.24 23.45 -32.78
CA MET D 164 55.36 23.66 -33.69
C MET D 164 55.56 22.46 -34.61
N ASN D 165 55.20 22.62 -35.89
CA ASN D 165 55.37 21.57 -36.88
C ASN D 165 56.46 21.90 -37.89
N THR D 166 57.25 20.90 -38.26
CA THR D 166 58.27 21.13 -39.29
C THR D 166 58.11 20.21 -40.48
N PHE D 167 58.45 20.72 -41.64
CA PHE D 167 58.62 19.91 -42.84
C PHE D 167 60.11 19.82 -43.12
N SER D 168 60.74 18.77 -42.62
CA SER D 168 62.19 18.67 -42.65
C SER D 168 62.69 17.78 -43.78
N VAL D 169 63.52 18.36 -44.63
CA VAL D 169 64.08 17.62 -45.76
C VAL D 169 65.37 16.90 -45.36
N MET D 170 65.34 15.58 -45.48
CA MET D 170 66.44 14.73 -45.04
C MET D 170 67.50 14.54 -46.12
N PRO D 171 68.78 14.63 -45.75
CA PRO D 171 69.91 14.58 -46.68
C PRO D 171 70.15 13.19 -47.28
N SER D 172 70.48 13.16 -48.56
CA SER D 172 70.79 11.91 -49.25
C SER D 172 71.95 12.08 -50.22
N PRO D 173 72.90 11.13 -50.21
CA PRO D 173 74.04 11.12 -51.14
C PRO D 173 73.61 11.09 -52.60
N LYS D 174 72.40 10.60 -52.87
CA LYS D 174 71.89 10.51 -54.24
C LYS D 174 71.52 11.88 -54.82
N VAL D 175 71.44 12.89 -53.96
CA VAL D 175 71.00 14.21 -54.40
C VAL D 175 72.07 15.27 -54.13
N SER D 176 72.74 15.17 -52.99
CA SER D 176 73.76 16.14 -52.62
C SER D 176 75.10 15.48 -52.31
N ASP D 177 76.16 15.99 -52.94
CA ASP D 177 77.50 15.46 -52.79
C ASP D 177 78.14 15.87 -51.47
N THR D 178 77.57 16.90 -50.84
CA THR D 178 78.15 17.50 -49.63
C THR D 178 78.36 16.46 -48.54
N VAL D 179 79.63 16.34 -48.13
CA VAL D 179 80.09 15.24 -47.29
C VAL D 179 79.64 15.39 -45.84
N VAL D 180 79.51 16.63 -45.39
CA VAL D 180 79.35 16.97 -43.99
C VAL D 180 77.89 16.86 -43.50
N GLU D 181 76.97 16.62 -44.44
CA GLU D 181 75.54 16.57 -44.15
C GLU D 181 75.05 15.61 -43.04
N PRO D 182 75.66 14.42 -42.91
CA PRO D 182 75.22 13.59 -41.77
C PRO D 182 75.50 14.21 -40.40
N TYR D 183 76.47 15.11 -40.30
CA TYR D 183 76.70 15.86 -39.08
C TYR D 183 75.54 16.81 -38.80
N ASN D 184 75.18 17.58 -39.83
CA ASN D 184 74.14 18.58 -39.72
C ASN D 184 72.77 17.97 -39.42
N ALA D 185 72.50 16.81 -40.02
CA ALA D 185 71.23 16.11 -39.81
C ALA D 185 71.13 15.58 -38.38
N THR D 186 72.18 14.91 -37.91
CA THR D 186 72.19 14.35 -36.57
C THR D 186 72.09 15.43 -35.50
N LEU D 187 72.72 16.58 -35.75
CA LEU D 187 72.66 17.69 -34.82
C LEU D 187 71.25 18.30 -34.77
N SER D 188 70.61 18.38 -35.94
CA SER D 188 69.27 18.95 -36.03
C SER D 188 68.20 18.03 -35.43
N VAL D 189 68.30 16.74 -35.72
CA VAL D 189 67.38 15.75 -35.17
C VAL D 189 67.41 15.81 -33.65
N HIS D 190 68.61 15.96 -33.09
CA HIS D 190 68.81 16.11 -31.65
C HIS D 190 67.98 17.26 -31.08
N GLN D 191 67.70 18.25 -31.91
CA GLN D 191 66.89 19.39 -31.53
C GLN D 191 65.39 19.15 -31.78
N LEU D 192 65.09 18.54 -32.93
CA LEU D 192 63.69 18.35 -33.36
C LEU D 192 62.94 17.38 -32.46
N VAL D 193 63.64 16.38 -31.94
CA VAL D 193 63.04 15.36 -31.09
C VAL D 193 62.55 15.96 -29.77
N GLU D 194 63.14 17.09 -29.39
CA GLU D 194 62.82 17.74 -28.12
C GLU D 194 61.80 18.88 -28.27
N ASN D 195 61.85 19.56 -29.41
CA ASN D 195 61.18 20.86 -29.52
C ASN D 195 60.13 21.00 -30.62
N THR D 196 59.67 19.91 -31.21
CA THR D 196 58.57 19.99 -32.19
C THR D 196 57.44 19.01 -31.85
N ASP D 197 56.25 19.30 -32.38
CA ASP D 197 55.09 18.44 -32.21
C ASP D 197 54.95 17.45 -33.36
N GLU D 198 55.21 17.94 -34.57
CA GLU D 198 55.21 17.08 -35.74
C GLU D 198 56.39 17.39 -36.64
N THR D 199 57.07 16.36 -37.11
CA THR D 199 58.09 16.53 -38.12
C THR D 199 57.80 15.62 -39.29
N TYR D 200 57.52 16.21 -40.45
CA TYR D 200 57.32 15.44 -41.65
C TYR D 200 58.66 15.15 -42.30
N CYS D 201 59.08 13.90 -42.22
CA CYS D 201 60.37 13.49 -42.75
C CYS D 201 60.33 13.41 -44.28
N ILE D 202 60.62 14.53 -44.92
CA ILE D 202 60.72 14.59 -46.37
C ILE D 202 62.10 14.12 -46.79
N ASP D 203 62.22 12.84 -47.12
CA ASP D 203 63.52 12.24 -47.40
C ASP D 203 63.91 12.37 -48.86
N ASN D 204 65.03 13.03 -49.11
CA ASN D 204 65.53 13.25 -50.48
C ASN D 204 65.86 11.93 -51.18
N GLU D 205 66.25 10.93 -50.40
CA GLU D 205 66.50 9.59 -50.93
C GLU D 205 65.24 9.00 -51.54
N ALA D 206 64.12 9.17 -50.85
CA ALA D 206 62.83 8.68 -51.33
C ALA D 206 62.32 9.53 -52.50
N LEU D 207 62.55 10.83 -52.43
CA LEU D 207 62.12 11.73 -53.49
C LEU D 207 62.85 11.41 -54.78
N TYR D 208 64.14 11.12 -54.66
CA TYR D 208 64.96 10.73 -55.79
C TYR D 208 64.47 9.41 -56.38
N ASP D 209 64.32 8.40 -55.53
CA ASP D 209 63.93 7.07 -55.98
C ASP D 209 62.56 7.06 -56.67
N ILE D 210 61.69 7.99 -56.27
CA ILE D 210 60.38 8.09 -56.90
C ILE D 210 60.47 8.72 -58.29
N CYS D 211 61.15 9.86 -58.39
CA CYS D 211 61.34 10.54 -59.67
C CYS D 211 62.02 9.63 -60.67
N PHE D 212 63.01 8.89 -60.21
CA PHE D 212 63.82 8.03 -61.06
C PHE D 212 63.06 6.79 -61.54
N ARG D 213 62.64 5.96 -60.58
CA ARG D 213 62.11 4.64 -60.90
C ARG D 213 60.62 4.63 -61.24
N THR D 214 59.85 5.52 -60.61
CA THR D 214 58.42 5.56 -60.86
C THR D 214 58.07 6.57 -61.95
N LEU D 215 58.54 7.80 -61.78
CA LEU D 215 58.24 8.86 -62.75
C LEU D 215 59.14 8.76 -63.98
N LYS D 216 60.08 7.82 -63.94
CA LYS D 216 60.99 7.55 -65.04
C LYS D 216 61.71 8.83 -65.50
N LEU D 217 62.32 9.52 -64.55
CA LEU D 217 63.07 10.73 -64.85
C LEU D 217 64.55 10.52 -64.57
N THR D 218 65.33 10.37 -65.64
CA THR D 218 66.78 10.31 -65.53
C THR D 218 67.30 11.64 -65.01
N THR D 219 68.24 11.58 -64.08
CA THR D 219 68.86 12.76 -63.48
C THR D 219 67.83 13.84 -63.11
N PRO D 220 67.08 13.61 -62.02
CA PRO D 220 66.00 14.51 -61.62
C PRO D 220 66.50 15.83 -61.01
N THR D 221 65.81 16.92 -61.33
CA THR D 221 66.15 18.23 -60.81
C THR D 221 65.51 18.47 -59.45
N TYR D 222 65.86 19.58 -58.81
CA TYR D 222 65.21 19.96 -57.57
C TYR D 222 63.73 20.28 -57.81
N GLY D 223 63.43 20.81 -58.99
CA GLY D 223 62.06 21.08 -59.39
C GLY D 223 61.23 19.82 -59.44
N ASP D 224 61.85 18.71 -59.82
CA ASP D 224 61.17 17.42 -59.84
C ASP D 224 60.94 16.90 -58.44
N LEU D 225 61.97 17.00 -57.59
CA LEU D 225 61.88 16.57 -56.21
C LEU D 225 60.83 17.37 -55.44
N ASN D 226 60.78 18.67 -55.71
CA ASN D 226 59.92 19.57 -54.97
C ASN D 226 58.47 19.56 -55.42
N HIS D 227 58.22 19.01 -56.60
CA HIS D 227 56.85 18.89 -57.09
C HIS D 227 56.12 17.86 -56.23
N LEU D 228 56.84 16.82 -55.84
CA LEU D 228 56.32 15.83 -54.92
C LEU D 228 56.07 16.45 -53.55
N VAL D 229 57.03 17.27 -53.11
CA VAL D 229 56.95 17.93 -51.81
C VAL D 229 55.77 18.90 -51.71
N SER D 230 55.58 19.69 -52.75
CA SER D 230 54.48 20.65 -52.77
C SER D 230 53.13 19.92 -52.78
N ALA D 231 53.06 18.82 -53.53
CA ALA D 231 51.83 18.03 -53.60
C ALA D 231 51.50 17.40 -52.25
N THR D 232 52.55 16.98 -51.53
CA THR D 232 52.38 16.39 -50.21
C THR D 232 51.96 17.43 -49.17
N MET D 233 52.70 18.54 -49.13
CA MET D 233 52.40 19.61 -48.19
C MET D 233 51.00 20.18 -48.40
N SER D 234 50.57 20.20 -49.66
CA SER D 234 49.21 20.62 -49.98
C SER D 234 48.21 19.65 -49.35
N GLY D 235 48.54 18.36 -49.38
CA GLY D 235 47.67 17.33 -48.87
C GLY D 235 47.54 17.34 -47.35
N VAL D 236 48.66 17.45 -46.66
CA VAL D 236 48.67 17.41 -45.20
C VAL D 236 48.06 18.66 -44.57
N THR D 237 47.79 19.69 -45.36
CA THR D 237 47.19 20.91 -44.83
C THR D 237 45.80 21.15 -45.40
N THR D 238 45.28 20.18 -46.15
CA THR D 238 43.97 20.29 -46.79
C THR D 238 42.83 20.47 -45.77
N CYS D 239 42.85 19.66 -44.71
CA CYS D 239 41.78 19.72 -43.71
C CYS D 239 41.80 21.04 -42.94
N LEU D 240 42.95 21.70 -42.93
CA LEU D 240 43.09 23.00 -42.26
C LEU D 240 42.57 24.14 -43.13
N ARG D 241 42.68 23.97 -44.45
CA ARG D 241 42.38 25.06 -45.38
C ARG D 241 40.99 24.96 -46.01
N PHE D 242 40.37 23.79 -45.93
CA PHE D 242 39.02 23.62 -46.48
C PHE D 242 38.06 23.06 -45.44
N PRO D 243 36.82 23.58 -45.41
CA PRO D 243 35.80 23.01 -44.54
C PRO D 243 35.36 21.63 -45.00
N GLY D 244 35.40 20.66 -44.10
CA GLY D 244 35.01 19.30 -44.45
C GLY D 244 34.50 18.53 -43.25
N GLN D 245 34.98 17.30 -43.10
CA GLN D 245 34.56 16.43 -42.00
C GLN D 245 35.28 16.80 -40.71
N LEU D 246 36.47 17.36 -40.84
CA LEU D 246 37.31 17.65 -39.69
C LEU D 246 37.13 19.05 -39.12
N ASN D 247 36.85 19.11 -37.82
CA ASN D 247 36.87 20.36 -37.07
C ASN D 247 38.12 20.34 -36.19
N ALA D 248 39.29 20.39 -36.82
CA ALA D 248 40.53 20.11 -36.11
C ALA D 248 41.65 21.09 -36.40
N ASP D 249 42.13 21.72 -35.33
CA ASP D 249 43.30 22.59 -35.37
C ASP D 249 44.57 21.74 -35.29
N LEU D 250 45.73 22.39 -35.31
CA LEU D 250 47.01 21.69 -35.26
C LEU D 250 47.18 20.84 -34.00
N ARG D 251 46.66 21.32 -32.87
CA ARG D 251 46.80 20.59 -31.62
C ARG D 251 46.00 19.29 -31.63
N LYS D 252 44.74 19.37 -32.07
CA LYS D 252 43.87 18.20 -32.11
C LYS D 252 44.40 17.16 -33.08
N LEU D 253 45.00 17.63 -34.17
CA LEU D 253 45.60 16.73 -35.15
C LEU D 253 46.82 16.02 -34.56
N ALA D 254 47.63 16.76 -33.83
CA ALA D 254 48.80 16.19 -33.17
C ALA D 254 48.41 15.23 -32.04
N VAL D 255 47.39 15.61 -31.28
CA VAL D 255 46.92 14.82 -30.14
C VAL D 255 46.56 13.39 -30.57
N ASN D 256 45.87 13.26 -31.70
CA ASN D 256 45.44 11.96 -32.18
C ASN D 256 46.48 11.23 -33.04
N MET D 257 47.63 11.86 -33.25
CA MET D 257 48.68 11.27 -34.09
C MET D 257 49.96 10.94 -33.33
N VAL D 258 50.15 11.57 -32.17
CA VAL D 258 51.42 11.44 -31.45
C VAL D 258 51.24 10.83 -30.06
N PRO D 259 51.35 9.50 -29.97
CA PRO D 259 51.11 8.77 -28.71
C PRO D 259 52.25 8.94 -27.72
N PHE D 260 53.44 9.28 -28.22
CA PHE D 260 54.59 9.53 -27.35
C PHE D 260 55.34 10.76 -27.84
N PRO D 261 55.71 11.66 -26.92
CA PRO D 261 56.22 13.00 -27.28
C PRO D 261 57.41 12.96 -28.23
N ARG D 262 58.37 12.07 -28.01
CA ARG D 262 59.54 11.99 -28.88
C ARG D 262 59.23 11.36 -30.23
N LEU D 263 58.25 10.46 -30.26
CA LEU D 263 57.94 9.72 -31.48
C LEU D 263 56.95 10.50 -32.33
N HIS D 264 57.41 11.61 -32.91
CA HIS D 264 56.56 12.49 -33.69
C HIS D 264 57.11 12.72 -35.10
N PHE D 265 57.83 11.72 -35.61
CA PHE D 265 58.40 11.80 -36.96
C PHE D 265 57.59 10.99 -37.96
N PHE D 266 56.89 11.70 -38.83
CA PHE D 266 55.93 11.08 -39.74
C PHE D 266 56.56 10.78 -41.09
N MET D 267 56.25 9.61 -41.65
CA MET D 267 56.60 9.35 -43.03
C MET D 267 55.38 9.63 -43.90
N PRO D 268 55.48 10.65 -44.75
CA PRO D 268 54.37 11.03 -45.63
C PRO D 268 54.35 10.20 -46.91
N GLY D 269 53.21 10.19 -47.58
CA GLY D 269 53.07 9.46 -48.82
C GLY D 269 52.04 10.12 -49.70
N PHE D 270 52.10 9.85 -50.99
CA PHE D 270 51.15 10.42 -51.93
C PHE D 270 50.73 9.40 -52.98
N ALA D 271 49.54 9.59 -53.53
CA ALA D 271 49.04 8.75 -54.62
C ALA D 271 48.04 9.54 -55.45
N PRO D 272 48.10 9.38 -56.78
CA PRO D 272 49.07 8.55 -57.50
C PRO D 272 50.35 9.31 -57.84
N LEU D 273 51.31 8.61 -58.42
CA LEU D 273 52.57 9.22 -58.83
C LEU D 273 52.82 9.03 -60.33
N LEU D 284 41.32 6.63 -61.81
CA LEU D 284 41.75 5.75 -60.73
C LEU D 284 40.61 5.41 -59.77
N THR D 285 40.50 4.14 -59.43
CA THR D 285 39.49 3.69 -58.48
C THR D 285 39.97 3.88 -57.05
N VAL D 286 39.03 3.98 -56.12
CA VAL D 286 39.35 4.09 -54.71
C VAL D 286 40.16 2.89 -54.18
N PRO D 287 39.81 1.65 -54.59
CA PRO D 287 40.67 0.54 -54.16
C PRO D 287 42.12 0.69 -54.60
N GLU D 288 42.31 1.21 -55.82
CA GLU D 288 43.65 1.43 -56.36
C GLU D 288 44.39 2.51 -55.58
N LEU D 289 43.73 3.65 -55.37
CA LEU D 289 44.30 4.74 -54.58
C LEU D 289 44.77 4.25 -53.21
N THR D 290 43.89 3.51 -52.53
CA THR D 290 44.14 3.07 -51.17
C THR D 290 45.31 2.08 -51.08
N GLN D 291 45.40 1.17 -52.04
CA GLN D 291 46.49 0.20 -52.07
C GLN D 291 47.83 0.88 -52.31
N GLN D 292 47.85 1.86 -53.20
CA GLN D 292 49.07 2.58 -53.53
C GLN D 292 49.60 3.38 -52.36
N MET D 293 48.72 4.04 -51.61
CA MET D 293 49.14 4.94 -50.55
C MET D 293 49.76 4.19 -49.38
N PHE D 294 49.45 2.90 -49.29
CA PHE D 294 50.02 2.05 -48.26
C PHE D 294 51.24 1.30 -48.79
N ASP D 295 51.54 1.51 -50.07
CA ASP D 295 52.66 0.86 -50.72
C ASP D 295 53.96 1.59 -50.40
N SER D 296 55.03 0.82 -50.18
CA SER D 296 56.33 1.38 -49.82
C SER D 296 56.90 2.30 -50.90
N LYS D 297 56.52 2.07 -52.16
CA LYS D 297 57.00 2.88 -53.27
C LYS D 297 56.46 4.31 -53.22
N ASN D 298 55.34 4.51 -52.55
CA ASN D 298 54.69 5.82 -52.53
C ASN D 298 55.01 6.67 -51.32
N MET D 299 55.95 6.20 -50.49
CA MET D 299 56.35 6.93 -49.30
C MET D 299 57.39 8.01 -49.61
N MET D 300 57.29 9.16 -48.93
CA MET D 300 58.24 10.24 -49.09
C MET D 300 59.43 10.08 -48.14
N ALA D 301 59.44 8.98 -47.40
CA ALA D 301 60.57 8.63 -46.57
C ALA D 301 61.07 7.24 -46.94
N ALA D 302 62.37 7.12 -47.16
CA ALA D 302 62.96 5.85 -47.61
C ALA D 302 62.89 4.78 -46.53
N CYS D 303 61.67 4.33 -46.23
CA CYS D 303 61.47 3.26 -45.26
C CYS D 303 60.42 2.28 -45.77
N ASP D 304 60.53 1.02 -45.36
CA ASP D 304 59.52 0.02 -45.67
C ASP D 304 58.61 -0.13 -44.45
N PRO D 305 57.34 0.27 -44.58
CA PRO D 305 56.38 0.17 -43.47
C PRO D 305 56.22 -1.26 -42.98
N ARG D 306 56.41 -2.22 -43.87
CA ARG D 306 56.30 -3.62 -43.50
C ARG D 306 57.55 -4.14 -42.79
N HIS D 307 58.45 -3.22 -42.42
CA HIS D 307 59.58 -3.57 -41.59
C HIS D 307 59.36 -3.10 -40.15
N GLY D 308 58.18 -2.53 -39.90
CA GLY D 308 57.80 -2.08 -38.57
C GLY D 308 56.30 -2.09 -38.40
N ARG D 309 55.80 -1.35 -37.41
CA ARG D 309 54.36 -1.26 -37.19
C ARG D 309 53.91 0.20 -37.13
N TYR D 310 52.66 0.44 -37.56
CA TYR D 310 52.07 1.77 -37.45
C TYR D 310 51.55 2.02 -36.04
N LEU D 311 51.95 3.14 -35.45
CA LEU D 311 51.38 3.59 -34.19
C LEU D 311 50.05 4.29 -34.50
N THR D 312 50.10 5.25 -35.42
CA THR D 312 48.90 5.94 -35.89
C THR D 312 49.00 6.22 -37.39
N VAL D 313 47.86 6.34 -38.05
CA VAL D 313 47.81 6.66 -39.47
C VAL D 313 46.68 7.64 -39.77
N ALA D 314 46.98 8.66 -40.58
CA ALA D 314 45.95 9.53 -41.12
C ALA D 314 46.06 9.59 -42.64
N ALA D 315 44.92 9.52 -43.31
CA ALA D 315 44.91 9.55 -44.76
C ALA D 315 43.83 10.51 -45.25
N ILE D 316 44.19 11.38 -46.18
CA ILE D 316 43.23 12.33 -46.74
C ILE D 316 42.97 12.02 -48.20
N PHE D 317 41.71 11.74 -48.53
CA PHE D 317 41.30 11.55 -49.90
C PHE D 317 40.74 12.86 -50.44
N ARG D 318 41.07 13.18 -51.69
CA ARG D 318 40.61 14.42 -52.29
C ARG D 318 39.97 14.17 -53.65
N GLY D 319 38.82 14.79 -53.88
CA GLY D 319 38.09 14.60 -55.12
C GLY D 319 36.68 14.11 -54.85
N ARG D 320 35.86 14.04 -55.90
CA ARG D 320 34.50 13.55 -55.75
C ARG D 320 34.48 12.04 -55.99
N MET D 321 34.26 11.29 -54.91
CA MET D 321 34.32 9.84 -54.94
C MET D 321 33.29 9.27 -53.95
N SER D 322 33.13 7.95 -53.97
CA SER D 322 32.19 7.30 -53.06
C SER D 322 32.77 7.22 -51.65
N MET D 323 32.11 7.90 -50.71
CA MET D 323 32.54 7.91 -49.33
C MET D 323 32.39 6.51 -48.71
N LYS D 324 31.35 5.79 -49.12
CA LYS D 324 31.13 4.43 -48.68
C LYS D 324 32.30 3.53 -49.09
N GLU D 325 32.77 3.73 -50.32
CA GLU D 325 33.85 2.89 -50.85
C GLU D 325 35.16 3.14 -50.13
N VAL D 326 35.40 4.39 -49.75
CA VAL D 326 36.60 4.72 -48.99
C VAL D 326 36.59 4.00 -47.64
N ASP D 327 35.45 4.06 -46.95
CA ASP D 327 35.29 3.38 -45.67
C ASP D 327 35.58 1.89 -45.78
N GLU D 328 35.09 1.27 -46.84
CA GLU D 328 35.24 -0.17 -47.04
C GLU D 328 36.69 -0.56 -47.38
N GLN D 329 37.33 0.25 -48.22
CA GLN D 329 38.70 -0.05 -48.62
C GLN D 329 39.68 0.15 -47.46
N MET D 330 39.42 1.14 -46.62
CA MET D 330 40.25 1.37 -45.45
C MET D 330 40.09 0.20 -44.48
N LEU D 331 38.87 -0.29 -44.33
CA LEU D 331 38.61 -1.48 -43.53
C LEU D 331 39.36 -2.68 -44.11
N ASN D 332 39.28 -2.82 -45.42
CA ASN D 332 39.92 -3.92 -46.13
C ASN D 332 41.44 -3.94 -45.93
N VAL D 333 42.07 -2.79 -46.09
CA VAL D 333 43.52 -2.67 -45.97
C VAL D 333 44.00 -3.02 -44.56
N GLN D 334 43.33 -2.51 -43.55
CA GLN D 334 43.69 -2.80 -42.18
C GLN D 334 43.54 -4.29 -41.86
N ASN D 335 42.49 -4.89 -42.40
CA ASN D 335 42.25 -6.32 -42.21
C ASN D 335 43.32 -7.19 -42.83
N LYS D 336 43.69 -6.88 -44.07
CA LYS D 336 44.70 -7.65 -44.79
C LYS D 336 46.11 -7.33 -44.34
N ASN D 337 46.27 -6.24 -43.60
CA ASN D 337 47.57 -5.83 -43.10
C ASN D 337 47.58 -5.63 -41.58
N SER D 338 46.76 -6.43 -40.90
CA SER D 338 46.54 -6.28 -39.45
C SER D 338 47.84 -6.28 -38.63
N SER D 339 48.79 -7.12 -39.03
CA SER D 339 50.05 -7.27 -38.29
C SER D 339 50.84 -5.97 -38.23
N TYR D 340 50.62 -5.09 -39.19
CA TYR D 340 51.44 -3.89 -39.33
C TYR D 340 50.86 -2.67 -38.61
N PHE D 341 49.80 -2.89 -37.84
CA PHE D 341 49.25 -1.86 -36.97
C PHE D 341 49.32 -2.35 -35.53
N VAL D 342 49.82 -1.53 -34.63
CA VAL D 342 49.93 -1.94 -33.22
C VAL D 342 48.53 -2.19 -32.63
N GLU D 343 48.41 -3.26 -31.88
CA GLU D 343 47.13 -3.71 -31.36
C GLU D 343 46.70 -2.95 -30.11
N TRP D 344 47.65 -2.34 -29.42
CA TRP D 344 47.38 -1.68 -28.15
C TRP D 344 46.96 -0.22 -28.34
N ILE D 345 46.74 0.18 -29.58
CA ILE D 345 46.09 1.47 -29.86
C ILE D 345 44.91 1.22 -30.80
N PRO D 346 43.71 1.12 -30.22
CA PRO D 346 42.50 0.81 -30.98
C PRO D 346 42.15 1.93 -31.96
N ASN D 347 41.65 1.55 -33.14
CA ASN D 347 41.16 2.52 -34.13
C ASN D 347 42.18 3.59 -34.48
N ASN D 348 43.42 3.18 -34.69
CA ASN D 348 44.52 4.14 -34.89
C ASN D 348 44.68 4.59 -36.33
N VAL D 349 43.77 4.18 -37.21
CA VAL D 349 43.80 4.60 -38.61
C VAL D 349 42.59 5.45 -38.94
N LYS D 350 42.81 6.71 -39.26
CA LYS D 350 41.70 7.64 -39.49
C LYS D 350 41.73 8.25 -40.89
N THR D 351 40.54 8.56 -41.39
CA THR D 351 40.37 9.00 -42.77
C THR D 351 39.51 10.27 -42.85
N ALA D 352 39.87 11.15 -43.78
CA ALA D 352 39.04 12.31 -44.09
C ALA D 352 38.91 12.44 -45.60
N VAL D 353 37.86 13.12 -46.04
CA VAL D 353 37.65 13.34 -47.47
C VAL D 353 37.33 14.80 -47.75
N CYS D 354 38.06 15.38 -48.71
CA CYS D 354 37.77 16.73 -49.18
C CYS D 354 37.20 16.68 -50.59
N ASP D 355 36.12 17.41 -50.81
CA ASP D 355 35.45 17.44 -52.10
C ASP D 355 36.32 18.06 -53.20
N ILE D 356 37.17 19.00 -52.80
CA ILE D 356 37.99 19.75 -53.75
C ILE D 356 39.28 19.01 -54.09
N PRO D 357 39.39 18.54 -55.34
CA PRO D 357 40.59 17.83 -55.80
C PRO D 357 41.75 18.79 -56.05
N PRO D 358 42.99 18.29 -55.99
CA PRO D 358 44.16 19.11 -56.33
C PRO D 358 44.15 19.45 -57.82
N ARG D 359 44.97 20.41 -58.24
CA ARG D 359 45.01 20.79 -59.65
C ARG D 359 45.68 19.71 -60.48
N GLY D 360 44.99 19.25 -61.52
CA GLY D 360 45.53 18.24 -62.42
C GLY D 360 45.00 16.84 -62.15
N LEU D 361 44.73 16.54 -60.88
CA LEU D 361 44.21 15.23 -60.50
C LEU D 361 42.73 15.32 -60.16
N LYS D 362 41.92 14.42 -60.70
CA LYS D 362 40.50 14.42 -60.40
C LYS D 362 40.25 13.74 -59.06
N MET D 363 41.19 12.90 -58.64
CA MET D 363 41.25 12.45 -57.25
C MET D 363 42.62 11.94 -56.85
N SER D 364 42.97 12.17 -55.58
CA SER D 364 44.26 11.78 -55.05
C SER D 364 44.14 11.34 -53.59
N ALA D 365 45.28 11.10 -52.96
CA ALA D 365 45.30 10.66 -51.57
C ALA D 365 46.64 11.00 -50.92
N THR D 366 46.58 11.67 -49.78
CA THR D 366 47.79 12.02 -49.04
C THR D 366 47.85 11.17 -47.76
N PHE D 367 49.01 10.61 -47.51
CA PHE D 367 49.19 9.63 -46.43
C PHE D 367 50.13 10.16 -45.35
N ILE D 368 49.70 10.09 -44.10
CA ILE D 368 50.54 10.46 -42.98
C ILE D 368 50.70 9.30 -42.01
N GLY D 369 51.89 8.71 -41.97
CA GLY D 369 52.13 7.54 -41.16
C GLY D 369 53.09 7.79 -40.01
N ASN D 370 52.67 7.39 -38.81
CA ASN D 370 53.57 7.35 -37.67
C ASN D 370 54.01 5.91 -37.45
N SER D 371 55.07 5.52 -38.15
CA SER D 371 55.51 4.13 -38.18
C SER D 371 56.87 3.93 -37.51
N THR D 372 57.01 2.82 -36.79
CA THR D 372 58.28 2.50 -36.14
C THR D 372 59.38 2.21 -37.17
N ALA D 373 58.96 2.00 -38.42
CA ALA D 373 59.89 1.73 -39.51
C ALA D 373 60.66 2.97 -39.93
N ILE D 374 60.31 4.12 -39.36
CA ILE D 374 61.04 5.36 -39.63
C ILE D 374 62.45 5.27 -39.04
N GLN D 375 62.66 4.30 -38.16
CA GLN D 375 63.98 4.07 -37.57
C GLN D 375 65.02 3.78 -38.64
N GLU D 376 64.57 3.22 -39.76
CA GLU D 376 65.46 2.89 -40.87
C GLU D 376 66.13 4.15 -41.42
N LEU D 377 65.36 5.22 -41.47
CA LEU D 377 65.86 6.52 -41.91
C LEU D 377 66.90 7.06 -40.94
N PHE D 378 66.63 6.95 -39.65
CA PHE D 378 67.54 7.43 -38.62
C PHE D 378 68.78 6.54 -38.52
N LYS D 379 68.63 5.27 -38.89
CA LYS D 379 69.76 4.35 -38.89
C LYS D 379 70.71 4.67 -40.03
N ARG D 380 70.15 5.08 -41.16
CA ARG D 380 70.93 5.44 -42.33
C ARG D 380 71.82 6.65 -42.02
N ILE D 381 71.20 7.69 -41.46
CA ILE D 381 71.93 8.88 -41.04
C ILE D 381 72.98 8.54 -39.99
N SER D 382 72.60 7.73 -39.02
CA SER D 382 73.49 7.33 -37.93
C SER D 382 74.71 6.59 -38.47
N GLU D 383 74.49 5.81 -39.52
CA GLU D 383 75.57 5.06 -40.15
C GLU D 383 76.56 6.01 -40.82
N GLN D 384 76.03 6.91 -41.65
CA GLN D 384 76.85 7.91 -42.33
C GLN D 384 77.52 8.86 -41.35
N PHE D 385 76.80 9.23 -40.29
CA PHE D 385 77.35 10.09 -39.25
C PHE D 385 78.53 9.41 -38.58
N THR D 386 78.32 8.19 -38.11
CA THR D 386 79.32 7.50 -37.32
C THR D 386 80.57 7.21 -38.13
N ALA D 387 80.43 7.12 -39.45
CA ALA D 387 81.55 6.81 -40.33
C ALA D 387 82.48 8.02 -40.47
N MET D 388 81.94 9.20 -40.21
CA MET D 388 82.73 10.42 -40.21
C MET D 388 83.35 10.64 -38.84
N PHE D 389 82.56 10.46 -37.81
CA PHE D 389 82.94 10.81 -36.44
C PHE D 389 84.04 9.89 -35.89
N ARG D 390 84.24 8.74 -36.51
CA ARG D 390 85.35 7.87 -36.10
C ARG D 390 86.67 8.53 -36.47
N ARG D 391 86.70 9.14 -37.64
CA ARG D 391 87.89 9.78 -38.17
C ARG D 391 87.97 11.24 -37.77
N LYS D 392 86.90 11.72 -37.13
CA LYS D 392 86.76 13.14 -36.79
C LYS D 392 86.89 14.00 -38.04
N ALA D 393 86.43 13.45 -39.16
CA ALA D 393 86.52 14.12 -40.44
C ALA D 393 85.74 15.43 -40.42
N PHE D 394 86.42 16.51 -40.81
CA PHE D 394 85.77 17.81 -40.98
C PHE D 394 85.19 18.33 -39.67
N LEU D 395 85.69 17.80 -38.56
CA LEU D 395 85.18 18.16 -37.24
C LEU D 395 85.63 19.54 -36.80
N HIS D 396 86.69 20.05 -37.41
CA HIS D 396 87.27 21.32 -36.99
C HIS D 396 86.43 22.51 -37.47
N TRP D 397 85.48 22.24 -38.36
CA TRP D 397 84.55 23.27 -38.82
C TRP D 397 83.52 23.59 -37.75
N TYR D 398 83.41 22.68 -36.79
CA TYR D 398 82.43 22.81 -35.72
C TYR D 398 83.08 23.24 -34.41
N THR D 399 84.20 22.63 -34.08
CA THR D 399 84.97 23.05 -32.92
C THR D 399 85.49 24.47 -33.12
N GLY D 400 85.71 24.83 -34.38
CA GLY D 400 86.15 26.17 -34.72
C GLY D 400 85.17 27.24 -34.29
N GLU D 401 83.87 26.93 -34.40
CA GLU D 401 82.83 27.88 -34.01
C GLU D 401 82.62 27.89 -32.50
N GLY D 402 83.18 26.89 -31.81
CA GLY D 402 83.12 26.84 -30.36
C GLY D 402 82.50 25.59 -29.79
N MET D 403 82.14 24.64 -30.66
CA MET D 403 81.51 23.41 -30.22
C MET D 403 82.53 22.42 -29.64
N ASP D 404 82.05 21.55 -28.76
CA ASP D 404 82.87 20.50 -28.16
C ASP D 404 82.43 19.16 -28.75
N GLU D 405 83.35 18.20 -28.80
CA GLU D 405 83.08 16.88 -29.34
C GLU D 405 81.95 16.16 -28.57
N MET D 406 81.76 16.54 -27.32
CA MET D 406 80.72 15.92 -26.51
C MET D 406 79.34 16.16 -27.11
N GLU D 407 79.08 17.40 -27.53
CA GLU D 407 77.82 17.76 -28.17
C GLU D 407 77.53 16.87 -29.39
N PHE D 408 78.59 16.36 -30.01
CA PHE D 408 78.45 15.40 -31.10
C PHE D 408 78.08 14.02 -30.58
N THR D 409 78.69 13.62 -29.47
CA THR D 409 78.41 12.33 -28.87
C THR D 409 76.98 12.25 -28.35
N GLU D 410 76.51 13.35 -27.75
CA GLU D 410 75.16 13.40 -27.19
C GLU D 410 74.09 13.31 -28.27
N ALA D 411 74.27 14.07 -29.35
CA ALA D 411 73.33 14.05 -30.46
C ALA D 411 73.28 12.66 -31.10
N GLU D 412 74.44 12.00 -31.15
CA GLU D 412 74.55 10.66 -31.70
C GLU D 412 73.78 9.65 -30.87
N SER D 413 73.95 9.72 -29.55
CA SER D 413 73.33 8.78 -28.64
C SER D 413 71.84 9.06 -28.45
N ASN D 414 71.46 10.33 -28.55
CA ASN D 414 70.05 10.70 -28.45
C ASN D 414 69.26 10.15 -29.63
N MET D 415 69.87 10.17 -30.81
CA MET D 415 69.23 9.60 -31.99
C MET D 415 69.27 8.08 -31.92
N ASN D 416 70.30 7.53 -31.29
CA ASN D 416 70.35 6.10 -31.03
C ASN D 416 69.23 5.68 -30.08
N ASP D 417 68.98 6.51 -29.08
CA ASP D 417 67.90 6.25 -28.13
C ASP D 417 66.56 6.29 -28.84
N LEU D 418 66.38 7.29 -29.71
CA LEU D 418 65.18 7.42 -30.51
C LEU D 418 64.90 6.15 -31.30
N VAL D 419 65.94 5.59 -31.92
CA VAL D 419 65.83 4.36 -32.69
C VAL D 419 65.40 3.19 -31.81
N SER D 420 66.05 3.03 -30.66
CA SER D 420 65.73 1.94 -29.75
C SER D 420 64.31 2.09 -29.20
N GLU D 421 63.86 3.34 -29.05
CA GLU D 421 62.52 3.63 -28.56
C GLU D 421 61.46 3.23 -29.58
N TYR D 422 61.72 3.50 -30.86
CA TYR D 422 60.84 3.02 -31.93
C TYR D 422 60.80 1.49 -31.94
N GLN D 423 61.94 0.87 -31.65
CA GLN D 423 62.04 -0.58 -31.61
C GLN D 423 61.28 -1.17 -30.43
N GLN D 424 61.28 -0.44 -29.32
CA GLN D 424 60.57 -0.85 -28.11
C GLN D 424 59.07 -1.03 -28.36
N TYR D 425 58.46 -0.03 -28.97
CA TYR D 425 57.02 -0.06 -29.19
C TYR D 425 56.64 -0.93 -30.39
N GLN D 426 57.63 -1.20 -31.24
CA GLN D 426 57.42 -2.12 -32.35
C GLN D 426 57.32 -3.56 -31.83
N ASP D 427 58.04 -3.84 -30.75
CA ASP D 427 58.08 -5.19 -30.20
C ASP D 427 57.05 -5.40 -29.08
N ALA D 428 56.42 -4.32 -28.64
CA ALA D 428 55.42 -4.40 -27.58
C ALA D 428 54.17 -5.16 -28.03
N THR D 429 53.54 -5.87 -27.11
CA THR D 429 52.31 -6.58 -27.38
C THR D 429 51.21 -6.14 -26.41
N ALA D 430 49.97 -6.49 -26.72
CA ALA D 430 48.85 -6.18 -25.83
C ALA D 430 48.97 -6.96 -24.51
N ASP D 431 49.38 -8.22 -24.61
CA ASP D 431 49.56 -9.07 -23.44
C ASP D 431 51.03 -9.33 -23.16
N MET E 4 -58.11 -21.57 49.55
CA MET E 4 -59.23 -21.91 50.44
C MET E 4 -59.72 -20.72 51.28
N GLU E 5 -58.84 -20.19 52.11
CA GLU E 5 -59.23 -19.20 53.11
C GLU E 5 -58.92 -17.80 52.63
N VAL E 6 -59.97 -16.99 52.53
CA VAL E 6 -59.86 -15.63 52.04
C VAL E 6 -59.76 -14.65 53.20
N ILE E 7 -58.68 -13.89 53.24
CA ILE E 7 -58.44 -12.99 54.37
C ILE E 7 -58.19 -11.55 53.95
N GLU E 8 -58.32 -10.65 54.93
CA GLU E 8 -58.08 -9.22 54.78
C GLU E 8 -58.74 -8.60 53.53
N LEU E 9 -59.98 -8.98 53.28
CA LEU E 9 -60.75 -8.40 52.19
C LEU E 9 -61.03 -6.93 52.45
N ASN E 10 -60.58 -6.08 51.51
CA ASN E 10 -60.86 -4.64 51.58
C ASN E 10 -61.56 -4.17 50.32
N LYS E 11 -62.68 -3.48 50.49
CA LYS E 11 -63.48 -3.05 49.35
C LYS E 11 -63.57 -1.52 49.25
N CYS E 12 -63.65 -1.03 48.01
CA CYS E 12 -63.89 0.39 47.77
C CYS E 12 -64.61 0.53 46.42
N THR E 13 -64.88 1.76 46.03
CA THR E 13 -65.64 2.03 44.81
C THR E 13 -64.85 1.66 43.56
N SER E 14 -63.53 1.78 43.66
CA SER E 14 -62.65 1.51 42.52
C SER E 14 -62.38 0.02 42.32
N GLY E 15 -62.50 -0.76 43.38
CA GLY E 15 -62.26 -2.19 43.32
C GLY E 15 -62.11 -2.82 44.68
N GLN E 16 -61.45 -3.97 44.73
CA GLN E 16 -61.18 -4.63 46.00
C GLN E 16 -59.90 -5.45 45.96
N SER E 17 -59.37 -5.72 47.16
CA SER E 17 -58.18 -6.53 47.30
C SER E 17 -58.36 -7.51 48.44
N PHE E 18 -57.65 -8.63 48.36
CA PHE E 18 -57.71 -9.67 49.38
C PHE E 18 -56.52 -10.60 49.23
N GLU E 19 -56.41 -11.57 50.13
CA GLU E 19 -55.33 -12.53 50.08
C GLU E 19 -55.87 -13.93 50.35
N VAL E 20 -55.59 -14.87 49.45
CA VAL E 20 -56.03 -16.25 49.64
C VAL E 20 -54.83 -17.18 49.85
N ILE E 21 -54.87 -17.95 50.94
CA ILE E 21 -53.75 -18.82 51.31
C ILE E 21 -54.06 -20.29 51.06
N LEU E 22 -53.25 -20.94 50.23
CA LEU E 22 -53.47 -22.34 49.89
C LEU E 22 -52.86 -23.29 50.93
N LYS E 23 -51.95 -22.75 51.74
CA LYS E 23 -51.19 -23.54 52.71
C LYS E 23 -50.16 -22.68 53.45
N PRO E 24 -49.99 -22.93 54.76
CA PRO E 24 -48.95 -22.21 55.52
C PRO E 24 -47.58 -22.81 55.27
N PRO E 25 -46.51 -22.12 55.67
CA PRO E 25 -45.18 -22.63 55.32
C PRO E 25 -44.77 -23.87 56.13
N SER E 26 -43.48 -24.23 56.03
CA SER E 26 -42.98 -25.46 56.65
C SER E 26 -41.78 -25.17 57.56
N ASP E 42 -23.98 1.03 52.58
CA ASP E 42 -23.98 1.78 51.32
C ASP E 42 -22.84 2.79 51.28
N PRO E 43 -22.26 3.00 50.08
CA PRO E 43 -21.17 3.96 49.86
C PRO E 43 -21.58 5.39 50.22
N SER E 44 -20.60 6.21 50.61
CA SER E 44 -20.86 7.60 50.97
C SER E 44 -20.56 8.52 49.79
N LEU E 45 -20.87 9.81 49.95
CA LEU E 45 -20.57 10.78 48.91
C LEU E 45 -19.07 10.90 48.69
N GLU E 46 -18.30 10.74 49.76
CA GLU E 46 -16.84 10.84 49.68
C GLU E 46 -16.25 9.73 48.82
N GLU E 47 -16.63 8.49 49.10
CA GLU E 47 -16.10 7.34 48.36
C GLU E 47 -16.57 7.34 46.90
N ILE E 48 -17.78 7.82 46.66
CA ILE E 48 -18.31 7.92 45.30
C ILE E 48 -17.50 8.92 44.47
N GLN E 49 -17.25 10.10 45.03
CA GLN E 49 -16.51 11.15 44.34
C GLN E 49 -15.03 10.78 44.19
N LYS E 50 -14.56 9.86 45.03
CA LYS E 50 -13.17 9.42 44.94
C LYS E 50 -13.02 8.39 43.80
N LYS E 51 -14.03 7.54 43.63
CA LYS E 51 -14.02 6.58 42.54
C LYS E 51 -14.09 7.30 41.19
N LEU E 52 -14.96 8.29 41.10
CA LEU E 52 -15.12 9.07 39.89
C LEU E 52 -13.87 9.86 39.54
N GLU E 53 -13.13 10.29 40.56
CA GLU E 53 -11.93 11.09 40.33
C GLU E 53 -10.71 10.21 40.08
N ALA E 54 -10.75 8.97 40.54
CA ALA E 54 -9.68 8.02 40.28
C ALA E 54 -9.71 7.58 38.82
N ALA E 55 -10.91 7.46 38.27
CA ALA E 55 -11.07 7.09 36.86
C ALA E 55 -10.66 8.23 35.94
N GLU E 56 -10.97 9.45 36.37
CA GLU E 56 -10.61 10.65 35.62
C GLU E 56 -9.09 10.83 35.54
N GLU E 57 -8.40 10.48 36.62
CA GLU E 57 -6.93 10.51 36.65
C GLU E 57 -6.36 9.49 35.67
N ARG E 58 -6.90 8.27 35.69
CA ARG E 58 -6.45 7.22 34.79
C ARG E 58 -6.63 7.63 33.33
N ARG E 59 -7.71 8.36 33.04
CA ARG E 59 -7.90 8.91 31.71
C ARG E 59 -6.84 9.94 31.39
N LYS E 60 -6.59 10.85 32.33
CA LYS E 60 -5.60 11.89 32.12
C LYS E 60 -4.18 11.34 32.05
N TYR E 61 -3.92 10.24 32.74
CA TYR E 61 -2.62 9.58 32.63
C TYR E 61 -2.45 8.93 31.26
N GLN E 62 -3.50 8.25 30.80
CA GLN E 62 -3.48 7.59 29.49
C GLN E 62 -3.34 8.60 28.36
N GLU E 63 -3.99 9.75 28.52
CA GLU E 63 -3.91 10.81 27.53
C GLU E 63 -2.51 11.42 27.49
N ALA E 64 -1.86 11.51 28.65
CA ALA E 64 -0.52 12.08 28.73
C ALA E 64 0.51 11.12 28.13
N GLU E 65 0.27 9.83 28.26
CA GLU E 65 1.15 8.83 27.66
C GLU E 65 1.05 8.89 26.14
N LEU E 66 -0.15 9.17 25.64
CA LEU E 66 -0.37 9.32 24.21
C LEU E 66 0.32 10.58 23.69
N LEU E 67 0.17 11.68 24.42
CA LEU E 67 0.74 12.95 24.02
C LEU E 67 2.27 12.92 24.08
N LYS E 68 2.80 12.23 25.08
CA LYS E 68 4.25 12.04 25.18
C LYS E 68 4.76 11.18 24.02
N HIS E 69 4.02 10.13 23.70
CA HIS E 69 4.35 9.27 22.57
C HIS E 69 4.35 10.06 21.26
N LEU E 70 3.36 10.92 21.08
CA LEU E 70 3.28 11.74 19.89
C LEU E 70 4.39 12.79 19.87
N ALA E 71 4.82 13.22 21.06
CA ALA E 71 5.91 14.17 21.18
C ALA E 71 7.24 13.56 20.73
N GLU E 72 7.41 12.28 21.04
CA GLU E 72 8.59 11.53 20.59
C GLU E 72 8.61 11.40 19.07
N LYS E 73 7.43 11.30 18.48
CA LYS E 73 7.32 11.24 17.03
C LYS E 73 7.72 12.57 16.41
N ARG E 74 7.29 13.66 17.06
CA ARG E 74 7.62 15.01 16.60
C ARG E 74 9.13 15.24 16.57
N GLU E 75 9.81 14.81 17.62
CA GLU E 75 11.26 14.97 17.68
C GLU E 75 11.94 14.15 16.59
N HIS E 76 11.41 12.95 16.34
CA HIS E 76 11.92 12.11 15.26
C HIS E 76 11.71 12.76 13.90
N GLU E 77 10.55 13.39 13.71
CA GLU E 77 10.25 14.12 12.49
C GLU E 77 11.28 15.21 12.23
N ARG E 78 11.63 15.94 13.27
CA ARG E 78 12.62 17.02 13.16
C ARG E 78 13.99 16.47 12.82
N GLU E 79 14.35 15.35 13.45
CA GLU E 79 15.66 14.75 13.24
C GLU E 79 15.83 14.22 11.82
N VAL E 80 14.73 13.82 11.20
CA VAL E 80 14.79 13.29 9.84
C VAL E 80 15.09 14.40 8.85
N ILE E 81 14.36 15.52 8.96
CA ILE E 81 14.55 16.61 8.01
C ILE E 81 15.88 17.32 8.29
N GLN E 82 16.31 17.34 9.54
CA GLN E 82 17.63 17.88 9.89
C GLN E 82 18.73 17.04 9.29
N LYS E 83 18.53 15.73 9.25
CA LYS E 83 19.51 14.83 8.66
C LYS E 83 19.58 15.07 7.15
N ALA E 84 18.43 15.24 6.53
CA ALA E 84 18.35 15.50 5.10
C ALA E 84 19.07 16.78 4.72
N ILE E 85 18.95 17.81 5.57
CA ILE E 85 19.62 19.08 5.35
C ILE E 85 21.13 18.92 5.53
N GLU E 86 21.51 18.22 6.58
CA GLU E 86 22.92 17.97 6.90
C GLU E 86 23.64 17.20 5.80
N GLU E 87 22.95 16.24 5.19
CA GLU E 87 23.55 15.42 4.13
C GLU E 87 23.70 16.20 2.84
N ASN E 88 22.67 16.95 2.48
CA ASN E 88 22.71 17.77 1.28
C ASN E 88 23.82 18.81 1.38
N ASN E 89 23.93 19.46 2.55
CA ASN E 89 24.96 20.46 2.79
C ASN E 89 26.35 19.85 2.75
N ASN E 90 26.48 18.65 3.31
CA ASN E 90 27.75 17.95 3.33
C ASN E 90 28.20 17.53 1.94
N PHE E 91 27.24 17.12 1.12
CA PHE E 91 27.52 16.77 -0.27
C PHE E 91 28.00 18.00 -1.04
N ILE E 92 27.31 19.12 -0.83
CA ILE E 92 27.69 20.36 -1.49
C ILE E 92 29.07 20.83 -1.03
N LYS E 93 29.30 20.75 0.27
CA LYS E 93 30.57 21.16 0.87
C LYS E 93 31.74 20.36 0.31
N MET E 94 31.65 19.04 0.40
CA MET E 94 32.73 18.15 -0.05
C MET E 94 32.99 18.26 -1.55
N ALA E 95 31.94 18.52 -2.32
CA ALA E 95 32.09 18.71 -3.76
C ALA E 95 32.87 19.99 -4.04
N LYS E 96 32.52 21.05 -3.31
CA LYS E 96 33.17 22.35 -3.46
C LYS E 96 34.66 22.26 -3.10
N GLU E 97 34.95 21.53 -2.03
CA GLU E 97 36.32 21.39 -1.54
C GLU E 97 37.18 20.54 -2.46
N LYS E 98 36.65 19.38 -2.85
CA LYS E 98 37.36 18.44 -3.72
C LYS E 98 37.64 19.04 -5.08
N LEU E 99 36.74 19.90 -5.55
CA LEU E 99 36.94 20.56 -6.83
C LEU E 99 38.02 21.63 -6.73
N ALA E 100 37.95 22.43 -5.67
CA ALA E 100 38.94 23.49 -5.43
C ALA E 100 40.33 22.92 -5.26
N GLN E 101 40.41 21.74 -4.64
CA GLN E 101 41.68 21.05 -4.46
C GLN E 101 42.20 20.51 -5.78
N LYS E 102 41.29 20.07 -6.66
CA LYS E 102 41.68 19.53 -7.95
C LYS E 102 42.18 20.62 -8.89
N MET E 103 41.51 21.76 -8.90
CA MET E 103 41.92 22.87 -9.75
C MET E 103 43.27 23.41 -9.28
N GLU E 104 43.49 23.37 -7.97
CA GLU E 104 44.73 23.85 -7.39
C GLU E 104 45.89 22.91 -7.68
N SER E 105 45.63 21.61 -7.56
CA SER E 105 46.64 20.60 -7.89
C SER E 105 47.01 20.69 -9.37
N ASN E 106 46.00 20.91 -10.22
CA ASN E 106 46.22 21.00 -11.65
C ASN E 106 47.02 22.23 -12.03
N LYS E 107 46.72 23.36 -11.38
CA LYS E 107 47.38 24.61 -11.66
C LYS E 107 48.87 24.51 -11.30
N GLU E 108 49.17 23.85 -10.19
CA GLU E 108 50.55 23.65 -9.77
C GLU E 108 51.32 22.77 -10.75
N ASN E 109 50.74 21.64 -11.10
CA ASN E 109 51.38 20.70 -12.03
C ASN E 109 51.69 21.33 -13.38
N ARG E 110 50.69 22.02 -13.94
CA ARG E 110 50.87 22.65 -15.24
C ARG E 110 51.97 23.70 -15.21
N GLU E 111 52.00 24.49 -14.13
CA GLU E 111 53.01 25.52 -13.98
C GLU E 111 54.40 24.90 -13.82
N ALA E 112 54.49 23.83 -13.03
CA ALA E 112 55.75 23.13 -12.85
C ALA E 112 56.25 22.52 -14.16
N HIS E 113 55.30 22.07 -14.96
CA HIS E 113 55.62 21.46 -16.26
C HIS E 113 56.18 22.51 -17.23
N LEU E 114 55.55 23.67 -17.26
CA LEU E 114 55.99 24.78 -18.11
C LEU E 114 57.30 25.39 -17.59
N ALA E 115 57.43 25.46 -16.26
CA ALA E 115 58.63 26.00 -15.64
C ALA E 115 59.84 25.13 -15.98
N ALA E 116 59.64 23.83 -15.94
CA ALA E 116 60.71 22.87 -16.26
C ALA E 116 61.12 22.99 -17.73
N MET E 117 60.16 23.28 -18.59
CA MET E 117 60.40 23.42 -20.01
C MET E 117 61.24 24.66 -20.30
N LEU E 118 60.91 25.76 -19.65
CA LEU E 118 61.63 27.01 -19.83
C LEU E 118 63.04 26.92 -19.28
N GLU E 119 63.20 26.28 -18.13
CA GLU E 119 64.52 26.11 -17.52
C GLU E 119 65.46 25.31 -18.43
N ARG E 120 64.90 24.32 -19.13
CA ARG E 120 65.68 23.56 -20.09
C ARG E 120 66.14 24.45 -21.23
N LEU E 121 65.30 25.41 -21.60
CA LEU E 121 65.61 26.30 -22.72
C LEU E 121 66.66 27.32 -22.29
N GLN E 122 66.89 27.41 -20.99
CA GLN E 122 67.67 28.49 -20.41
C GLN E 122 69.11 27.99 -20.25
N GLU E 123 69.22 26.69 -19.97
CA GLU E 123 70.51 26.00 -20.01
C GLU E 123 71.06 25.97 -21.43
N LYS E 124 70.19 25.89 -22.43
CA LYS E 124 70.63 25.88 -23.82
C LYS E 124 71.14 27.27 -24.24
N ASP E 125 70.59 28.31 -23.63
CA ASP E 125 71.07 29.67 -23.86
C ASP E 125 72.40 29.87 -23.14
N LYS E 126 72.50 29.31 -21.94
CA LYS E 126 73.73 29.35 -21.16
C LYS E 126 74.83 28.58 -21.89
N HIS E 127 74.45 27.44 -22.46
CA HIS E 127 75.37 26.62 -23.24
C HIS E 127 75.83 27.33 -24.51
N ALA E 128 74.95 28.13 -25.09
CA ALA E 128 75.24 28.81 -26.35
C ALA E 128 76.22 29.96 -26.16
N GLU E 129 76.23 30.56 -24.98
CA GLU E 129 77.16 31.64 -24.70
C GLU E 129 78.51 31.10 -24.23
N GLU E 130 78.51 29.88 -23.71
CA GLU E 130 79.77 29.22 -23.36
C GLU E 130 80.43 28.70 -24.64
N VAL E 131 79.61 28.45 -25.65
CA VAL E 131 80.10 28.04 -26.96
C VAL E 131 80.74 29.22 -27.70
N ARG E 132 80.06 30.36 -27.70
CA ARG E 132 80.58 31.55 -28.35
C ARG E 132 81.79 32.11 -27.62
N LYS E 133 81.81 31.93 -26.30
CA LYS E 133 82.93 32.39 -25.49
C LYS E 133 84.14 31.51 -25.76
N ASN E 134 83.93 30.19 -25.82
CA ASN E 134 84.97 29.23 -26.15
C ASN E 134 85.64 29.60 -27.48
N LYS E 135 84.86 30.17 -28.40
CA LYS E 135 85.35 30.50 -29.72
C LYS E 135 86.27 31.73 -29.71
N GLU E 136 86.08 32.62 -28.74
CA GLU E 136 86.93 33.81 -28.66
C GLU E 136 88.20 33.51 -27.88
N LEU E 137 88.11 32.57 -26.94
CA LEU E 137 89.30 32.10 -26.22
C LEU E 137 90.00 31.02 -27.05
N LYS E 138 89.85 31.16 -28.37
CA LYS E 138 90.36 30.21 -29.35
C LYS E 138 91.41 30.90 -30.21
N GLU E 139 91.56 32.20 -29.98
CA GLU E 139 92.27 33.06 -30.92
C GLU E 139 93.37 33.89 -30.24
N MET F 1 -29.41 -27.37 5.56
CA MET F 1 -28.55 -28.28 6.32
C MET F 1 -28.56 -27.93 7.80
N TYR F 2 -29.11 -28.82 8.62
CA TYR F 2 -29.26 -28.59 10.04
C TYR F 2 -27.93 -28.74 10.78
N THR F 3 -27.87 -28.18 11.99
CA THR F 3 -26.65 -28.25 12.80
C THR F 3 -26.93 -28.86 14.16
N PHE F 4 -25.93 -29.55 14.71
CA PHE F 4 -26.06 -30.14 16.03
C PHE F 4 -24.74 -30.17 16.77
N VAL F 5 -24.81 -30.30 18.09
CA VAL F 5 -23.63 -30.40 18.93
C VAL F 5 -23.72 -31.65 19.79
N VAL F 6 -22.57 -32.11 20.27
CA VAL F 6 -22.52 -33.31 21.12
C VAL F 6 -21.78 -33.00 22.42
N ARG F 7 -22.47 -33.15 23.55
CA ARG F 7 -21.90 -32.80 24.84
C ARG F 7 -21.85 -34.00 25.79
N ASP F 8 -22.09 -35.19 25.23
CA ASP F 8 -21.91 -36.43 25.98
C ASP F 8 -21.25 -37.47 25.07
N GLU F 9 -19.93 -37.60 25.22
CA GLU F 9 -19.12 -38.48 24.39
C GLU F 9 -19.28 -39.96 24.78
N ASN F 10 -19.69 -40.22 26.01
CA ASN F 10 -19.80 -41.60 26.50
C ASN F 10 -21.22 -42.15 26.40
N SER F 11 -22.05 -41.52 25.57
CA SER F 11 -23.37 -42.04 25.24
C SER F 11 -23.27 -43.03 24.08
N SER F 12 -23.53 -44.29 24.38
CA SER F 12 -23.50 -45.35 23.38
C SER F 12 -24.54 -45.08 22.30
N VAL F 13 -25.71 -44.63 22.73
CA VAL F 13 -26.86 -44.45 21.85
C VAL F 13 -26.70 -43.26 20.89
N TYR F 14 -26.24 -42.14 21.41
CA TYR F 14 -26.22 -40.91 20.62
C TYR F 14 -24.92 -40.72 19.84
N ALA F 15 -23.88 -41.47 20.19
CA ALA F 15 -22.71 -41.58 19.33
C ALA F 15 -23.17 -42.18 18.02
N GLU F 16 -24.02 -43.19 18.12
CA GLU F 16 -24.63 -43.84 16.98
C GLU F 16 -25.58 -42.90 16.24
N VAL F 17 -26.31 -42.08 16.98
CA VAL F 17 -27.28 -41.16 16.40
C VAL F 17 -26.59 -40.06 15.60
N SER F 18 -25.53 -39.48 16.17
CA SER F 18 -24.80 -38.40 15.52
C SER F 18 -24.17 -38.84 14.21
N ARG F 19 -23.70 -40.09 14.17
CA ARG F 19 -23.10 -40.63 12.97
C ARG F 19 -24.17 -40.88 11.90
N LEU F 20 -25.37 -41.27 12.32
CA LEU F 20 -26.49 -41.44 11.40
C LEU F 20 -26.87 -40.12 10.76
N LEU F 21 -26.87 -39.06 11.57
CA LEU F 21 -27.22 -37.73 11.11
C LEU F 21 -26.23 -37.20 10.09
N LEU F 22 -24.94 -37.40 10.38
CA LEU F 22 -23.88 -36.99 9.47
C LEU F 22 -23.97 -37.72 8.14
N ALA F 23 -24.30 -39.00 8.20
CA ALA F 23 -24.37 -39.85 7.00
C ALA F 23 -25.58 -39.54 6.12
N THR F 24 -26.38 -38.56 6.54
CA THR F 24 -27.51 -38.12 5.73
C THR F 24 -27.10 -36.94 4.86
N GLY F 25 -25.96 -36.33 5.20
CA GLY F 25 -25.42 -35.22 4.45
C GLY F 25 -26.24 -33.95 4.57
N GLN F 26 -27.26 -33.99 5.41
CA GLN F 26 -28.12 -32.83 5.64
C GLN F 26 -27.98 -32.36 7.08
N TRP F 27 -27.03 -32.95 7.79
CA TRP F 27 -26.71 -32.55 9.16
C TRP F 27 -25.22 -32.29 9.30
N LYS F 28 -24.87 -31.14 9.84
CA LYS F 28 -23.48 -30.79 10.08
C LYS F 28 -23.23 -30.64 11.57
N ARG F 29 -22.16 -31.27 12.05
CA ARG F 29 -21.81 -31.16 13.46
C ARG F 29 -20.99 -29.89 13.73
N LEU F 30 -21.34 -29.19 14.80
CA LEU F 30 -20.56 -28.07 15.30
C LEU F 30 -19.80 -28.57 16.53
N ARG F 31 -18.94 -27.74 17.12
CA ARG F 31 -18.26 -28.23 18.32
C ARG F 31 -19.03 -27.78 19.57
N LYS F 32 -18.70 -28.41 20.70
CA LYS F 32 -19.44 -28.36 21.95
C LYS F 32 -20.14 -27.05 22.34
N ASP F 33 -19.43 -25.92 22.26
CA ASP F 33 -19.95 -24.68 22.82
C ASP F 33 -20.46 -23.68 21.79
N ASN F 34 -20.69 -24.15 20.56
CA ASN F 34 -21.31 -23.31 19.54
C ASN F 34 -22.82 -23.25 19.78
N PRO F 35 -23.33 -22.05 20.11
CA PRO F 35 -24.73 -21.87 20.49
C PRO F 35 -25.70 -21.89 19.32
N ARG F 36 -25.18 -21.86 18.09
CA ARG F 36 -26.03 -21.78 16.91
C ARG F 36 -26.42 -23.16 16.39
N PHE F 37 -26.85 -24.03 17.28
CA PHE F 37 -27.25 -25.39 16.91
C PHE F 37 -28.77 -25.52 16.76
N ASN F 38 -29.20 -26.51 15.98
CA ASN F 38 -30.60 -26.88 15.92
C ASN F 38 -30.90 -27.98 16.93
N LEU F 39 -29.97 -28.93 17.04
CA LEU F 39 -30.15 -30.09 17.91
C LEU F 39 -29.05 -30.15 18.95
N MET F 40 -29.42 -30.39 20.20
CA MET F 40 -28.43 -30.58 21.24
C MET F 40 -28.52 -31.97 21.86
N LEU F 41 -27.49 -32.78 21.62
CA LEU F 41 -27.35 -34.03 22.33
C LEU F 41 -26.55 -33.75 23.60
N GLY F 42 -27.26 -33.39 24.66
CA GLY F 42 -26.63 -32.81 25.83
C GLY F 42 -25.98 -33.76 26.82
N GLU F 43 -25.29 -33.17 27.78
CA GLU F 43 -24.69 -33.90 28.89
C GLU F 43 -25.77 -34.33 29.86
N ARG F 44 -25.43 -35.25 30.76
CA ARG F 44 -26.42 -35.80 31.67
C ARG F 44 -26.46 -35.07 33.01
N ASN F 45 -25.38 -34.38 33.32
CA ASN F 45 -25.34 -33.56 34.53
C ASN F 45 -25.21 -32.08 34.20
N ARG F 46 -26.05 -31.26 34.85
CA ARG F 46 -26.00 -29.80 34.71
C ARG F 46 -26.22 -29.34 33.27
N LEU F 47 -27.15 -29.97 32.56
CA LEU F 47 -27.49 -29.53 31.21
C LEU F 47 -28.09 -28.13 31.27
N PRO F 48 -27.55 -27.19 30.48
CA PRO F 48 -27.96 -25.78 30.51
C PRO F 48 -29.28 -25.49 29.80
N PHE F 49 -30.39 -25.95 30.37
CA PHE F 49 -31.70 -25.76 29.76
C PHE F 49 -32.04 -24.27 29.62
N GLY F 50 -31.57 -23.47 30.58
CA GLY F 50 -31.87 -22.04 30.59
C GLY F 50 -31.29 -21.26 29.43
N ARG F 51 -30.38 -21.87 28.69
CA ARG F 51 -29.74 -21.19 27.57
C ARG F 51 -30.32 -21.64 26.22
N LEU F 52 -31.27 -22.57 26.26
CA LEU F 52 -31.87 -23.07 25.03
C LEU F 52 -33.03 -22.18 24.58
N GLY F 53 -33.22 -22.08 23.26
CA GLY F 53 -34.35 -21.38 22.69
C GLY F 53 -34.26 -19.88 22.76
N HIS F 54 -33.04 -19.35 22.80
CA HIS F 54 -32.84 -17.90 22.85
C HIS F 54 -31.97 -17.41 21.69
N GLU F 55 -31.84 -18.24 20.66
CA GLU F 55 -31.15 -17.86 19.45
C GLU F 55 -32.17 -17.55 18.36
N PRO F 56 -32.26 -16.26 17.97
CA PRO F 56 -33.27 -15.80 17.01
C PRO F 56 -33.21 -16.54 15.67
N GLY F 57 -34.35 -17.05 15.23
CA GLY F 57 -34.46 -17.73 13.96
C GLY F 57 -33.92 -19.15 13.97
N LEU F 58 -33.71 -19.71 15.16
CA LEU F 58 -33.23 -21.07 15.28
C LEU F 58 -34.16 -21.92 16.12
N VAL F 59 -34.79 -22.91 15.49
CA VAL F 59 -35.54 -23.92 16.22
C VAL F 59 -34.56 -24.82 16.95
N GLN F 60 -34.68 -24.88 18.27
CA GLN F 60 -33.74 -25.69 19.05
C GLN F 60 -34.44 -26.88 19.71
N LEU F 61 -33.76 -28.02 19.70
CA LEU F 61 -34.28 -29.27 20.23
C LEU F 61 -33.20 -29.95 21.06
N VAL F 62 -33.57 -30.51 22.21
CA VAL F 62 -32.61 -31.18 23.08
C VAL F 62 -33.09 -32.58 23.44
N ASN F 63 -32.15 -33.52 23.54
CA ASN F 63 -32.49 -34.93 23.77
C ASN F 63 -32.71 -35.27 25.25
N TYR F 64 -33.13 -34.28 26.03
CA TYR F 64 -33.47 -34.52 27.43
C TYR F 64 -34.64 -33.68 27.89
N TYR F 65 -35.50 -34.27 28.71
CA TYR F 65 -36.59 -33.55 29.35
C TYR F 65 -36.15 -32.98 30.68
N ARG F 66 -36.18 -31.66 30.81
CA ARG F 66 -35.90 -31.01 32.08
C ARG F 66 -36.96 -31.43 33.10
N GLY F 67 -36.51 -31.93 34.25
CA GLY F 67 -37.41 -32.36 35.31
C GLY F 67 -37.68 -33.85 35.33
N ALA F 68 -37.26 -34.56 34.28
CA ALA F 68 -37.53 -35.99 34.16
C ALA F 68 -36.67 -36.83 35.11
N ASP F 69 -35.76 -36.17 35.82
CA ASP F 69 -34.90 -36.86 36.77
C ASP F 69 -35.67 -37.34 37.99
N LYS F 70 -36.82 -36.71 38.24
CA LYS F 70 -37.65 -37.09 39.38
C LYS F 70 -38.24 -38.48 39.17
N LEU F 71 -38.25 -38.92 37.92
CA LEU F 71 -38.69 -40.27 37.58
C LEU F 71 -37.50 -41.22 37.57
N CYS F 72 -36.32 -40.69 37.26
CA CYS F 72 -35.15 -41.52 36.98
C CYS F 72 -34.14 -41.57 38.13
N ARG F 73 -34.60 -41.26 39.34
CA ARG F 73 -33.79 -41.46 40.54
C ARG F 73 -34.62 -42.26 41.54
N LYS F 74 -33.97 -43.18 42.24
CA LYS F 74 -34.68 -44.11 43.11
C LYS F 74 -35.36 -43.43 44.28
N ALA F 75 -34.67 -42.47 44.89
CA ALA F 75 -35.25 -41.71 45.98
C ALA F 75 -36.42 -40.87 45.48
N SER F 76 -36.26 -40.30 44.29
CA SER F 76 -37.28 -39.42 43.71
C SER F 76 -38.51 -40.20 43.23
N LEU F 77 -38.27 -41.34 42.60
CA LEU F 77 -39.34 -42.17 42.06
C LEU F 77 -40.30 -42.64 43.16
N VAL F 78 -39.75 -43.06 44.29
CA VAL F 78 -40.57 -43.47 45.42
C VAL F 78 -41.44 -42.31 45.90
N LYS F 79 -40.82 -41.13 46.03
CA LYS F 79 -41.54 -39.95 46.48
C LYS F 79 -42.51 -39.44 45.41
N LEU F 80 -42.08 -39.47 44.16
CA LEU F 80 -42.96 -39.06 43.06
C LEU F 80 -44.18 -39.97 43.04
N ILE F 81 -43.94 -41.27 43.15
CA ILE F 81 -45.04 -42.21 43.24
C ILE F 81 -45.85 -41.86 44.47
N LYS F 82 -45.30 -42.07 45.65
CA LYS F 82 -46.02 -41.91 46.92
C LYS F 82 -46.88 -40.64 47.10
N THR F 83 -46.49 -39.54 46.46
CA THR F 83 -47.21 -38.29 46.68
C THR F 83 -48.17 -37.93 45.55
N SER F 84 -48.15 -38.70 44.47
CA SER F 84 -49.01 -38.40 43.32
C SER F 84 -50.27 -39.26 43.32
N PRO F 85 -51.44 -38.60 43.40
CA PRO F 85 -52.75 -39.28 43.42
C PRO F 85 -52.98 -40.19 42.21
N GLU F 86 -52.35 -39.88 41.08
CA GLU F 86 -52.51 -40.66 39.86
C GLU F 86 -51.94 -42.06 40.01
N LEU F 87 -51.00 -42.23 40.93
CA LEU F 87 -50.28 -43.50 41.07
C LEU F 87 -50.55 -44.20 42.41
N SER F 88 -50.45 -43.40 43.46
CA SER F 88 -50.15 -43.77 44.84
C SER F 88 -51.37 -43.89 45.78
N GLU F 89 -51.22 -44.41 47.01
CA GLU F 89 -50.02 -45.08 47.51
C GLU F 89 -50.34 -46.57 47.59
N SER F 90 -51.52 -46.93 47.09
CA SER F 90 -51.95 -48.31 46.95
C SER F 90 -51.55 -48.82 45.57
N CYS F 91 -50.57 -48.15 44.97
CA CYS F 91 -50.06 -48.48 43.65
C CYS F 91 -49.70 -49.96 43.59
N THR F 92 -50.41 -50.68 42.74
CA THR F 92 -50.37 -52.14 42.75
C THR F 92 -49.18 -52.72 42.00
N TRP F 93 -48.52 -51.92 41.17
CA TRP F 93 -47.44 -52.42 40.34
C TRP F 93 -46.06 -51.90 40.76
N PHE F 94 -46.00 -51.19 41.88
CA PHE F 94 -44.72 -50.76 42.43
C PHE F 94 -44.52 -51.35 43.82
N PRO F 95 -43.37 -52.00 44.04
CA PRO F 95 -43.07 -52.64 45.32
C PRO F 95 -43.10 -51.64 46.47
N GLU F 96 -43.49 -52.11 47.66
CA GLU F 96 -43.50 -51.29 48.86
C GLU F 96 -42.11 -50.77 49.17
N SER F 97 -41.95 -49.45 49.12
CA SER F 97 -40.64 -48.83 49.30
C SER F 97 -40.69 -47.69 50.32
N TYR F 98 -39.52 -47.31 50.84
CA TYR F 98 -39.44 -46.23 51.82
C TYR F 98 -38.15 -45.41 51.65
N VAL F 99 -38.24 -44.11 51.95
CA VAL F 99 -37.09 -43.22 51.85
C VAL F 99 -36.27 -43.19 53.14
N ILE F 100 -35.00 -43.57 53.05
CA ILE F 100 -34.12 -43.66 54.22
C ILE F 100 -32.85 -42.81 54.07
N TYR F 101 -32.61 -41.96 55.07
CA TYR F 101 -31.38 -41.16 55.11
C TYR F 101 -30.42 -41.69 56.19
N PRO F 102 -29.12 -41.62 55.92
CA PRO F 102 -28.12 -41.94 56.96
C PRO F 102 -28.12 -40.89 58.07
N THR F 103 -27.79 -41.33 59.28
CA THR F 103 -27.77 -40.44 60.43
C THR F 103 -26.44 -39.68 60.51
N ASP F 126 -37.30 -38.11 55.75
CA ASP F 126 -37.04 -39.50 56.07
C ASP F 126 -38.27 -40.19 56.62
N GLU F 127 -38.40 -41.49 56.33
CA GLU F 127 -39.52 -42.27 56.83
C GLU F 127 -39.01 -43.59 57.41
N ARG F 128 -38.00 -43.51 58.25
CA ARG F 128 -37.40 -44.70 58.85
C ARG F 128 -38.38 -45.39 59.79
N GLU F 129 -39.00 -44.61 60.68
CA GLU F 129 -39.98 -45.16 61.62
C GLU F 129 -41.15 -45.81 60.88
N VAL F 130 -41.52 -45.22 59.75
CA VAL F 130 -42.62 -45.73 58.93
C VAL F 130 -42.30 -47.11 58.36
N PHE F 131 -41.02 -47.31 58.01
CA PHE F 131 -40.58 -48.56 57.40
C PHE F 131 -40.65 -49.76 58.35
N LEU F 132 -40.23 -49.58 59.59
CA LEU F 132 -40.20 -50.68 60.54
C LEU F 132 -41.59 -50.99 61.09
N ALA F 133 -42.52 -50.05 60.94
CA ALA F 133 -43.91 -50.30 61.29
C ALA F 133 -44.49 -51.36 60.36
N ALA F 134 -43.95 -51.40 59.14
CA ALA F 134 -44.35 -52.41 58.16
C ALA F 134 -43.53 -53.68 58.34
N TYR F 135 -42.23 -53.51 58.62
CA TYR F 135 -41.32 -54.62 58.83
C TYR F 135 -41.83 -55.56 59.90
N ASN F 136 -42.50 -54.99 60.89
CA ASN F 136 -42.98 -55.75 62.02
C ASN F 136 -44.17 -56.65 61.75
N ARG F 137 -45.16 -56.21 60.96
CA ARG F 137 -46.43 -56.95 60.94
C ARG F 137 -46.49 -58.25 60.17
N ARG F 138 -45.41 -58.64 59.49
CA ARG F 138 -45.43 -59.96 58.91
C ARG F 138 -44.01 -60.47 59.26
N ARG F 139 -43.38 -59.72 60.18
CA ARG F 139 -42.60 -60.30 61.29
C ARG F 139 -43.68 -60.76 62.25
N GLU F 140 -44.54 -59.82 62.63
CA GLU F 140 -45.71 -60.11 63.44
C GLU F 140 -46.79 -60.94 62.76
N GLY F 141 -46.39 -61.79 61.83
CA GLY F 141 -47.27 -62.87 61.38
C GLY F 141 -47.38 -63.20 59.90
N ARG F 142 -46.81 -64.32 59.41
CA ARG F 142 -47.08 -65.09 58.15
C ARG F 142 -45.84 -65.22 57.25
N GLU F 143 -45.09 -64.13 57.08
CA GLU F 143 -44.55 -63.75 55.76
C GLU F 143 -43.04 -63.74 55.46
N GLY F 144 -42.75 -63.80 54.16
CA GLY F 144 -41.52 -63.30 53.61
C GLY F 144 -41.35 -61.84 53.98
N ASN F 145 -40.20 -61.56 54.58
CA ASN F 145 -39.84 -60.21 54.95
C ASN F 145 -38.42 -59.93 54.50
N VAL F 146 -38.14 -60.23 53.24
CA VAL F 146 -36.85 -59.95 52.63
C VAL F 146 -36.90 -58.59 51.93
N TRP F 147 -35.83 -57.81 52.06
CA TRP F 147 -35.81 -56.46 51.50
C TRP F 147 -34.51 -56.19 50.75
N ILE F 148 -34.43 -55.02 50.12
CA ILE F 148 -33.25 -54.65 49.32
C ILE F 148 -32.94 -53.15 49.43
N ALA F 149 -31.69 -52.78 49.17
CA ALA F 149 -31.27 -51.39 49.22
C ALA F 149 -31.32 -50.74 47.84
N LEU F 161 -27.86 -54.07 49.44
CA LEU F 161 -27.73 -55.44 49.91
C LEU F 161 -29.11 -56.06 50.07
N ILE F 162 -29.17 -57.38 49.92
CA ILE F 162 -30.40 -58.11 50.14
C ILE F 162 -30.36 -58.84 51.47
N SER F 163 -31.32 -58.49 52.33
CA SER F 163 -31.39 -59.06 53.68
C SER F 163 -32.80 -59.38 54.13
N SER F 164 -32.89 -59.99 55.30
CA SER F 164 -34.17 -60.30 55.92
C SER F 164 -34.24 -59.65 57.29
N GLU F 165 -33.11 -59.13 57.73
CA GLU F 165 -33.00 -58.49 59.03
C GLU F 165 -32.87 -56.98 58.88
N ALA F 166 -33.86 -56.25 59.41
CA ALA F 166 -33.92 -54.79 59.31
C ALA F 166 -32.63 -54.13 59.76
N SER F 167 -32.09 -54.58 60.89
CA SER F 167 -30.89 -54.00 61.46
C SER F 167 -29.68 -54.11 60.53
N GLU F 168 -29.61 -55.18 59.74
CA GLU F 168 -28.46 -55.42 58.87
C GLU F 168 -28.38 -54.40 57.74
N LEU F 169 -29.54 -53.89 57.32
CA LEU F 169 -29.62 -52.85 56.29
C LEU F 169 -29.29 -51.46 56.78
N LEU F 170 -29.90 -51.08 57.89
CA LEU F 170 -29.88 -49.70 58.35
C LEU F 170 -28.47 -49.14 58.61
N ASP F 171 -27.53 -49.92 59.17
CA ASP F 171 -26.12 -49.46 59.27
C ASP F 171 -25.21 -49.98 58.13
N PHE F 172 -25.80 -50.71 57.16
CA PHE F 172 -25.20 -50.74 55.83
C PHE F 172 -25.38 -49.33 55.36
N ILE F 173 -26.62 -48.86 55.35
CA ILE F 173 -26.96 -47.53 54.85
C ILE F 173 -26.20 -46.37 55.53
N ASP F 174 -25.77 -46.53 56.78
CA ASP F 174 -25.25 -45.37 57.50
C ASP F 174 -23.75 -45.19 57.29
N GLU F 175 -23.10 -46.22 56.78
CA GLU F 175 -21.70 -46.07 56.38
C GLU F 175 -21.46 -46.17 54.87
N GLN F 176 -22.47 -45.87 54.06
CA GLN F 176 -22.23 -45.56 52.65
C GLN F 176 -21.84 -44.10 52.54
N GLY F 177 -22.66 -43.29 53.19
CA GLY F 177 -22.73 -41.87 52.92
C GLY F 177 -23.98 -41.52 52.14
N GLN F 178 -24.29 -42.29 51.09
CA GLN F 178 -25.35 -41.92 50.15
C GLN F 178 -26.75 -42.00 50.77
N VAL F 179 -27.74 -41.43 50.07
CA VAL F 179 -29.14 -41.67 50.41
C VAL F 179 -29.59 -42.93 49.66
N HIS F 180 -30.21 -43.86 50.39
CA HIS F 180 -30.58 -45.15 49.82
C HIS F 180 -32.07 -45.39 49.87
N VAL F 181 -32.54 -46.38 49.12
CA VAL F 181 -33.96 -46.73 49.12
C VAL F 181 -34.20 -48.17 49.58
N ILE F 182 -35.08 -48.35 50.55
CA ILE F 182 -35.39 -49.69 51.04
C ILE F 182 -36.68 -50.21 50.38
N GLN F 183 -36.55 -51.33 49.68
CA GLN F 183 -37.66 -51.85 48.88
C GLN F 183 -37.91 -53.32 49.16
N LYS F 184 -39.19 -53.70 49.18
CA LYS F 184 -39.58 -55.09 49.39
C LYS F 184 -39.00 -55.98 48.29
N TYR F 185 -38.38 -57.08 48.71
CA TYR F 185 -37.78 -58.01 47.76
C TYR F 185 -38.81 -59.01 47.26
N LEU F 186 -38.93 -59.12 45.94
CA LEU F 186 -39.86 -60.07 45.33
C LEU F 186 -39.34 -61.49 45.49
N GLU F 187 -39.83 -62.17 46.53
CA GLU F 187 -39.32 -63.49 46.91
C GLU F 187 -39.86 -64.60 46.01
N LYS F 188 -40.82 -64.25 45.16
CA LYS F 188 -41.40 -65.23 44.24
C LYS F 188 -41.33 -64.78 42.79
N PRO F 189 -40.12 -64.73 42.22
CA PRO F 189 -39.96 -64.30 40.83
C PRO F 189 -40.30 -65.41 39.83
N LEU F 190 -40.70 -65.03 38.62
CA LEU F 190 -40.88 -66.00 37.56
C LEU F 190 -39.51 -66.55 37.17
N LEU F 191 -39.40 -67.87 37.08
CA LEU F 191 -38.10 -68.49 36.82
C LEU F 191 -38.07 -69.24 35.49
N LEU F 192 -37.12 -68.85 34.65
CA LEU F 192 -36.96 -69.45 33.32
C LEU F 192 -36.49 -70.89 33.41
N GLU F 193 -37.04 -71.75 32.54
CA GLU F 193 -36.61 -73.13 32.46
C GLU F 193 -36.25 -73.48 31.01
N PRO F 194 -35.14 -74.22 30.82
CA PRO F 194 -34.29 -74.79 31.86
C PRO F 194 -33.35 -73.77 32.52
N GLY F 195 -32.96 -74.05 33.76
CA GLY F 195 -31.98 -73.22 34.45
C GLY F 195 -32.47 -72.71 35.80
N HIS F 196 -33.78 -72.65 35.96
CA HIS F 196 -34.40 -72.10 37.17
C HIS F 196 -33.86 -70.69 37.44
N ARG F 197 -33.78 -69.89 36.38
CA ARG F 197 -33.07 -68.61 36.41
C ARG F 197 -33.97 -67.40 36.66
N LYS F 198 -33.35 -66.33 37.14
CA LYS F 198 -34.04 -65.06 37.38
C LYS F 198 -33.79 -64.11 36.21
N PHE F 199 -34.65 -63.10 36.06
CA PHE F 199 -34.48 -62.12 34.99
C PHE F 199 -35.21 -60.81 35.27
N ASP F 200 -34.81 -59.76 34.55
CA ASP F 200 -35.55 -58.51 34.54
C ASP F 200 -35.74 -58.06 33.10
N ILE F 201 -36.85 -57.38 32.83
CA ILE F 201 -37.15 -56.91 31.48
C ILE F 201 -36.84 -55.43 31.30
N ARG F 202 -36.09 -55.11 30.26
CA ARG F 202 -35.79 -53.73 29.92
C ARG F 202 -36.55 -53.28 28.69
N SER F 203 -37.36 -52.24 28.85
CA SER F 203 -38.10 -51.66 27.74
C SER F 203 -37.54 -50.28 27.40
N TRP F 204 -37.47 -49.97 26.11
CA TRP F 204 -36.99 -48.66 25.67
C TRP F 204 -38.16 -47.80 25.19
N VAL F 205 -38.29 -46.63 25.80
CA VAL F 205 -39.41 -45.74 25.52
C VAL F 205 -38.92 -44.38 25.05
N LEU F 206 -39.40 -43.96 23.89
CA LEU F 206 -39.06 -42.65 23.36
C LEU F 206 -40.26 -41.72 23.45
N VAL F 207 -40.06 -40.56 24.09
CA VAL F 207 -41.08 -39.52 24.18
C VAL F 207 -40.68 -38.35 23.31
N ASP F 208 -41.50 -37.99 22.32
CA ASP F 208 -41.11 -36.91 21.41
C ASP F 208 -41.55 -35.54 21.93
N HIS F 209 -41.32 -34.52 21.11
CA HIS F 209 -41.61 -33.14 21.51
C HIS F 209 -43.10 -32.86 21.64
N LEU F 210 -43.92 -33.72 21.05
CA LEU F 210 -45.37 -33.61 21.13
C LEU F 210 -45.90 -34.46 22.29
N TYR F 211 -44.97 -34.99 23.07
CA TYR F 211 -45.24 -35.92 24.17
C TYR F 211 -46.03 -37.16 23.72
N ASN F 212 -45.80 -37.58 22.48
CA ASN F 212 -46.19 -38.93 22.09
C ASN F 212 -45.29 -39.92 22.81
N ILE F 213 -45.88 -40.99 23.32
CA ILE F 213 -45.10 -42.01 24.01
C ILE F 213 -44.94 -43.23 23.12
N TYR F 214 -43.70 -43.46 22.67
CA TYR F 214 -43.41 -44.57 21.78
C TYR F 214 -42.66 -45.69 22.51
N LEU F 215 -43.23 -46.88 22.48
CA LEU F 215 -42.58 -48.05 23.05
C LEU F 215 -41.88 -48.85 21.95
N TYR F 216 -40.58 -49.04 22.10
CA TYR F 216 -39.81 -49.84 21.17
C TYR F 216 -40.28 -51.29 21.23
N ARG F 217 -40.69 -51.83 20.08
CA ARG F 217 -41.27 -53.18 20.02
C ARG F 217 -40.28 -54.26 20.49
N GLU F 218 -38.99 -53.95 20.44
CA GLU F 218 -37.96 -54.88 20.89
C GLU F 218 -37.52 -54.56 22.32
N GLY F 219 -37.83 -55.46 23.24
CA GLY F 219 -37.27 -55.39 24.57
C GLY F 219 -36.20 -56.45 24.71
N VAL F 220 -35.67 -56.63 25.92
CA VAL F 220 -34.70 -57.68 26.16
C VAL F 220 -34.81 -58.21 27.58
N LEU F 221 -34.65 -59.52 27.74
CA LEU F 221 -34.57 -60.12 29.06
C LEU F 221 -33.11 -60.26 29.47
N ARG F 222 -32.73 -59.52 30.50
CA ARG F 222 -31.39 -59.59 31.04
C ARG F 222 -31.38 -60.66 32.13
N THR F 223 -31.06 -61.88 31.72
CA THR F 223 -31.24 -63.06 32.56
C THR F 223 -30.04 -63.34 33.45
N SER F 224 -30.28 -64.16 34.48
CA SER F 224 -29.21 -64.66 35.33
C SER F 224 -28.77 -66.03 34.80
N SER F 225 -27.46 -66.25 34.75
CA SER F 225 -26.91 -67.52 34.31
C SER F 225 -26.89 -68.54 35.44
N GLU F 226 -26.90 -68.02 36.67
CA GLU F 226 -26.92 -68.86 37.85
C GLU F 226 -28.36 -69.23 38.20
N PRO F 227 -28.60 -70.48 38.62
CA PRO F 227 -29.92 -70.86 39.12
C PRO F 227 -30.29 -70.10 40.39
N TYR F 228 -31.58 -69.78 40.56
CA TYR F 228 -32.03 -68.94 41.67
C TYR F 228 -31.99 -69.68 43.01
N ASN F 229 -31.33 -69.09 44.00
CA ASN F 229 -31.17 -69.69 45.32
C ASN F 229 -32.03 -69.01 46.39
N SER F 230 -33.11 -69.68 46.76
CA SER F 230 -34.10 -69.13 47.69
C SER F 230 -33.55 -68.83 49.09
N ALA F 231 -32.62 -69.66 49.57
CA ALA F 231 -32.25 -69.66 50.99
C ALA F 231 -31.20 -68.61 51.37
N ASN F 232 -30.07 -68.61 50.69
CA ASN F 232 -28.98 -67.67 51.00
C ASN F 232 -28.95 -66.48 50.02
N PHE F 233 -28.89 -65.27 50.57
CA PHE F 233 -29.12 -64.04 49.80
C PHE F 233 -27.90 -63.21 49.36
N GLN F 234 -26.71 -63.54 49.84
CA GLN F 234 -25.51 -62.79 49.44
C GLN F 234 -24.90 -63.52 48.25
N ASP F 235 -25.69 -64.42 47.69
CA ASP F 235 -25.33 -65.11 46.45
C ASP F 235 -25.21 -64.06 45.33
N LYS F 236 -26.01 -62.99 45.42
CA LYS F 236 -26.06 -61.83 44.49
C LYS F 236 -25.84 -62.08 42.99
N THR F 237 -25.02 -63.08 42.63
CA THR F 237 -24.92 -63.51 41.24
C THR F 237 -26.24 -64.15 40.90
N CYS F 238 -26.85 -64.70 41.95
CA CYS F 238 -28.12 -65.37 41.92
C CYS F 238 -29.30 -64.42 41.88
N HIS F 239 -29.13 -63.24 42.47
CA HIS F 239 -30.25 -62.35 42.78
C HIS F 239 -30.23 -61.02 42.03
N LEU F 240 -29.13 -60.72 41.37
CA LEU F 240 -28.97 -59.45 40.65
C LEU F 240 -28.68 -59.76 39.18
N THR F 241 -29.43 -59.12 38.28
CA THR F 241 -29.52 -59.61 36.90
C THR F 241 -29.05 -58.68 35.79
N ASN F 242 -28.31 -57.62 36.08
CA ASN F 242 -27.80 -56.88 34.93
C ASN F 242 -26.41 -57.33 34.52
N HIS F 243 -26.16 -57.07 33.25
CA HIS F 243 -25.30 -57.83 32.36
C HIS F 243 -23.83 -57.41 32.54
N CYS F 244 -23.62 -56.69 33.65
CA CYS F 244 -22.32 -56.37 34.21
C CYS F 244 -21.81 -57.45 35.18
N ILE F 245 -22.51 -57.68 36.28
CA ILE F 245 -22.20 -58.74 37.24
C ILE F 245 -22.01 -60.13 36.63
N GLN F 246 -22.91 -60.49 35.71
CA GLN F 246 -22.93 -61.84 35.15
C GLN F 246 -21.63 -62.17 34.39
N LYS F 247 -21.06 -61.14 33.77
CA LYS F 247 -19.66 -61.21 33.36
C LYS F 247 -18.76 -60.66 34.44
N ASN F 252 -21.29 -68.73 34.45
CA ASN F 252 -22.20 -69.53 33.65
C ASN F 252 -22.72 -68.72 32.47
N TYR F 253 -22.04 -67.62 32.22
CA TYR F 253 -22.40 -66.69 31.15
C TYR F 253 -22.45 -67.28 29.74
N GLY F 254 -23.46 -66.88 28.97
CA GLY F 254 -23.55 -67.27 27.56
C GLY F 254 -23.95 -68.71 27.38
N ARG F 255 -24.34 -69.33 28.48
CA ARG F 255 -24.73 -70.73 28.51
C ARG F 255 -25.97 -71.00 27.66
N TYR F 256 -27.07 -70.36 28.04
CA TYR F 256 -28.36 -70.61 27.39
C TYR F 256 -28.58 -69.73 26.17
N GLU F 257 -28.30 -68.44 26.30
CA GLU F 257 -28.42 -67.52 25.17
C GLU F 257 -27.18 -66.62 25.09
N GLU F 258 -26.82 -66.22 23.88
CA GLU F 258 -25.62 -65.40 23.68
C GLU F 258 -25.69 -64.11 24.46
N GLY F 259 -24.93 -64.04 25.55
CA GLY F 259 -24.83 -62.83 26.31
C GLY F 259 -25.87 -62.65 27.40
N ASN F 260 -26.46 -63.75 27.85
CA ASN F 260 -27.49 -63.70 28.89
C ASN F 260 -28.55 -62.65 28.53
N GLU F 261 -28.87 -62.57 27.25
CA GLU F 261 -29.88 -61.64 26.79
C GLU F 261 -30.87 -62.41 25.93
N MET F 262 -32.05 -62.64 26.48
CA MET F 262 -33.10 -63.30 25.72
C MET F 262 -34.04 -62.24 25.17
N PHE F 263 -34.25 -62.26 23.86
CA PHE F 263 -35.10 -61.27 23.23
C PHE F 263 -36.56 -61.73 23.24
N PHE F 264 -37.43 -60.95 22.60
CA PHE F 264 -38.87 -61.15 22.75
C PHE F 264 -39.42 -62.35 22.00
N GLU F 265 -38.83 -62.68 20.85
CA GLU F 265 -39.32 -63.81 20.06
C GLU F 265 -39.16 -65.12 20.81
N GLU F 266 -38.00 -65.30 21.44
CA GLU F 266 -37.72 -66.51 22.21
C GLU F 266 -38.56 -66.57 23.48
N PHE F 267 -38.58 -65.47 24.23
CA PHE F 267 -39.31 -65.42 25.49
C PHE F 267 -40.80 -65.62 25.27
N ASN F 268 -41.31 -65.12 24.15
CA ASN F 268 -42.70 -65.34 23.78
C ASN F 268 -42.96 -66.82 23.50
N GLN F 269 -42.07 -67.43 22.74
CA GLN F 269 -42.18 -68.85 22.40
C GLN F 269 -42.16 -69.70 23.66
N TYR F 270 -41.32 -69.30 24.61
CA TYR F 270 -41.24 -70.00 25.89
C TYR F 270 -42.55 -69.91 26.66
N LEU F 271 -43.13 -68.72 26.70
CA LEU F 271 -44.38 -68.50 27.41
C LEU F 271 -45.51 -69.32 26.80
N MET F 272 -45.50 -69.45 25.48
CA MET F 272 -46.49 -70.25 24.79
C MET F 272 -46.32 -71.74 25.12
N ASP F 273 -45.09 -72.21 25.05
CA ASP F 273 -44.80 -73.63 25.25
C ASP F 273 -44.95 -74.06 26.70
N ALA F 274 -44.50 -73.23 27.63
CA ALA F 274 -44.41 -73.60 29.03
C ALA F 274 -45.62 -73.17 29.86
N LEU F 275 -46.29 -72.09 29.44
CA LEU F 275 -47.36 -71.52 30.25
C LEU F 275 -48.67 -71.35 29.50
N ASN F 276 -48.67 -71.68 28.21
CA ASN F 276 -49.85 -71.56 27.35
C ASN F 276 -50.41 -70.13 27.34
N THR F 277 -49.51 -69.17 27.12
CA THR F 277 -49.89 -67.77 27.02
C THR F 277 -48.87 -67.01 26.19
N THR F 278 -49.15 -65.76 25.88
CA THR F 278 -48.25 -64.96 25.06
C THR F 278 -47.59 -63.86 25.90
N LEU F 279 -46.55 -63.26 25.34
CA LEU F 279 -45.88 -62.13 25.98
C LEU F 279 -46.80 -60.92 26.05
N GLU F 280 -47.58 -60.74 24.99
CA GLU F 280 -48.53 -59.62 24.89
C GLU F 280 -49.57 -59.62 26.00
N ASN F 281 -50.27 -60.74 26.18
CA ASN F 281 -51.33 -60.82 27.16
C ASN F 281 -50.81 -60.88 28.60
N SER F 282 -49.82 -61.73 28.84
CA SER F 282 -49.40 -62.02 30.20
C SER F 282 -48.57 -60.91 30.84
N ILE F 283 -47.80 -60.18 30.03
CA ILE F 283 -46.82 -59.25 30.55
C ILE F 283 -46.87 -57.85 29.93
N LEU F 284 -47.02 -57.79 28.61
CA LEU F 284 -46.85 -56.52 27.89
C LEU F 284 -47.95 -55.50 28.14
N LEU F 285 -49.19 -55.98 28.32
CA LEU F 285 -50.30 -55.08 28.65
C LEU F 285 -50.00 -54.28 29.91
N GLN F 286 -49.48 -54.97 30.92
CA GLN F 286 -49.12 -54.32 32.18
C GLN F 286 -47.97 -53.34 31.98
N ILE F 287 -46.98 -53.76 31.21
CA ILE F 287 -45.84 -52.90 30.91
C ILE F 287 -46.29 -51.61 30.23
N LYS F 288 -47.14 -51.73 29.22
CA LYS F 288 -47.68 -50.58 28.52
C LYS F 288 -48.49 -49.70 29.48
N HIS F 289 -49.26 -50.34 30.36
CA HIS F 289 -50.03 -49.60 31.35
C HIS F 289 -49.15 -48.81 32.31
N ILE F 290 -48.05 -49.42 32.74
CA ILE F 290 -47.15 -48.78 33.70
C ILE F 290 -46.38 -47.63 33.09
N ILE F 291 -45.85 -47.84 31.88
CA ILE F 291 -45.11 -46.80 31.17
C ILE F 291 -45.96 -45.56 30.95
N ARG F 292 -47.16 -45.76 30.43
CA ARG F 292 -48.08 -44.67 30.16
C ARG F 292 -48.46 -43.93 31.43
N SER F 293 -48.64 -44.66 32.53
CA SER F 293 -49.07 -44.05 33.79
C SER F 293 -47.98 -43.17 34.40
N CYS F 294 -46.74 -43.64 34.38
CA CYS F 294 -45.62 -42.87 34.90
C CYS F 294 -45.42 -41.56 34.13
N LEU F 295 -45.45 -41.65 32.80
CA LEU F 295 -45.17 -40.50 31.96
C LEU F 295 -46.33 -39.50 31.91
N MET F 296 -47.55 -39.99 32.07
CA MET F 296 -48.72 -39.11 32.12
C MET F 296 -48.76 -38.30 33.40
N CYS F 297 -48.25 -38.90 34.47
CA CYS F 297 -48.23 -38.23 35.76
C CYS F 297 -47.35 -36.97 35.73
N ILE F 298 -46.16 -37.09 35.15
CA ILE F 298 -45.20 -35.99 35.17
C ILE F 298 -45.30 -35.07 33.95
N GLU F 299 -46.19 -35.41 33.01
CA GLU F 299 -46.35 -34.63 31.80
C GLU F 299 -46.54 -33.12 32.04
N PRO F 300 -47.45 -32.73 32.96
CA PRO F 300 -47.59 -31.28 33.14
C PRO F 300 -46.34 -30.60 33.71
N ALA F 301 -45.51 -31.38 34.41
CA ALA F 301 -44.31 -30.84 35.03
C ALA F 301 -43.15 -30.69 34.05
N ILE F 302 -43.14 -31.45 32.95
CA ILE F 302 -41.98 -31.46 32.06
C ILE F 302 -42.28 -31.18 30.59
N SER F 303 -43.55 -31.14 30.20
CA SER F 303 -43.92 -30.90 28.80
C SER F 303 -43.34 -29.61 28.25
N THR F 304 -42.93 -29.63 26.98
CA THR F 304 -42.39 -28.46 26.31
C THR F 304 -43.28 -28.01 25.17
N LYS F 305 -44.57 -28.38 25.25
CA LYS F 305 -45.54 -28.06 24.19
C LYS F 305 -45.62 -26.57 23.87
N HIS F 306 -45.54 -25.72 24.89
CA HIS F 306 -45.63 -24.28 24.68
C HIS F 306 -44.35 -23.56 25.13
N LEU F 307 -43.24 -24.28 25.15
CA LEU F 307 -41.96 -23.69 25.53
C LEU F 307 -41.24 -23.11 24.32
N HIS F 308 -40.22 -22.31 24.59
CA HIS F 308 -39.42 -21.66 23.56
C HIS F 308 -38.36 -22.61 22.98
N TYR F 309 -38.08 -23.70 23.69
CA TYR F 309 -37.30 -24.81 23.15
C TYR F 309 -38.12 -26.07 23.33
N GLN F 310 -37.69 -27.18 22.74
CA GLN F 310 -38.42 -28.43 22.91
C GLN F 310 -37.50 -29.60 23.27
N SER F 311 -38.09 -30.63 23.87
CA SER F 311 -37.34 -31.79 24.33
C SER F 311 -37.90 -33.11 23.80
N PHE F 312 -37.02 -34.07 23.63
CA PHE F 312 -37.42 -35.47 23.56
C PHE F 312 -36.48 -36.22 24.51
N GLN F 313 -36.80 -37.47 24.83
CA GLN F 313 -35.90 -38.26 25.68
C GLN F 313 -36.16 -39.75 25.56
N LEU F 314 -35.07 -40.52 25.58
CA LEU F 314 -35.14 -41.97 25.59
C LEU F 314 -35.04 -42.48 27.02
N PHE F 315 -35.99 -43.33 27.41
CA PHE F 315 -35.97 -43.91 28.74
C PHE F 315 -35.77 -45.42 28.68
N GLY F 316 -35.27 -45.97 29.79
CA GLY F 316 -35.16 -47.41 29.94
C GLY F 316 -35.92 -47.86 31.17
N PHE F 317 -37.09 -48.47 30.94
CA PHE F 317 -37.90 -48.99 32.02
C PHE F 317 -37.49 -50.41 32.38
N ASP F 318 -37.19 -50.65 33.66
CA ASP F 318 -36.83 -51.98 34.13
C ASP F 318 -37.99 -52.63 34.87
N PHE F 319 -38.41 -53.80 34.41
CA PHE F 319 -39.52 -54.49 35.05
C PHE F 319 -39.10 -55.83 35.66
N MET F 320 -39.95 -56.32 36.55
CA MET F 320 -39.74 -57.61 37.21
C MET F 320 -41.05 -58.39 37.18
N VAL F 321 -40.98 -59.64 36.76
CA VAL F 321 -42.18 -60.48 36.69
C VAL F 321 -42.17 -61.54 37.78
N ASP F 322 -43.26 -61.64 38.54
CA ASP F 322 -43.34 -62.67 39.56
C ASP F 322 -43.94 -63.95 38.97
N GLU F 323 -44.12 -64.97 39.81
CA GLU F 323 -44.49 -66.30 39.32
C GLU F 323 -45.97 -66.38 38.93
N GLU F 324 -46.74 -65.35 39.25
CA GLU F 324 -48.15 -65.30 38.87
C GLU F 324 -48.34 -64.36 37.67
N LEU F 325 -47.25 -64.10 36.96
CA LEU F 325 -47.25 -63.25 35.77
C LEU F 325 -47.81 -61.86 36.06
N LYS F 326 -47.38 -61.30 37.20
CA LYS F 326 -47.68 -59.93 37.56
C LYS F 326 -46.42 -59.09 37.37
N VAL F 327 -46.55 -57.94 36.73
CA VAL F 327 -45.41 -57.11 36.40
C VAL F 327 -45.18 -56.02 37.46
N TRP F 328 -43.93 -55.84 37.86
CA TRP F 328 -43.57 -54.80 38.83
C TRP F 328 -42.55 -53.86 38.22
N LEU F 329 -42.70 -52.56 38.49
CA LEU F 329 -41.72 -51.58 38.05
C LEU F 329 -40.55 -51.57 39.02
N ILE F 330 -39.35 -51.78 38.51
CA ILE F 330 -38.14 -51.73 39.33
C ILE F 330 -37.58 -50.32 39.34
N GLU F 331 -37.28 -49.79 38.16
CA GLU F 331 -36.75 -48.43 38.04
C GLU F 331 -36.82 -47.90 36.62
N VAL F 332 -36.44 -46.63 36.46
CA VAL F 332 -36.37 -45.98 35.17
C VAL F 332 -35.02 -45.28 34.96
N ASN F 333 -34.40 -45.50 33.81
CA ASN F 333 -33.16 -44.79 33.47
C ASN F 333 -33.36 -43.72 32.41
N GLY F 334 -32.86 -42.52 32.69
CA GLY F 334 -32.95 -41.40 31.77
C GLY F 334 -31.85 -41.38 30.74
N ALA F 335 -30.79 -42.14 30.98
CA ALA F 335 -29.70 -42.26 30.01
C ALA F 335 -29.34 -43.72 29.80
N PRO F 336 -30.26 -44.49 29.19
CA PRO F 336 -30.08 -45.92 29.02
C PRO F 336 -29.16 -46.26 27.86
N ALA F 337 -28.51 -47.42 27.93
CA ALA F 337 -27.80 -47.97 26.80
C ALA F 337 -28.68 -49.02 26.14
N CYS F 338 -28.40 -49.36 24.90
CA CYS F 338 -29.19 -50.34 24.18
C CYS F 338 -28.48 -51.69 24.13
N ALA F 339 -29.20 -52.71 23.67
CA ALA F 339 -28.57 -54.01 23.40
C ALA F 339 -27.96 -53.96 22.01
N GLN F 340 -26.84 -54.67 21.83
CA GLN F 340 -26.00 -54.48 20.64
C GLN F 340 -26.70 -54.73 19.31
N LYS F 341 -27.57 -55.73 19.25
CA LYS F 341 -28.26 -56.05 18.00
C LYS F 341 -29.26 -54.96 17.61
N LEU F 342 -29.73 -54.23 18.62
CA LEU F 342 -30.85 -53.31 18.42
C LEU F 342 -30.40 -51.85 18.20
N TYR F 343 -29.12 -51.57 18.39
CA TYR F 343 -28.59 -50.21 18.22
C TYR F 343 -28.92 -49.61 16.86
N ALA F 344 -28.74 -50.41 15.81
CA ALA F 344 -29.00 -49.94 14.45
C ALA F 344 -30.46 -49.54 14.28
N GLU F 345 -31.36 -50.35 14.81
CA GLU F 345 -32.79 -50.12 14.61
C GLU F 345 -33.32 -48.99 15.48
N LEU F 346 -32.98 -49.03 16.77
CA LEU F 346 -33.48 -48.03 17.72
C LEU F 346 -33.00 -46.63 17.39
N CYS F 347 -31.70 -46.49 17.18
CA CYS F 347 -31.11 -45.18 16.91
C CYS F 347 -31.61 -44.61 15.58
N GLN F 348 -31.91 -45.48 14.63
CA GLN F 348 -32.52 -45.04 13.38
C GLN F 348 -33.94 -44.57 13.66
N GLY F 349 -34.62 -45.28 14.57
CA GLY F 349 -35.97 -44.91 14.97
C GLY F 349 -36.00 -43.57 15.67
N ILE F 350 -34.99 -43.32 16.50
CA ILE F 350 -34.85 -42.05 17.20
C ILE F 350 -34.72 -40.89 16.21
N VAL F 351 -33.92 -41.08 15.17
CA VAL F 351 -33.72 -40.06 14.15
C VAL F 351 -35.02 -39.77 13.41
N ASP F 352 -35.76 -40.82 13.08
CA ASP F 352 -36.97 -40.67 12.26
C ASP F 352 -38.10 -39.92 12.97
N VAL F 353 -38.42 -40.30 14.19
CA VAL F 353 -39.61 -39.77 14.85
C VAL F 353 -39.33 -38.67 15.88
N ALA F 354 -38.09 -38.55 16.34
CA ALA F 354 -37.77 -37.56 17.35
C ALA F 354 -37.03 -36.34 16.78
N ILE F 355 -36.23 -36.57 15.75
CA ILE F 355 -35.38 -35.51 15.21
C ILE F 355 -35.88 -35.00 13.86
N SER F 356 -36.17 -35.91 12.94
CA SER F 356 -36.61 -35.53 11.60
C SER F 356 -38.06 -35.06 11.61
N SER F 357 -38.77 -35.35 12.70
CA SER F 357 -40.13 -34.86 12.86
C SER F 357 -40.11 -33.35 13.09
N VAL F 358 -39.04 -32.87 13.71
CA VAL F 358 -38.85 -31.44 13.94
C VAL F 358 -38.13 -30.80 12.77
N PHE F 359 -37.06 -31.46 12.32
CA PHE F 359 -36.27 -30.97 11.20
C PHE F 359 -36.32 -31.95 10.03
N PRO F 360 -37.33 -31.79 9.16
CA PRO F 360 -37.56 -32.72 8.03
C PRO F 360 -36.45 -32.68 6.98
N LEU F 361 -36.35 -33.73 6.19
CA LEU F 361 -35.32 -33.83 5.17
C LEU F 361 -35.88 -33.71 3.75
N ALA F 362 -35.01 -33.35 2.81
CA ALA F 362 -35.43 -33.16 1.41
C ALA F 362 -35.51 -34.49 0.68
N THR F 372 -44.78 -50.95 9.55
CA THR F 372 -43.89 -49.96 8.97
C THR F 372 -43.05 -49.28 10.06
N SER F 373 -43.63 -49.14 11.25
CA SER F 373 -42.96 -48.46 12.36
C SER F 373 -42.46 -49.45 13.41
N ILE F 374 -41.32 -49.12 14.01
CA ILE F 374 -40.71 -49.97 15.03
C ILE F 374 -41.17 -49.59 16.43
N PHE F 375 -42.09 -48.65 16.52
CA PHE F 375 -42.61 -48.23 17.82
C PHE F 375 -44.09 -48.54 17.98
N ILE F 376 -44.50 -48.80 19.21
CA ILE F 376 -45.90 -48.87 19.56
C ILE F 376 -46.28 -47.59 20.28
N LYS F 377 -47.24 -46.85 19.72
CA LYS F 377 -47.69 -45.61 20.33
C LYS F 377 -48.71 -45.89 21.45
N LEU F 378 -48.33 -45.54 22.67
CA LEU F 378 -49.22 -45.69 23.82
C LEU F 378 -50.19 -44.52 23.89
N HIS F 379 -51.43 -44.75 23.44
CA HIS F 379 -52.38 -43.66 23.24
C HIS F 379 -52.99 -43.12 24.53
N HIS F 380 -53.27 -41.81 24.53
CA HIS F 380 -53.86 -41.14 25.68
C HIS F 380 -54.78 -40.01 25.23
#